data_7QRR
#
_entry.id   7QRR
#
_cell.length_a   221.567
_cell.length_b   111.852
_cell.length_c   127.897
_cell.angle_alpha   90.000
_cell.angle_beta   122.620
_cell.angle_gamma   90.000
#
_symmetry.space_group_name_H-M   'C 1 2 1'
#
loop_
_entity.id
_entity.type
_entity.pdbx_description
1 polymer 'NMV_189 protein'
2 non-polymer 'CHLORIDE ION'
3 non-polymer 'PHOSPHATE ION'
4 water water
#
_entity_poly.entity_id   1
_entity_poly.type   'polypeptide(L)'
_entity_poly.pdbx_seq_one_letter_code
;MSVYGPVPTVTTRAFLPRLATAADSITSTTTTIALDPQTEQSYWTRVGDTATIHIHLVGAALPAAAPSTRIYGNFPPLRI
TPSSALAAQHGVIVPMQYYVAPTLPVGSSAAARIETGFIELGSLLNGAFTPLAANLIGTVGYEFAIDATYAAQ
;
_entity_poly.pdbx_strand_id   F,A,B,C,D,E,G,H,I,J,K,L
#
# COMPACT_ATOMS: atom_id res chain seq x y z
N PRO A 6 22.59 -20.65 -36.77
CA PRO A 6 23.75 -20.59 -35.87
C PRO A 6 23.51 -21.35 -34.56
N VAL A 7 24.58 -21.46 -33.76
CA VAL A 7 24.53 -22.11 -32.45
C VAL A 7 23.81 -21.21 -31.44
N PRO A 8 22.91 -21.81 -30.64
CA PRO A 8 22.19 -21.09 -29.58
C PRO A 8 23.11 -20.44 -28.56
N THR A 9 22.66 -19.32 -28.02
CA THR A 9 23.29 -18.72 -26.84
C THR A 9 22.29 -18.77 -25.67
N VAL A 10 22.80 -18.73 -24.44
CA VAL A 10 21.96 -18.61 -23.25
C VAL A 10 22.26 -17.33 -22.52
N THR A 11 21.20 -16.60 -22.16
CA THR A 11 21.32 -15.36 -21.41
C THR A 11 20.33 -15.38 -20.27
N THR A 12 20.81 -15.21 -19.04
CA THR A 12 19.94 -15.20 -17.86
C THR A 12 20.23 -13.95 -17.07
N ARG A 13 19.20 -13.15 -16.82
CA ARG A 13 19.36 -11.82 -16.20
C ARG A 13 18.25 -11.50 -15.20
N ALA A 14 18.61 -11.00 -14.03
CA ALA A 14 17.64 -10.35 -13.14
C ALA A 14 17.22 -9.05 -13.82
N PHE A 15 16.01 -8.57 -13.55
CA PHE A 15 15.61 -7.26 -14.06
C PHE A 15 14.65 -6.59 -13.10
N LEU A 16 14.42 -5.30 -13.30
CA LEU A 16 13.52 -4.54 -12.44
C LEU A 16 12.26 -4.23 -13.22
N PRO A 17 11.20 -5.01 -12.99
CA PRO A 17 9.95 -4.69 -13.71
C PRO A 17 9.45 -3.30 -13.34
N ARG A 18 8.87 -2.60 -14.31
CA ARG A 18 8.23 -1.31 -14.05
C ARG A 18 6.71 -1.47 -14.11
N LEU A 19 6.05 -1.12 -13.01
CA LEU A 19 4.58 -1.18 -12.94
C LEU A 19 4.02 0.15 -13.43
N ALA A 20 3.07 0.10 -14.35
CA ALA A 20 2.47 1.31 -14.93
C ALA A 20 0.99 1.10 -15.18
N THR A 21 0.21 2.17 -15.09
CA THR A 21 -1.22 2.08 -15.40
C THR A 21 -1.53 2.97 -16.58
N ALA A 22 -2.66 2.73 -17.23
CA ALA A 22 -3.05 3.49 -18.41
C ALA A 22 -4.57 3.57 -18.56
N ALA A 23 -5.02 4.53 -19.36
CA ALA A 23 -6.45 4.81 -19.50
C ALA A 23 -7.19 3.79 -20.37
N ASP A 24 -6.44 2.94 -21.08
CA ASP A 24 -7.05 1.85 -21.86
C ASP A 24 -5.93 0.88 -22.22
N SER A 25 -6.26 -0.16 -22.99
CA SER A 25 -5.30 -1.23 -23.27
C SER A 25 -4.54 -1.03 -24.59
N ILE A 26 -4.68 0.17 -25.17
CA ILE A 26 -4.04 0.49 -26.45
C ILE A 26 -3.01 1.61 -26.35
N THR A 27 -3.36 2.66 -25.61
CA THR A 27 -2.58 3.89 -25.60
C THR A 27 -1.13 3.70 -25.17
N SER A 28 -0.26 4.58 -25.66
CA SER A 28 1.13 4.61 -25.21
C SER A 28 1.32 5.61 -24.06
N THR A 29 0.23 6.18 -23.58
CA THR A 29 0.26 7.05 -22.40
C THR A 29 0.13 6.20 -21.14
N THR A 30 1.15 6.24 -20.28
CA THR A 30 1.15 5.43 -19.05
C THR A 30 1.60 6.24 -17.83
N THR A 31 1.20 5.78 -16.66
CA THR A 31 1.63 6.38 -15.40
C THR A 31 2.48 5.40 -14.62
N THR A 32 3.75 5.73 -14.41
CA THR A 32 4.64 4.83 -13.67
C THR A 32 4.27 4.84 -12.19
N ILE A 33 4.19 3.65 -11.60
CA ILE A 33 3.81 3.51 -10.20
C ILE A 33 5.06 3.39 -9.33
N ALA A 34 5.14 4.18 -8.26
CA ALA A 34 6.29 4.10 -7.37
C ALA A 34 6.29 2.76 -6.62
N LEU A 35 7.38 2.01 -6.72
CA LEU A 35 7.46 0.70 -6.10
C LEU A 35 8.06 0.71 -4.68
N ASP A 36 7.50 -0.14 -3.81
CA ASP A 36 8.10 -0.43 -2.52
C ASP A 36 9.37 -1.25 -2.70
N PRO A 37 10.17 -1.40 -1.63
CA PRO A 37 11.29 -2.34 -1.70
C PRO A 37 10.79 -3.75 -2.04
N GLN A 38 11.43 -4.42 -2.98
CA GLN A 38 10.95 -5.72 -3.41
C GLN A 38 11.61 -6.86 -2.62
N THR A 39 10.94 -8.02 -2.56
CA THR A 39 11.36 -9.11 -1.70
C THR A 39 11.79 -10.37 -2.46
N GLU A 40 11.46 -10.42 -3.75
CA GLU A 40 11.73 -11.60 -4.54
C GLU A 40 12.26 -11.14 -5.89
N GLN A 41 13.31 -11.78 -6.35
CA GLN A 41 13.97 -11.36 -7.58
C GLN A 41 13.13 -11.70 -8.81
N SER A 42 12.95 -10.71 -9.69
CA SER A 42 12.37 -10.97 -11.00
C SER A 42 13.51 -11.21 -12.00
N TYR A 43 13.29 -12.11 -12.95
CA TYR A 43 14.33 -12.45 -13.90
C TYR A 43 13.75 -12.96 -15.20
N TRP A 44 14.61 -13.05 -16.22
CA TRP A 44 14.25 -13.78 -17.42
C TRP A 44 15.47 -14.55 -17.93
N THR A 45 15.21 -15.56 -18.73
CA THR A 45 16.27 -16.27 -19.42
C THR A 45 15.84 -16.51 -20.85
N ARG A 46 16.80 -16.46 -21.76
CA ARG A 46 16.53 -16.76 -23.16
C ARG A 46 17.57 -17.74 -23.67
N VAL A 47 17.12 -18.86 -24.20
CA VAL A 47 18.01 -19.79 -24.88
C VAL A 47 17.45 -19.99 -26.29
N GLY A 48 18.28 -19.78 -27.31
CA GLY A 48 17.80 -19.70 -28.68
C GLY A 48 16.76 -18.59 -28.80
N ASP A 49 15.57 -18.94 -29.29
CA ASP A 49 14.47 -17.98 -29.37
C ASP A 49 13.42 -18.20 -28.28
N THR A 50 13.80 -18.92 -27.24
CA THR A 50 12.85 -19.30 -26.19
C THR A 50 13.10 -18.54 -24.89
N ALA A 51 12.13 -17.70 -24.52
CA ALA A 51 12.21 -16.83 -23.35
C ALA A 51 11.35 -17.35 -22.21
N THR A 52 11.91 -17.35 -21.00
CA THR A 52 11.12 -17.69 -19.81
C THR A 52 11.23 -16.52 -18.84
N ILE A 53 10.10 -16.06 -18.34
CA ILE A 53 10.11 -14.91 -17.44
C ILE A 53 9.55 -15.28 -16.08
N HIS A 54 10.08 -14.62 -15.06
CA HIS A 54 9.54 -14.71 -13.70
C HIS A 54 9.44 -13.30 -13.14
N ILE A 55 8.23 -12.87 -12.84
CA ILE A 55 7.99 -11.55 -12.27
C ILE A 55 7.30 -11.70 -10.93
N HIS A 56 7.81 -11.00 -9.92
CA HIS A 56 7.13 -10.92 -8.62
C HIS A 56 7.12 -9.46 -8.21
N LEU A 57 5.95 -8.97 -7.80
CA LEU A 57 5.86 -7.61 -7.29
C LEU A 57 5.02 -7.57 -6.03
N VAL A 58 5.45 -6.76 -5.07
CA VAL A 58 4.72 -6.57 -3.83
C VAL A 58 4.63 -5.08 -3.53
N GLY A 59 3.49 -4.65 -2.98
CA GLY A 59 3.29 -3.25 -2.62
C GLY A 59 2.29 -3.08 -1.48
N ALA A 60 2.53 -2.08 -0.62
CA ALA A 60 1.68 -1.85 0.54
C ALA A 60 0.35 -1.19 0.16
N ALA A 61 0.35 -0.46 -0.94
CA ALA A 61 -0.82 0.32 -1.38
C ALA A 61 -1.12 0.14 -2.86
N LEU A 62 -2.36 -0.25 -3.16
CA LEU A 62 -2.86 -0.32 -4.54
C LEU A 62 -2.67 0.99 -5.29
N PRO A 63 -2.36 0.90 -6.59
CA PRO A 63 -2.33 2.09 -7.44
C PRO A 63 -3.70 2.74 -7.51
N ALA A 64 -3.74 4.04 -7.77
CA ALA A 64 -4.98 4.73 -8.12
C ALA A 64 -5.70 3.99 -9.26
N ALA A 65 -7.03 3.97 -9.20
CA ALA A 65 -7.86 3.28 -10.19
C ALA A 65 -7.56 3.70 -11.62
N ALA A 66 -7.36 2.69 -12.46
CA ALA A 66 -7.13 2.84 -13.89
C ALA A 66 -7.49 1.52 -14.56
N PRO A 67 -7.96 1.56 -15.83
CA PRO A 67 -8.49 0.36 -16.50
C PRO A 67 -7.44 -0.65 -16.95
N SER A 68 -6.21 -0.20 -17.17
CA SER A 68 -5.14 -1.08 -17.66
C SER A 68 -3.97 -1.08 -16.69
N THR A 69 -3.54 -2.27 -16.28
CA THR A 69 -2.44 -2.44 -15.35
C THR A 69 -1.34 -3.20 -16.06
N ARG A 70 -0.18 -2.56 -16.25
CA ARG A 70 0.87 -3.08 -17.14
C ARG A 70 2.23 -3.21 -16.47
N ILE A 71 3.04 -4.16 -16.99
CA ILE A 71 4.42 -4.31 -16.54
C ILE A 71 5.35 -4.14 -17.73
N TYR A 72 6.31 -3.23 -17.60
CA TYR A 72 7.31 -3.00 -18.64
C TYR A 72 8.68 -3.48 -18.17
N GLY A 73 9.54 -3.84 -19.11
CA GLY A 73 10.88 -4.26 -18.72
C GLY A 73 11.66 -4.74 -19.92
N ASN A 74 12.90 -5.14 -19.66
CA ASN A 74 13.79 -5.52 -20.75
C ASN A 74 13.76 -7.01 -21.05
N PHE A 75 12.67 -7.68 -20.68
CA PHE A 75 12.52 -9.09 -21.05
C PHE A 75 12.44 -9.24 -22.57
N PRO A 76 12.78 -10.42 -23.10
CA PRO A 76 12.76 -10.60 -24.55
C PRO A 76 11.38 -10.31 -25.13
N PRO A 77 11.33 -9.51 -26.20
CA PRO A 77 10.03 -9.12 -26.76
C PRO A 77 9.33 -10.28 -27.45
N LEU A 78 8.04 -10.49 -27.14
CA LEU A 78 7.26 -11.55 -27.76
C LEU A 78 7.28 -11.50 -29.29
N ARG A 79 7.53 -12.65 -29.91
CA ARG A 79 7.37 -12.78 -31.35
C ARG A 79 5.89 -12.97 -31.70
N ILE A 80 5.28 -11.95 -32.30
CA ILE A 80 3.91 -12.09 -32.79
C ILE A 80 3.61 -11.03 -33.84
N THR A 81 2.83 -11.39 -34.85
CA THR A 81 2.42 -10.43 -35.88
C THR A 81 1.67 -9.26 -35.21
N PRO A 82 2.12 -8.01 -35.46
CA PRO A 82 1.34 -6.88 -34.92
C PRO A 82 -0.08 -6.87 -35.47
N SER A 83 -1.05 -6.56 -34.61
CA SER A 83 -2.46 -6.58 -35.00
C SER A 83 -2.99 -5.15 -35.09
N SER A 84 -4.29 -5.01 -35.31
CA SER A 84 -4.90 -3.71 -35.57
C SER A 84 -4.69 -2.74 -34.40
N ALA A 85 -4.36 -1.49 -34.71
CA ALA A 85 -4.17 -0.49 -33.66
C ALA A 85 -5.51 -0.05 -33.04
N LEU A 86 -6.62 -0.54 -33.56
CA LEU A 86 -7.94 -0.20 -33.02
C LEU A 86 -8.31 -1.02 -31.78
N ALA A 87 -7.53 -2.05 -31.48
CA ALA A 87 -7.77 -2.85 -30.27
C ALA A 87 -6.45 -3.14 -29.59
N ALA A 88 -6.50 -3.74 -28.41
CA ALA A 88 -5.27 -4.18 -27.76
C ALA A 88 -4.51 -5.10 -28.71
N GLN A 89 -3.19 -5.00 -28.73
CA GLN A 89 -2.36 -5.89 -29.54
C GLN A 89 -2.61 -7.33 -29.14
N HIS A 90 -2.62 -8.24 -30.11
CA HIS A 90 -2.71 -9.67 -29.81
C HIS A 90 -1.52 -10.08 -28.97
N GLY A 91 -1.76 -10.96 -28.00
CA GLY A 91 -0.70 -11.44 -27.16
C GLY A 91 -0.92 -12.88 -26.72
N VAL A 92 -0.05 -13.36 -25.84
CA VAL A 92 -0.15 -14.71 -25.31
C VAL A 92 -0.79 -14.62 -23.93
N ILE A 93 -1.86 -15.38 -23.72
CA ILE A 93 -2.52 -15.34 -22.40
C ILE A 93 -2.00 -16.45 -21.51
N VAL A 94 -1.59 -16.10 -20.30
CA VAL A 94 -1.08 -17.07 -19.34
C VAL A 94 -1.80 -16.90 -18.00
N PRO A 95 -1.80 -17.94 -17.16
CA PRO A 95 -2.31 -17.75 -15.80
C PRO A 95 -1.32 -16.93 -14.97
N MET A 96 -1.76 -16.42 -13.82
CA MET A 96 -0.82 -15.76 -12.93
C MET A 96 -1.26 -16.01 -11.49
N GLN A 97 -0.40 -15.68 -10.56
CA GLN A 97 -0.59 -16.03 -9.16
C GLN A 97 -0.77 -14.78 -8.29
N TYR A 98 -1.71 -14.85 -7.35
CA TYR A 98 -1.93 -13.78 -6.39
C TYR A 98 -1.65 -14.25 -4.96
N TYR A 99 -0.81 -13.52 -4.24
CA TYR A 99 -0.56 -13.79 -2.83
C TYR A 99 -1.49 -12.96 -1.95
N VAL A 100 -1.96 -11.85 -2.50
CA VAL A 100 -2.98 -11.03 -1.84
C VAL A 100 -4.18 -11.01 -2.79
N ALA A 101 -5.38 -11.23 -2.27
CA ALA A 101 -6.55 -11.49 -3.14
C ALA A 101 -6.96 -10.27 -3.96
N PRO A 102 -7.17 -10.45 -5.27
CA PRO A 102 -7.71 -9.41 -6.13
C PRO A 102 -9.23 -9.45 -6.14
N THR A 103 -9.86 -8.58 -6.93
CA THR A 103 -11.27 -8.73 -7.26
C THR A 103 -11.42 -9.08 -8.73
N LEU A 104 -11.82 -10.31 -9.03
CA LEU A 104 -11.96 -10.75 -10.41
C LEU A 104 -13.43 -10.91 -10.80
N PRO A 105 -13.73 -10.86 -12.10
CA PRO A 105 -15.09 -11.17 -12.55
C PRO A 105 -15.50 -12.60 -12.12
N VAL A 106 -16.76 -12.78 -11.79
N VAL A 106 -16.77 -12.78 -11.79
CA VAL A 106 -17.24 -14.10 -11.34
CA VAL A 106 -17.27 -14.09 -11.37
C VAL A 106 -16.95 -15.16 -12.41
C VAL A 106 -16.96 -15.15 -12.42
N GLY A 107 -16.47 -16.31 -11.96
CA GLY A 107 -16.17 -17.41 -12.87
C GLY A 107 -14.84 -17.32 -13.60
N SER A 108 -14.15 -16.19 -13.50
CA SER A 108 -12.91 -16.02 -14.26
C SER A 108 -11.68 -16.49 -13.47
N SER A 109 -10.57 -16.74 -14.17
CA SER A 109 -9.31 -17.07 -13.53
C SER A 109 -8.32 -15.90 -13.66
N ALA A 110 -7.35 -15.82 -12.75
CA ALA A 110 -6.32 -14.77 -12.81
C ALA A 110 -5.44 -15.03 -14.02
N ALA A 111 -5.18 -13.98 -14.80
CA ALA A 111 -4.40 -14.15 -16.02
C ALA A 111 -3.55 -12.93 -16.34
N ALA A 112 -2.62 -13.10 -17.27
CA ALA A 112 -1.87 -11.97 -17.81
C ALA A 112 -1.80 -12.07 -19.33
N ARG A 113 -1.76 -10.93 -20.01
CA ARG A 113 -1.62 -10.91 -21.47
C ARG A 113 -0.22 -10.43 -21.80
N ILE A 114 0.59 -11.32 -22.36
CA ILE A 114 1.94 -10.97 -22.75
C ILE A 114 1.92 -10.44 -24.17
N GLU A 115 2.36 -9.19 -24.32
CA GLU A 115 2.49 -8.55 -25.62
C GLU A 115 3.96 -8.21 -25.88
N THR A 116 4.28 -7.88 -27.12
CA THR A 116 5.63 -7.46 -27.47
C THR A 116 6.09 -6.26 -26.62
N GLY A 117 5.17 -5.34 -26.33
CA GLY A 117 5.50 -4.09 -25.67
C GLY A 117 5.43 -4.04 -24.15
N PHE A 118 4.64 -4.93 -23.57
CA PHE A 118 4.41 -4.95 -22.12
C PHE A 118 3.56 -6.16 -21.77
N ILE A 119 3.36 -6.37 -20.47
CA ILE A 119 2.51 -7.44 -19.98
C ILE A 119 1.35 -6.84 -19.20
N GLU A 120 0.13 -7.25 -19.50
CA GLU A 120 -1.05 -6.65 -18.88
C GLU A 120 -1.76 -7.63 -17.96
N LEU A 121 -2.14 -7.18 -16.76
CA LEU A 121 -2.83 -8.05 -15.82
C LEU A 121 -4.32 -8.09 -16.19
N GLY A 122 -4.95 -9.25 -16.00
CA GLY A 122 -6.37 -9.36 -16.28
C GLY A 122 -6.99 -10.65 -15.77
N SER A 123 -8.07 -11.06 -16.43
CA SER A 123 -8.77 -12.28 -16.05
C SER A 123 -9.20 -13.03 -17.32
N LEU A 124 -9.54 -14.30 -17.15
CA LEU A 124 -9.74 -15.19 -18.27
C LEU A 124 -11.06 -15.96 -18.11
N LEU A 125 -11.92 -15.89 -19.11
CA LEU A 125 -13.22 -16.55 -19.05
C LEU A 125 -13.60 -16.99 -20.45
N ASN A 126 -13.84 -18.31 -20.61
CA ASN A 126 -14.18 -18.89 -21.91
C ASN A 126 -13.16 -18.52 -22.98
N GLY A 127 -11.89 -18.52 -22.62
CA GLY A 127 -10.84 -18.21 -23.57
C GLY A 127 -10.61 -16.73 -23.80
N ALA A 128 -11.46 -15.87 -23.25
CA ALA A 128 -11.34 -14.42 -23.49
C ALA A 128 -10.62 -13.69 -22.35
N PHE A 129 -9.64 -12.86 -22.71
CA PHE A 129 -8.90 -12.06 -21.74
C PHE A 129 -9.56 -10.70 -21.52
N THR A 130 -9.75 -10.32 -20.26
CA THR A 130 -10.30 -9.01 -19.90
C THR A 130 -9.31 -8.28 -18.97
N PRO A 131 -8.90 -7.06 -19.33
CA PRO A 131 -7.95 -6.33 -18.48
C PRO A 131 -8.52 -6.07 -17.09
N LEU A 132 -7.65 -6.08 -16.08
CA LEU A 132 -8.06 -5.85 -14.70
C LEU A 132 -7.65 -4.45 -14.25
N ALA A 133 -8.60 -3.71 -13.68
CA ALA A 133 -8.35 -2.35 -13.20
C ALA A 133 -7.36 -2.33 -12.03
N ALA A 134 -6.54 -1.29 -11.96
CA ALA A 134 -5.44 -1.24 -10.99
C ALA A 134 -5.89 -1.18 -9.54
N ASN A 135 -7.10 -0.68 -9.28
CA ASN A 135 -7.60 -0.64 -7.90
C ASN A 135 -8.17 -1.99 -7.45
N LEU A 136 -8.06 -3.02 -8.30
CA LEU A 136 -8.62 -4.34 -8.02
C LEU A 136 -7.58 -5.46 -8.08
N ILE A 137 -6.30 -5.11 -8.19
CA ILE A 137 -5.25 -6.13 -8.29
C ILE A 137 -4.77 -6.58 -6.91
N GLY A 138 -5.56 -6.31 -5.89
CA GLY A 138 -5.22 -6.71 -4.54
C GLY A 138 -6.27 -6.27 -3.55
N THR A 139 -5.92 -6.35 -2.27
CA THR A 139 -6.77 -5.91 -1.18
C THR A 139 -5.92 -5.05 -0.26
N VAL A 140 -6.18 -3.74 -0.25
CA VAL A 140 -5.37 -2.72 0.43
C VAL A 140 -4.04 -2.52 -0.30
N GLY A 141 -3.18 -3.54 -0.29
CA GLY A 141 -1.98 -3.59 -1.09
C GLY A 141 -2.04 -4.74 -2.08
N TYR A 142 -0.90 -5.12 -2.64
CA TYR A 142 -0.89 -6.16 -3.64
C TYR A 142 0.36 -7.04 -3.53
N GLU A 143 0.27 -8.25 -4.05
CA GLU A 143 1.42 -9.12 -4.21
C GLU A 143 1.08 -10.21 -5.23
N PHE A 144 1.81 -10.25 -6.34
CA PHE A 144 1.48 -11.19 -7.39
C PHE A 144 2.73 -11.66 -8.11
N ALA A 145 2.59 -12.74 -8.87
CA ALA A 145 3.68 -13.27 -9.65
C ALA A 145 3.19 -13.72 -11.03
N ILE A 146 4.05 -13.57 -12.04
CA ILE A 146 3.73 -14.00 -13.39
C ILE A 146 4.87 -14.88 -13.92
N ASP A 147 4.51 -16.08 -14.39
CA ASP A 147 5.47 -17.03 -14.92
C ASP A 147 5.06 -17.49 -16.31
N ALA A 148 5.98 -17.42 -17.27
CA ALA A 148 5.61 -17.76 -18.64
C ALA A 148 6.82 -18.12 -19.49
N THR A 149 6.57 -18.88 -20.56
CA THR A 149 7.57 -19.17 -21.57
C THR A 149 6.96 -18.90 -22.95
N TYR A 150 7.71 -18.19 -23.80
CA TYR A 150 7.20 -17.76 -25.10
C TYR A 150 8.38 -17.56 -26.05
N ALA A 151 8.11 -17.51 -27.34
CA ALA A 151 9.15 -17.26 -28.34
C ALA A 151 9.39 -15.77 -28.51
N ALA A 152 10.67 -15.40 -28.63
CA ALA A 152 11.07 -14.01 -28.73
C ALA A 152 11.53 -13.66 -30.13
N GLN A 153 11.51 -12.36 -30.42
CA GLN A 153 12.04 -11.87 -31.68
C GLN A 153 13.28 -11.03 -31.44
N VAL B 7 25.58 -30.83 -28.18
CA VAL B 7 25.36 -29.38 -28.30
C VAL B 7 24.02 -29.10 -28.98
N PRO B 8 23.20 -28.25 -28.37
CA PRO B 8 21.87 -27.97 -28.90
C PRO B 8 21.92 -27.15 -30.18
N THR B 9 20.89 -27.32 -31.00
CA THR B 9 20.65 -26.47 -32.14
C THR B 9 19.33 -25.72 -31.93
N VAL B 10 19.15 -24.62 -32.66
N VAL B 10 19.13 -24.63 -32.66
CA VAL B 10 17.89 -23.89 -32.67
CA VAL B 10 17.88 -23.90 -32.61
C VAL B 10 17.29 -23.85 -34.05
C VAL B 10 17.29 -23.81 -34.02
N THR B 11 16.01 -24.14 -34.12
CA THR B 11 15.28 -24.08 -35.38
C THR B 11 14.01 -23.29 -35.12
N THR B 12 13.80 -22.22 -35.89
CA THR B 12 12.57 -21.43 -35.78
C THR B 12 11.94 -21.28 -37.16
N ARG B 13 10.70 -21.74 -37.29
CA ARG B 13 10.02 -21.78 -38.59
C ARG B 13 8.57 -21.29 -38.52
N ALA B 14 8.17 -20.44 -39.46
CA ALA B 14 6.74 -20.27 -39.70
C ALA B 14 6.17 -21.59 -40.23
N PHE B 15 4.90 -21.86 -39.96
CA PHE B 15 4.27 -23.04 -40.56
C PHE B 15 2.80 -22.77 -40.80
N LEU B 16 2.16 -23.62 -41.60
CA LEU B 16 0.76 -23.46 -41.95
C LEU B 16 -0.07 -24.51 -41.23
N PRO B 17 -0.68 -24.14 -40.09
CA PRO B 17 -1.49 -25.16 -39.41
C PRO B 17 -2.64 -25.65 -40.30
N ARG B 18 -2.97 -26.93 -40.17
CA ARG B 18 -4.09 -27.50 -40.91
C ARG B 18 -5.22 -27.83 -39.95
N LEU B 19 -6.35 -27.16 -40.10
CA LEU B 19 -7.53 -27.42 -39.28
C LEU B 19 -8.31 -28.59 -39.89
N ALA B 20 -8.67 -29.56 -39.07
CA ALA B 20 -9.39 -30.75 -39.55
C ALA B 20 -10.37 -31.26 -38.52
N THR B 21 -11.41 -31.96 -38.97
CA THR B 21 -12.40 -32.49 -38.03
C THR B 21 -12.51 -34.00 -38.19
N ALA B 22 -13.04 -34.66 -37.17
CA ALA B 22 -13.16 -36.12 -37.21
C ALA B 22 -14.35 -36.58 -36.38
N ALA B 23 -14.75 -37.82 -36.62
CA ALA B 23 -15.93 -38.43 -36.01
C ALA B 23 -15.75 -38.70 -34.52
N ASP B 24 -14.51 -38.82 -34.08
CA ASP B 24 -14.22 -39.03 -32.66
C ASP B 24 -12.77 -38.62 -32.41
N SER B 25 -12.28 -38.84 -31.18
CA SER B 25 -10.94 -38.38 -30.82
C SER B 25 -9.86 -39.43 -31.06
N ILE B 26 -10.20 -40.51 -31.75
CA ILE B 26 -9.26 -41.62 -31.93
C ILE B 26 -8.96 -41.88 -33.41
N THR B 27 -9.99 -41.78 -34.24
CA THR B 27 -9.92 -42.20 -35.65
C THR B 27 -8.86 -41.44 -36.47
N SER B 28 -8.35 -42.09 -37.51
CA SER B 28 -7.42 -41.44 -38.45
C SER B 28 -8.17 -40.90 -39.66
N THR B 29 -9.49 -41.07 -39.67
CA THR B 29 -10.29 -40.47 -40.73
C THR B 29 -10.60 -39.02 -40.37
N THR B 30 -10.13 -38.10 -41.20
CA THR B 30 -10.32 -36.66 -40.96
C THR B 30 -10.80 -35.89 -42.19
N THR B 31 -11.38 -34.72 -41.94
CA THR B 31 -11.80 -33.82 -43.01
C THR B 31 -11.04 -32.51 -42.88
N THR B 32 -10.27 -32.15 -43.89
CA THR B 32 -9.55 -30.89 -43.86
C THR B 32 -10.50 -29.72 -44.09
N ILE B 33 -10.41 -28.70 -43.25
CA ILE B 33 -11.26 -27.52 -43.38
C ILE B 33 -10.59 -26.44 -44.24
N ALA B 34 -11.28 -25.95 -45.26
CA ALA B 34 -10.69 -24.92 -46.13
C ALA B 34 -10.51 -23.62 -45.34
N LEU B 35 -9.29 -23.08 -45.32
CA LEU B 35 -9.01 -21.86 -44.56
C LEU B 35 -9.18 -20.57 -45.37
N ASP B 36 -9.72 -19.55 -44.71
CA ASP B 36 -9.66 -18.17 -45.20
C ASP B 36 -8.21 -17.68 -45.21
N PRO B 37 -7.97 -16.53 -45.87
CA PRO B 37 -6.65 -15.90 -45.70
C PRO B 37 -6.37 -15.59 -44.23
N GLN B 38 -5.17 -15.92 -43.77
CA GLN B 38 -4.84 -15.75 -42.35
C GLN B 38 -4.20 -14.38 -42.10
N THR B 39 -4.33 -13.90 -40.86
CA THR B 39 -3.91 -12.55 -40.52
C THR B 39 -2.71 -12.53 -39.58
N GLU B 40 -2.40 -13.67 -38.97
CA GLU B 40 -1.36 -13.73 -37.98
C GLU B 40 -0.50 -14.96 -38.23
N GLN B 41 0.81 -14.78 -38.20
CA GLN B 41 1.73 -15.87 -38.50
C GLN B 41 1.72 -16.92 -37.41
N SER B 42 1.58 -18.18 -37.81
CA SER B 42 1.77 -19.29 -36.89
C SER B 42 3.20 -19.79 -37.04
N TYR B 43 3.80 -20.21 -35.93
CA TYR B 43 5.20 -20.62 -35.97
C TYR B 43 5.52 -21.57 -34.84
N TRP B 44 6.68 -22.21 -34.96
CA TRP B 44 7.25 -22.94 -33.84
C TRP B 44 8.75 -22.76 -33.80
N THR B 45 9.31 -22.97 -32.62
CA THR B 45 10.75 -22.97 -32.42
C THR B 45 11.12 -24.17 -31.57
N ARG B 46 12.24 -24.79 -31.90
CA ARG B 46 12.79 -25.86 -31.10
C ARG B 46 14.24 -25.57 -30.77
N VAL B 47 14.56 -25.56 -29.48
CA VAL B 47 15.96 -25.47 -29.05
C VAL B 47 16.25 -26.67 -28.16
N GLY B 48 17.26 -27.47 -28.54
CA GLY B 48 17.47 -28.74 -27.87
C GLY B 48 16.24 -29.61 -28.09
N ASP B 49 15.63 -30.09 -27.00
CA ASP B 49 14.43 -30.90 -27.11
C ASP B 49 13.19 -30.12 -26.66
N THR B 50 13.32 -28.79 -26.61
CA THR B 50 12.25 -27.96 -26.08
C THR B 50 11.56 -27.22 -27.22
N ALA B 51 10.26 -27.49 -27.38
CA ALA B 51 9.49 -26.94 -28.48
C ALA B 51 8.49 -25.91 -27.98
N THR B 52 8.43 -24.76 -28.64
CA THR B 52 7.41 -23.76 -28.33
C THR B 52 6.58 -23.51 -29.57
N ILE B 53 5.26 -23.61 -29.46
CA ILE B 53 4.40 -23.38 -30.61
C ILE B 53 3.49 -22.16 -30.43
N HIS B 54 3.23 -21.47 -31.55
CA HIS B 54 2.24 -20.41 -31.60
C HIS B 54 1.33 -20.63 -32.79
N ILE B 55 0.04 -20.87 -32.51
CA ILE B 55 -0.93 -21.13 -33.56
C ILE B 55 -2.03 -20.08 -33.48
N HIS B 56 -2.37 -19.48 -34.61
CA HIS B 56 -3.52 -18.58 -34.68
C HIS B 56 -4.30 -18.90 -35.96
N LEU B 57 -5.61 -19.04 -35.83
CA LEU B 57 -6.46 -19.27 -37.00
C LEU B 57 -7.70 -18.41 -36.92
N VAL B 58 -8.08 -17.86 -38.07
CA VAL B 58 -9.31 -17.08 -38.17
C VAL B 58 -10.13 -17.57 -39.37
N GLY B 59 -11.45 -17.58 -39.20
CA GLY B 59 -12.35 -17.97 -40.28
C GLY B 59 -13.72 -17.34 -40.16
N ALA B 60 -14.33 -17.03 -41.30
CA ALA B 60 -15.60 -16.32 -41.32
C ALA B 60 -16.78 -17.24 -41.01
N ALA B 61 -16.62 -18.53 -41.29
CA ALA B 61 -17.70 -19.50 -41.11
C ALA B 61 -17.25 -20.74 -40.36
N LEU B 62 -17.97 -21.09 -39.30
CA LEU B 62 -17.70 -22.30 -38.53
C LEU B 62 -17.75 -23.54 -39.41
N PRO B 63 -16.91 -24.54 -39.10
CA PRO B 63 -16.97 -25.81 -39.83
C PRO B 63 -18.28 -26.52 -39.55
N ALA B 64 -18.61 -27.47 -40.42
CA ALA B 64 -19.70 -28.40 -40.13
C ALA B 64 -19.45 -29.12 -38.81
N ALA B 65 -20.52 -29.29 -38.04
CA ALA B 65 -20.45 -29.98 -36.75
C ALA B 65 -19.76 -31.34 -36.86
N ALA B 66 -18.83 -31.59 -35.94
CA ALA B 66 -18.14 -32.87 -35.81
C ALA B 66 -17.60 -32.98 -34.39
N PRO B 67 -17.47 -34.20 -33.86
CA PRO B 67 -17.09 -34.30 -32.43
C PRO B 67 -15.66 -33.93 -32.10
N SER B 68 -14.74 -34.05 -33.06
CA SER B 68 -13.33 -33.76 -32.80
C SER B 68 -12.80 -32.65 -33.71
N THR B 69 -12.16 -31.65 -33.12
CA THR B 69 -11.59 -30.52 -33.87
C THR B 69 -10.09 -30.52 -33.66
N ARG B 70 -9.35 -30.63 -34.75
CA ARG B 70 -7.92 -30.94 -34.65
C ARG B 70 -7.06 -29.98 -35.46
N ILE B 71 -5.83 -29.78 -35.00
N ILE B 71 -5.83 -29.77 -34.98
CA ILE B 71 -4.85 -29.04 -35.80
CA ILE B 71 -4.81 -29.03 -35.74
C ILE B 71 -3.62 -29.91 -36.06
C ILE B 71 -3.64 -29.97 -36.07
N TYR B 72 -3.27 -30.03 -37.35
CA TYR B 72 -2.11 -30.79 -37.79
C TYR B 72 -1.06 -29.80 -38.31
N GLY B 73 0.20 -30.20 -38.27
CA GLY B 73 1.28 -29.37 -38.81
C GLY B 73 2.62 -30.02 -38.55
N ASN B 74 3.69 -29.37 -38.98
CA ASN B 74 5.01 -29.94 -38.86
C ASN B 74 5.75 -29.49 -37.59
N PHE B 75 5.00 -29.07 -36.57
CA PHE B 75 5.60 -28.74 -35.27
C PHE B 75 6.26 -29.98 -34.68
N PRO B 76 7.26 -29.79 -33.80
CA PRO B 76 7.96 -30.94 -33.25
C PRO B 76 6.98 -31.86 -32.51
N PRO B 77 7.04 -33.18 -32.80
CA PRO B 77 6.13 -34.15 -32.20
C PRO B 77 6.35 -34.30 -30.70
N LEU B 78 5.26 -34.23 -29.94
CA LEU B 78 5.33 -34.38 -28.49
C LEU B 78 5.99 -35.68 -28.05
N ARG B 79 6.90 -35.59 -27.09
CA ARG B 79 7.45 -36.78 -26.45
C ARG B 79 6.51 -37.31 -25.36
N ILE B 80 5.87 -38.46 -25.63
CA ILE B 80 5.06 -39.12 -24.60
C ILE B 80 4.87 -40.59 -24.93
N THR B 81 4.79 -41.43 -23.90
CA THR B 81 4.52 -42.85 -24.09
C THR B 81 3.16 -43.01 -24.74
N PRO B 82 3.10 -43.73 -25.87
CA PRO B 82 1.79 -43.98 -26.49
C PRO B 82 0.89 -44.78 -25.55
N SER B 83 -0.38 -44.42 -25.49
CA SER B 83 -1.32 -45.09 -24.61
C SER B 83 -2.26 -45.98 -25.42
N SER B 84 -3.26 -46.55 -24.75
CA SER B 84 -4.21 -47.47 -25.40
C SER B 84 -4.91 -46.88 -26.63
N ALA B 85 -5.07 -47.71 -27.65
CA ALA B 85 -5.78 -47.29 -28.87
C ALA B 85 -7.29 -47.23 -28.66
N LEU B 86 -7.74 -47.66 -27.49
CA LEU B 86 -9.17 -47.68 -27.18
C LEU B 86 -9.67 -46.31 -26.72
N ALA B 87 -8.74 -45.40 -26.49
CA ALA B 87 -9.09 -44.05 -26.04
C ALA B 87 -8.21 -43.03 -26.76
N ALA B 88 -8.55 -41.75 -26.63
CA ALA B 88 -7.68 -40.71 -27.15
C ALA B 88 -6.28 -40.89 -26.54
N GLN B 89 -5.25 -40.65 -27.34
CA GLN B 89 -3.88 -40.71 -26.84
C GLN B 89 -3.69 -39.72 -25.71
N HIS B 90 -2.92 -40.11 -24.69
CA HIS B 90 -2.53 -39.19 -23.64
C HIS B 90 -1.77 -38.02 -24.25
N GLY B 91 -2.01 -36.82 -23.73
CA GLY B 91 -1.34 -35.64 -24.22
C GLY B 91 -1.11 -34.61 -23.12
N VAL B 92 -0.64 -33.43 -23.52
CA VAL B 92 -0.40 -32.34 -22.59
C VAL B 92 -1.56 -31.35 -22.71
N ILE B 93 -2.22 -31.04 -21.60
CA ILE B 93 -3.34 -30.09 -21.65
C ILE B 93 -2.85 -28.68 -21.36
N VAL B 94 -3.19 -27.76 -22.27
CA VAL B 94 -2.86 -26.35 -22.10
C VAL B 94 -4.10 -25.47 -22.25
N PRO B 95 -4.07 -24.25 -21.66
CA PRO B 95 -5.18 -23.34 -21.96
C PRO B 95 -5.09 -22.86 -23.40
N MET B 96 -6.14 -22.23 -23.92
CA MET B 96 -6.03 -21.56 -25.20
C MET B 96 -6.89 -20.31 -25.19
N GLN B 97 -6.72 -19.48 -26.22
CA GLN B 97 -7.35 -18.18 -26.27
C GLN B 97 -8.39 -18.11 -27.39
N TYR B 98 -9.54 -17.51 -27.10
CA TYR B 98 -10.56 -17.26 -28.11
C TYR B 98 -10.78 -15.76 -28.28
N TYR B 99 -10.69 -15.29 -29.53
CA TYR B 99 -11.06 -13.92 -29.87
C TYR B 99 -12.54 -13.78 -30.27
N VAL B 100 -13.13 -14.88 -30.71
CA VAL B 100 -14.56 -14.96 -30.95
C VAL B 100 -15.10 -16.04 -30.02
N ALA B 101 -16.20 -15.76 -29.31
CA ALA B 101 -16.62 -16.65 -28.22
C ALA B 101 -17.09 -18.02 -28.72
N PRO B 102 -16.65 -19.08 -28.03
CA PRO B 102 -17.10 -20.45 -28.28
C PRO B 102 -18.29 -20.77 -27.40
N THR B 103 -18.79 -21.99 -27.48
CA THR B 103 -19.72 -22.49 -26.48
C THR B 103 -19.06 -23.64 -25.73
N LEU B 104 -18.75 -23.43 -24.45
CA LEU B 104 -18.08 -24.43 -23.63
C LEU B 104 -19.01 -24.98 -22.57
N PRO B 105 -18.70 -26.18 -22.04
CA PRO B 105 -19.48 -26.72 -20.92
C PRO B 105 -19.41 -25.78 -19.72
N VAL B 106 -20.50 -25.71 -18.95
N VAL B 106 -20.51 -25.71 -18.94
CA VAL B 106 -20.57 -24.81 -17.80
CA VAL B 106 -20.57 -24.82 -17.80
C VAL B 106 -19.42 -25.08 -16.83
C VAL B 106 -19.40 -25.08 -16.84
N GLY B 107 -18.78 -24.01 -16.35
CA GLY B 107 -17.71 -24.13 -15.39
C GLY B 107 -16.35 -24.47 -15.97
N SER B 108 -16.29 -24.79 -17.26
CA SER B 108 -15.01 -25.22 -17.86
C SER B 108 -14.21 -24.05 -18.43
N SER B 109 -12.91 -24.29 -18.65
CA SER B 109 -12.03 -23.32 -19.29
C SER B 109 -11.65 -23.80 -20.70
N ALA B 110 -11.31 -22.86 -21.57
CA ALA B 110 -10.87 -23.16 -22.93
C ALA B 110 -9.51 -23.87 -22.88
N ALA B 111 -9.39 -24.99 -23.60
CA ALA B 111 -8.17 -25.78 -23.51
C ALA B 111 -7.84 -26.48 -24.82
N ALA B 112 -6.62 -26.99 -24.91
CA ALA B 112 -6.20 -27.79 -26.06
C ALA B 112 -5.43 -28.99 -25.55
N ARG B 113 -5.56 -30.12 -26.24
CA ARG B 113 -4.84 -31.35 -25.89
C ARG B 113 -3.77 -31.57 -26.94
N ILE B 114 -2.50 -31.38 -26.56
CA ILE B 114 -1.39 -31.58 -27.49
C ILE B 114 -1.01 -33.05 -27.48
N GLU B 115 -1.10 -33.69 -28.64
CA GLU B 115 -0.70 -35.08 -28.77
C GLU B 115 0.45 -35.16 -29.74
N THR B 116 1.08 -36.33 -29.81
CA THR B 116 2.18 -36.52 -30.75
C THR B 116 1.69 -36.33 -32.18
N GLY B 117 0.46 -36.73 -32.45
CA GLY B 117 -0.06 -36.71 -33.80
C GLY B 117 -0.78 -35.44 -34.27
N PHE B 118 -1.30 -34.66 -33.33
CA PHE B 118 -2.12 -33.47 -33.64
C PHE B 118 -2.49 -32.77 -32.34
N ILE B 119 -3.11 -31.60 -32.46
CA ILE B 119 -3.58 -30.84 -31.30
C ILE B 119 -5.10 -30.77 -31.36
N GLU B 120 -5.78 -31.07 -30.26
CA GLU B 120 -7.24 -31.13 -30.27
C GLU B 120 -7.85 -30.03 -29.40
N LEU B 121 -8.86 -29.34 -29.91
CA LEU B 121 -9.50 -28.25 -29.15
C LEU B 121 -10.48 -28.84 -28.15
N GLY B 122 -10.57 -28.27 -26.96
CA GLY B 122 -11.56 -28.74 -26.02
C GLY B 122 -11.80 -27.82 -24.83
N SER B 123 -12.20 -28.43 -23.73
CA SER B 123 -12.45 -27.67 -22.52
C SER B 123 -11.94 -28.46 -21.31
N LEU B 124 -11.76 -27.77 -20.20
CA LEU B 124 -11.05 -28.33 -19.06
C LEU B 124 -11.84 -28.08 -17.78
N LEU B 125 -12.10 -29.15 -17.03
CA LEU B 125 -12.86 -29.07 -15.80
C LEU B 125 -12.33 -30.10 -14.81
N ASN B 126 -11.91 -29.64 -13.62
CA ASN B 126 -11.38 -30.54 -12.59
C ASN B 126 -10.27 -31.42 -13.13
N GLY B 127 -9.40 -30.83 -13.94
CA GLY B 127 -8.27 -31.56 -14.49
C GLY B 127 -8.55 -32.44 -15.70
N ALA B 128 -9.82 -32.60 -16.03
CA ALA B 128 -10.23 -33.49 -17.13
C ALA B 128 -10.48 -32.72 -18.42
N PHE B 129 -9.89 -33.21 -19.52
CA PHE B 129 -10.11 -32.63 -20.84
C PHE B 129 -11.28 -33.28 -21.59
N THR B 130 -12.15 -32.45 -22.15
CA THR B 130 -13.28 -32.87 -23.00
C THR B 130 -13.15 -32.22 -24.37
N PRO B 131 -13.14 -33.02 -25.46
CA PRO B 131 -13.08 -32.48 -26.83
C PRO B 131 -14.26 -31.54 -27.12
N LEU B 132 -14.01 -30.48 -27.90
CA LEU B 132 -15.06 -29.53 -28.26
C LEU B 132 -15.50 -29.75 -29.71
N ALA B 133 -16.81 -29.82 -29.95
CA ALA B 133 -17.33 -30.06 -31.29
C ALA B 133 -17.03 -28.89 -32.21
N ALA B 134 -16.83 -29.17 -33.50
CA ALA B 134 -16.35 -28.16 -34.44
C ALA B 134 -17.32 -27.00 -34.66
N ASN B 135 -18.62 -27.22 -34.44
CA ASN B 135 -19.57 -26.13 -34.63
C ASN B 135 -19.65 -25.23 -33.40
N LEU B 136 -18.87 -25.53 -32.37
CA LEU B 136 -18.95 -24.77 -31.11
C LEU B 136 -17.68 -23.96 -30.84
N ILE B 137 -16.75 -23.91 -31.81
CA ILE B 137 -15.46 -23.27 -31.56
C ILE B 137 -15.51 -21.77 -31.84
N GLY B 138 -16.71 -21.23 -31.91
CA GLY B 138 -16.87 -19.83 -32.23
C GLY B 138 -18.33 -19.42 -32.28
N THR B 139 -18.57 -18.23 -32.81
CA THR B 139 -19.89 -17.65 -32.97
C THR B 139 -19.97 -17.12 -34.39
N VAL B 140 -20.74 -17.81 -35.23
CA VAL B 140 -20.81 -17.56 -36.68
C VAL B 140 -19.50 -17.94 -37.37
N GLY B 141 -18.41 -17.28 -37.00
CA GLY B 141 -17.10 -17.65 -37.47
C GLY B 141 -16.26 -18.03 -36.27
N TYR B 142 -14.94 -18.04 -36.42
CA TYR B 142 -14.05 -18.40 -35.33
C TYR B 142 -12.73 -17.62 -35.40
N GLU B 143 -12.08 -17.49 -34.25
CA GLU B 143 -10.72 -16.95 -34.19
C GLU B 143 -10.12 -17.34 -32.85
N PHE B 144 -9.03 -18.10 -32.87
CA PHE B 144 -8.43 -18.58 -31.64
C PHE B 144 -6.92 -18.72 -31.78
N ALA B 145 -6.25 -18.84 -30.64
CA ALA B 145 -4.80 -19.03 -30.62
C ALA B 145 -4.42 -20.10 -29.61
N ILE B 146 -3.36 -20.84 -29.91
CA ILE B 146 -2.84 -21.84 -28.99
C ILE B 146 -1.36 -21.59 -28.79
N ASP B 147 -0.96 -21.46 -27.53
CA ASP B 147 0.43 -21.19 -27.16
C ASP B 147 0.90 -22.24 -26.15
N ALA B 148 2.04 -22.87 -26.39
CA ALA B 148 2.52 -23.93 -25.52
C ALA B 148 4.00 -24.23 -25.69
N THR B 149 4.56 -24.86 -24.67
CA THR B 149 5.94 -25.34 -24.71
C THR B 149 5.95 -26.76 -24.16
N TYR B 150 6.61 -27.66 -24.85
CA TYR B 150 6.63 -29.07 -24.46
C TYR B 150 7.90 -29.71 -25.00
N ALA B 151 8.20 -30.92 -24.53
CA ALA B 151 9.39 -31.62 -25.00
C ALA B 151 9.10 -32.46 -26.24
N ALA B 152 10.05 -32.47 -27.17
CA ALA B 152 9.88 -33.17 -28.43
C ALA B 152 10.67 -34.46 -28.48
N GLN B 153 10.25 -35.36 -29.36
CA GLN B 153 10.98 -36.59 -29.64
C GLN B 153 12.06 -36.28 -30.67
N VAL C 7 38.43 -1.24 -7.44
CA VAL C 7 38.98 -1.03 -8.79
C VAL C 7 37.87 -0.63 -9.76
N PRO C 8 38.11 0.41 -10.56
CA PRO C 8 37.05 0.85 -11.47
C PRO C 8 36.80 -0.12 -12.61
N THR C 9 35.56 -0.17 -13.08
CA THR C 9 35.21 -0.91 -14.28
C THR C 9 34.83 0.07 -15.39
N VAL C 10 34.93 -0.37 -16.64
CA VAL C 10 34.45 0.42 -17.77
C VAL C 10 33.37 -0.37 -18.51
N THR C 11 32.26 0.30 -18.77
CA THR C 11 31.11 -0.27 -19.47
C THR C 11 30.70 0.68 -20.57
N THR C 12 30.73 0.23 -21.82
CA THR C 12 30.31 1.08 -22.93
C THR C 12 29.24 0.34 -23.72
N ARG C 13 28.08 0.96 -23.89
CA ARG C 13 26.93 0.31 -24.50
C ARG C 13 26.17 1.23 -25.43
N ALA C 14 25.82 0.76 -26.62
CA ALA C 14 24.82 1.45 -27.41
C ALA C 14 23.46 1.30 -26.72
N PHE C 15 22.55 2.22 -26.94
CA PHE C 15 21.22 2.07 -26.35
C PHE C 15 20.17 2.74 -27.22
N LEU C 16 18.91 2.42 -26.96
CA LEU C 16 17.81 2.98 -27.73
C LEU C 16 17.02 4.00 -26.89
N PRO C 17 17.32 5.28 -27.07
CA PRO C 17 16.56 6.27 -26.29
C PRO C 17 15.08 6.18 -26.62
N ARG C 18 14.25 6.45 -25.62
CA ARG C 18 12.81 6.50 -25.78
C ARG C 18 12.35 7.94 -25.62
N LEU C 19 11.73 8.48 -26.66
CA LEU C 19 11.20 9.84 -26.61
C LEU C 19 9.80 9.81 -26.04
N ALA C 20 9.50 10.73 -25.13
CA ALA C 20 8.19 10.76 -24.48
C ALA C 20 7.81 12.18 -24.11
N THR C 21 6.52 12.49 -24.15
CA THR C 21 6.08 13.81 -23.75
C THR C 21 5.24 13.71 -22.47
N ALA C 22 5.05 14.84 -21.79
CA ALA C 22 4.28 14.86 -20.53
C ALA C 22 3.56 16.18 -20.34
N ALA C 23 2.54 16.16 -19.49
CA ALA C 23 1.69 17.34 -19.23
C ALA C 23 2.36 18.39 -18.33
N ASP C 24 3.45 18.01 -17.68
CA ASP C 24 4.27 18.97 -16.95
C ASP C 24 5.64 18.34 -16.70
N SER C 25 6.49 19.03 -15.95
CA SER C 25 7.87 18.57 -15.77
C SER C 25 8.05 17.73 -14.53
N ILE C 26 6.94 17.39 -13.87
CA ILE C 26 6.98 16.63 -12.62
C ILE C 26 6.41 15.22 -12.74
N THR C 27 5.26 15.10 -13.38
CA THR C 27 4.46 13.87 -13.40
C THR C 27 5.19 12.65 -13.94
N SER C 28 4.81 11.46 -13.46
CA SER C 28 5.32 10.21 -14.03
C SER C 28 4.40 9.68 -15.15
N THR C 29 3.40 10.46 -15.50
CA THR C 29 2.54 10.15 -16.64
C THR C 29 3.20 10.67 -17.92
N THR C 30 3.53 9.76 -18.84
CA THR C 30 4.17 10.15 -20.09
C THR C 30 3.52 9.46 -21.29
N THR C 31 3.74 10.05 -22.47
CA THR C 31 3.26 9.47 -23.72
C THR C 31 4.46 9.11 -24.58
N THR C 32 4.66 7.83 -24.85
CA THR C 32 5.78 7.42 -25.68
C THR C 32 5.51 7.79 -27.14
N ILE C 33 6.52 8.38 -27.78
CA ILE C 33 6.42 8.84 -29.16
C ILE C 33 7.00 7.78 -30.10
N ALA C 34 6.24 7.39 -31.12
CA ALA C 34 6.72 6.40 -32.09
C ALA C 34 7.88 6.99 -32.86
N LEU C 35 8.99 6.25 -32.92
CA LEU C 35 10.18 6.76 -33.61
C LEU C 35 10.35 6.23 -35.03
N ASP C 36 10.86 7.09 -35.92
CA ASP C 36 11.32 6.70 -37.26
C ASP C 36 12.60 5.88 -37.15
N PRO C 37 13.00 5.23 -38.26
CA PRO C 37 14.33 4.62 -38.27
C PRO C 37 15.40 5.66 -37.96
N GLN C 38 16.34 5.31 -37.10
CA GLN C 38 17.37 6.25 -36.66
C GLN C 38 18.59 6.11 -37.53
N THR C 39 19.41 7.17 -37.60
CA THR C 39 20.55 7.22 -38.51
C THR C 39 21.90 7.29 -37.79
N GLU C 40 21.87 7.59 -36.50
CA GLU C 40 23.11 7.78 -35.76
C GLU C 40 22.99 7.07 -34.42
N GLN C 41 24.01 6.30 -34.07
CA GLN C 41 23.93 5.48 -32.86
C GLN C 41 23.93 6.33 -31.60
N SER C 42 23.01 6.04 -30.68
CA SER C 42 23.10 6.62 -29.34
C SER C 42 23.82 5.64 -28.43
N TYR C 43 24.59 6.15 -27.48
CA TYR C 43 25.37 5.28 -26.60
C TYR C 43 25.66 5.95 -25.27
N TRP C 44 26.18 5.17 -24.33
CA TRP C 44 26.77 5.74 -23.12
C TRP C 44 27.97 4.93 -22.70
N THR C 45 28.84 5.56 -21.89
CA THR C 45 29.93 4.84 -21.27
C THR C 45 30.00 5.27 -19.81
N ARG C 46 30.41 4.34 -18.96
CA ARG C 46 30.66 4.64 -17.55
C ARG C 46 31.98 4.04 -17.14
N VAL C 47 32.86 4.86 -16.59
CA VAL C 47 34.09 4.37 -16.01
C VAL C 47 34.18 4.92 -14.60
N GLY C 48 34.31 4.03 -13.61
CA GLY C 48 34.18 4.45 -12.23
C GLY C 48 32.77 4.94 -12.00
N ASP C 49 32.63 6.17 -11.48
CA ASP C 49 31.30 6.75 -11.31
C ASP C 49 31.06 7.87 -12.32
N THR C 50 31.81 7.86 -13.41
CA THR C 50 31.73 8.94 -14.39
C THR C 50 31.05 8.47 -15.66
N ALA C 51 29.89 9.08 -15.96
CA ALA C 51 29.08 8.70 -17.11
C ALA C 51 29.15 9.71 -18.25
N THR C 52 29.31 9.23 -19.47
CA THR C 52 29.27 10.09 -20.64
C THR C 52 28.19 9.56 -21.58
N ILE C 53 27.30 10.44 -22.02
CA ILE C 53 26.21 10.04 -22.90
C ILE C 53 26.25 10.76 -24.24
N HIS C 54 25.77 10.05 -25.26
CA HIS C 54 25.59 10.63 -26.58
C HIS C 54 24.26 10.17 -27.12
N ILE C 55 23.37 11.13 -27.33
CA ILE C 55 22.04 10.85 -27.82
C ILE C 55 21.83 11.59 -29.15
N HIS C 56 21.29 10.91 -30.14
CA HIS C 56 20.87 11.54 -31.39
C HIS C 56 19.50 10.98 -31.76
N LEU C 57 18.58 11.86 -32.10
CA LEU C 57 17.26 11.46 -32.56
C LEU C 57 16.83 12.25 -33.79
N VAL C 58 16.26 11.55 -34.76
CA VAL C 58 15.70 12.20 -35.95
C VAL C 58 14.26 11.73 -36.15
N GLY C 59 13.39 12.62 -36.62
CA GLY C 59 12.01 12.26 -36.90
C GLY C 59 11.40 13.16 -37.95
N ALA C 60 10.51 12.63 -38.78
CA ALA C 60 9.97 13.41 -39.90
C ALA C 60 8.83 14.33 -39.47
N ALA C 61 8.19 14.01 -38.35
CA ALA C 61 7.07 14.78 -37.82
C ALA C 61 7.21 15.07 -36.32
N LEU C 62 6.99 16.33 -35.95
CA LEU C 62 7.03 16.73 -34.53
C LEU C 62 5.96 15.99 -33.74
N PRO C 63 6.24 15.69 -32.45
CA PRO C 63 5.21 15.07 -31.62
C PRO C 63 4.04 16.05 -31.40
N ALA C 64 2.87 15.53 -31.05
CA ALA C 64 1.74 16.38 -30.66
C ALA C 64 2.17 17.34 -29.55
N ALA C 65 1.68 18.57 -29.59
CA ALA C 65 2.03 19.61 -28.62
C ALA C 65 1.86 19.13 -27.18
N ALA C 66 2.91 19.29 -26.38
CA ALA C 66 2.90 18.97 -24.95
C ALA C 66 4.02 19.78 -24.31
N PRO C 67 3.89 20.15 -23.02
CA PRO C 67 4.87 21.10 -22.43
C PRO C 67 6.20 20.50 -22.01
N SER C 68 6.26 19.18 -21.82
CA SER C 68 7.49 18.53 -21.39
C SER C 68 7.92 17.50 -22.43
N THR C 69 9.15 17.62 -22.91
CA THR C 69 9.71 16.70 -23.90
C THR C 69 10.88 15.97 -23.27
N ARG C 70 10.75 14.64 -23.14
CA ARG C 70 11.68 13.86 -22.34
C ARG C 70 12.31 12.70 -23.09
N ILE C 71 13.51 12.33 -22.65
CA ILE C 71 14.19 11.13 -23.15
C ILE C 71 14.48 10.17 -22.00
N TYR C 72 14.00 8.94 -22.16
CA TYR C 72 14.21 7.87 -21.19
C TYR C 72 15.16 6.83 -21.76
N GLY C 73 15.90 6.16 -20.88
CA GLY C 73 16.82 5.14 -21.33
C GLY C 73 17.58 4.49 -20.18
N ASN C 74 18.46 3.53 -20.49
CA ASN C 74 19.19 2.81 -19.46
C ASN C 74 20.57 3.41 -19.21
N PHE C 75 20.75 4.69 -19.55
CA PHE C 75 21.99 5.38 -19.23
C PHE C 75 22.16 5.45 -17.70
N PRO C 76 23.41 5.62 -17.23
CA PRO C 76 23.64 5.63 -15.78
C PRO C 76 22.85 6.76 -15.11
N PRO C 77 22.16 6.46 -14.01
CA PRO C 77 21.33 7.47 -13.35
C PRO C 77 22.18 8.53 -12.66
N LEU C 78 21.85 9.79 -12.92
CA LEU C 78 22.54 10.92 -12.28
C LEU C 78 22.58 10.81 -10.75
N ARG C 79 23.75 11.07 -10.18
CA ARG C 79 23.86 11.20 -8.73
C ARG C 79 23.49 12.62 -8.30
N ILE C 80 22.38 12.76 -7.59
CA ILE C 80 22.00 14.08 -7.07
C ILE C 80 20.95 13.90 -5.98
N THR C 81 21.03 14.73 -4.95
CA THR C 81 20.03 14.68 -3.87
C THR C 81 18.65 14.93 -4.48
N PRO C 82 17.68 14.03 -4.24
CA PRO C 82 16.33 14.32 -4.73
C PRO C 82 15.80 15.61 -4.10
N SER C 83 15.16 16.44 -4.91
CA SER C 83 14.64 17.72 -4.47
C SER C 83 13.13 17.64 -4.25
N SER C 84 12.50 18.76 -3.92
CA SER C 84 11.07 18.76 -3.61
C SER C 84 10.20 18.22 -4.74
N ALA C 85 9.21 17.38 -4.40
CA ALA C 85 8.28 16.88 -5.41
C ALA C 85 7.33 17.97 -5.94
N LEU C 86 7.42 19.19 -5.40
CA LEU C 86 6.52 20.26 -5.83
C LEU C 86 7.02 20.96 -7.09
N ALA C 87 8.26 20.66 -7.47
CA ALA C 87 8.85 21.25 -8.67
C ALA C 87 9.58 20.15 -9.44
N ALA C 88 10.01 20.44 -10.67
CA ALA C 88 10.88 19.50 -11.39
C ALA C 88 12.07 19.15 -10.51
N GLN C 89 12.52 17.90 -10.58
CA GLN C 89 13.72 17.48 -9.85
C GLN C 89 14.92 18.31 -10.30
N HIS C 90 15.78 18.67 -9.36
CA HIS C 90 17.06 19.31 -9.68
C HIS C 90 17.85 18.39 -10.60
N GLY C 91 18.50 19.00 -11.59
CA GLY C 91 19.30 18.23 -12.53
C GLY C 91 20.52 19.03 -12.97
N VAL C 92 21.26 18.45 -13.91
CA VAL C 92 22.43 19.11 -14.49
C VAL C 92 22.02 19.71 -15.85
N ILE C 93 22.29 21.00 -16.04
CA ILE C 93 21.94 21.64 -17.30
C ILE C 93 23.12 21.61 -18.25
N VAL C 94 22.88 21.16 -19.48
CA VAL C 94 23.93 21.10 -20.50
C VAL C 94 23.42 21.72 -21.79
N PRO C 95 24.33 22.20 -22.65
CA PRO C 95 23.88 22.66 -23.96
C PRO C 95 23.44 21.46 -24.81
N MET C 96 22.68 21.70 -25.87
CA MET C 96 22.45 20.62 -26.83
C MET C 96 22.46 21.16 -28.26
N GLN C 97 22.41 20.26 -29.24
CA GLN C 97 22.63 20.62 -30.63
C GLN C 97 21.39 20.31 -31.46
N TYR C 98 21.01 21.26 -32.33
CA TYR C 98 19.89 21.06 -33.24
C TYR C 98 20.36 21.05 -34.70
N TYR C 99 19.93 20.04 -35.44
CA TYR C 99 20.21 19.95 -36.88
C TYR C 99 19.04 20.50 -37.70
N VAL C 100 17.86 20.48 -37.10
CA VAL C 100 16.66 21.13 -37.65
C VAL C 100 16.22 22.21 -36.65
N ALA C 101 15.95 23.42 -37.11
CA ALA C 101 15.76 24.57 -36.21
C ALA C 101 14.53 24.41 -35.31
N PRO C 102 14.71 24.67 -34.00
CA PRO C 102 13.57 24.69 -33.08
C PRO C 102 13.03 26.11 -32.93
N THR C 103 12.01 26.32 -32.11
CA THR C 103 11.62 27.66 -31.69
C THR C 103 11.97 27.83 -30.21
N LEU C 104 12.94 28.69 -29.91
CA LEU C 104 13.37 28.94 -28.53
C LEU C 104 12.99 30.33 -28.08
N PRO C 105 12.90 30.55 -26.75
CA PRO C 105 12.64 31.92 -26.28
C PRO C 105 13.77 32.87 -26.69
N VAL C 106 13.44 34.12 -26.95
CA VAL C 106 14.43 35.07 -27.45
C VAL C 106 15.57 35.22 -26.45
N GLY C 107 16.80 35.16 -26.96
CA GLY C 107 17.98 35.32 -26.13
C GLY C 107 18.48 34.05 -25.47
N SER C 108 17.72 32.96 -25.56
CA SER C 108 18.10 31.73 -24.86
C SER C 108 18.98 30.83 -25.72
N SER C 109 19.65 29.87 -25.08
CA SER C 109 20.41 28.85 -25.81
C SER C 109 19.71 27.50 -25.71
N ALA C 110 19.94 26.64 -26.68
CA ALA C 110 19.43 25.27 -26.64
C ALA C 110 20.07 24.47 -25.51
N ALA C 111 19.25 23.79 -24.71
CA ALA C 111 19.76 23.10 -23.52
C ALA C 111 18.96 21.83 -23.19
N ALA C 112 19.50 21.03 -22.28
CA ALA C 112 18.81 19.87 -21.77
C ALA C 112 19.03 19.79 -20.27
N ARG C 113 18.01 19.33 -19.56
CA ARG C 113 18.15 19.11 -18.13
C ARG C 113 18.29 17.60 -17.86
N ILE C 114 19.45 17.18 -17.37
CA ILE C 114 19.68 15.78 -17.05
C ILE C 114 19.22 15.53 -15.62
N GLU C 115 18.22 14.68 -15.46
CA GLU C 115 17.75 14.24 -14.15
C GLU C 115 18.07 12.76 -13.92
N THR C 116 17.89 12.31 -12.69
CA THR C 116 18.12 10.90 -12.39
C THR C 116 17.18 10.02 -13.21
N GLY C 117 15.97 10.52 -13.45
CA GLY C 117 14.93 9.70 -14.07
C GLY C 117 14.75 9.81 -15.58
N PHE C 118 15.22 10.90 -16.16
CA PHE C 118 15.08 11.17 -17.59
C PHE C 118 15.83 12.44 -17.95
N ILE C 119 15.91 12.73 -19.25
CA ILE C 119 16.55 13.96 -19.73
C ILE C 119 15.48 14.80 -20.41
N GLU C 120 15.41 16.09 -20.07
CA GLU C 120 14.34 16.96 -20.57
C GLU C 120 14.89 18.04 -21.50
N LEU C 121 14.27 18.25 -22.65
CA LEU C 121 14.72 19.28 -23.60
C LEU C 121 14.24 20.65 -23.14
N GLY C 122 15.05 21.68 -23.32
CA GLY C 122 14.62 23.02 -22.97
C GLY C 122 15.50 24.13 -23.50
N SER C 123 15.49 25.25 -22.80
CA SER C 123 16.33 26.39 -23.18
C SER C 123 16.89 27.04 -21.91
N LEU C 124 17.92 27.85 -22.11
CA LEU C 124 18.70 28.37 -21.00
C LEU C 124 18.86 29.87 -21.14
N LEU C 125 18.51 30.61 -20.08
CA LEU C 125 18.62 32.06 -20.08
C LEU C 125 18.94 32.54 -18.67
N ASN C 126 20.05 33.27 -18.52
CA ASN C 126 20.49 33.78 -17.22
C ASN C 126 20.62 32.67 -16.21
N GLY C 127 21.11 31.53 -16.68
CA GLY C 127 21.33 30.38 -15.80
C GLY C 127 20.08 29.58 -15.48
N ALA C 128 18.92 30.04 -15.93
CA ALA C 128 17.67 29.34 -15.65
C ALA C 128 17.27 28.43 -16.80
N PHE C 129 16.89 27.19 -16.47
CA PHE C 129 16.36 26.24 -17.45
C PHE C 129 14.83 26.32 -17.59
N THR C 130 14.36 26.38 -18.81
CA THR C 130 12.93 26.35 -19.12
C THR C 130 12.63 25.20 -20.09
N PRO C 131 11.71 24.29 -19.73
CA PRO C 131 11.34 23.18 -20.62
C PRO C 131 10.77 23.67 -21.96
N LEU C 132 11.10 22.95 -23.01
CA LEU C 132 10.65 23.27 -24.37
C LEU C 132 9.52 22.33 -24.78
N ALA C 133 8.41 22.92 -25.25
CA ALA C 133 7.24 22.16 -25.70
C ALA C 133 7.55 21.28 -26.92
N ALA C 134 6.87 20.15 -27.01
CA ALA C 134 7.18 19.16 -28.05
C ALA C 134 6.88 19.65 -29.48
N ASN C 135 5.97 20.61 -29.62
CA ASN C 135 5.69 21.13 -30.97
C ASN C 135 6.69 22.21 -31.39
N LEU C 136 7.71 22.47 -30.57
CA LEU C 136 8.69 23.51 -30.85
C LEU C 136 10.14 22.98 -30.96
N ILE C 137 10.31 21.66 -30.89
CA ILE C 137 11.66 21.08 -30.89
C ILE C 137 12.21 20.87 -32.31
N GLY C 138 11.58 21.50 -33.29
CA GLY C 138 12.05 21.42 -34.67
C GLY C 138 11.16 22.24 -35.59
N THR C 139 11.27 21.98 -36.88
CA THR C 139 10.48 22.66 -37.88
C THR C 139 9.96 21.57 -38.81
N VAL C 140 8.66 21.33 -38.73
CA VAL C 140 7.97 20.21 -39.39
C VAL C 140 8.39 18.87 -38.77
N GLY C 141 9.67 18.53 -38.90
CA GLY C 141 10.23 17.39 -38.20
C GLY C 141 11.29 17.84 -37.20
N TYR C 142 12.13 16.92 -36.72
CA TYR C 142 13.15 17.26 -35.74
C TYR C 142 14.43 16.46 -35.97
N GLU C 143 15.55 17.03 -35.53
CA GLU C 143 16.79 16.28 -35.46
C GLU C 143 17.70 16.97 -34.47
N PHE C 144 18.08 16.26 -33.41
CA PHE C 144 18.89 16.88 -32.37
C PHE C 144 19.83 15.87 -31.70
N ALA C 145 20.82 16.40 -30.99
CA ALA C 145 21.78 15.58 -30.26
C ALA C 145 22.07 16.17 -28.88
N ILE C 146 22.28 15.29 -27.90
CA ILE C 146 22.64 15.69 -26.55
C ILE C 146 23.91 14.96 -26.14
N ASP C 147 24.91 15.72 -25.73
CA ASP C 147 26.21 15.20 -25.30
C ASP C 147 26.54 15.72 -23.90
N ALA C 148 26.82 14.81 -22.97
CA ALA C 148 27.11 15.24 -21.60
C ALA C 148 27.94 14.25 -20.81
N THR C 149 28.60 14.74 -19.76
CA THR C 149 29.29 13.91 -18.77
C THR C 149 28.86 14.32 -17.36
N TYR C 150 28.52 13.35 -16.53
CA TYR C 150 28.03 13.60 -15.17
C TYR C 150 28.37 12.40 -14.27
N ALA C 151 28.26 12.59 -12.96
CA ALA C 151 28.53 11.50 -12.03
C ALA C 151 27.29 10.64 -11.84
N ALA C 152 27.50 9.33 -11.73
CA ALA C 152 26.40 8.39 -11.66
C ALA C 152 26.27 7.80 -10.26
N GLN C 153 25.06 7.35 -9.96
CA GLN C 153 24.74 6.65 -8.72
C GLN C 153 25.08 5.17 -8.91
N VAL D 7 47.51 1.63 -13.20
CA VAL D 7 46.12 1.21 -13.04
C VAL D 7 45.32 2.31 -12.33
N PRO D 8 44.23 2.77 -12.96
CA PRO D 8 43.47 3.88 -12.39
C PRO D 8 42.69 3.50 -11.13
N THR D 9 42.47 4.48 -10.26
CA THR D 9 41.63 4.31 -9.10
C THR D 9 40.39 5.21 -9.26
N VAL D 10 39.36 4.94 -8.47
CA VAL D 10 38.20 5.83 -8.44
C VAL D 10 37.95 6.27 -6.99
N THR D 11 37.73 7.56 -6.82
CA THR D 11 37.46 8.15 -5.51
C THR D 11 36.26 9.07 -5.66
N THR D 12 35.22 8.85 -4.86
CA THR D 12 34.03 9.68 -4.92
C THR D 12 33.68 10.16 -3.51
N ARG D 13 33.66 11.46 -3.31
CA ARG D 13 33.48 12.02 -1.97
C ARG D 13 32.57 13.23 -1.93
N ALA D 14 31.70 13.29 -0.93
CA ALA D 14 31.04 14.55 -0.60
C ALA D 14 32.08 15.56 -0.12
N PHE D 15 31.82 16.84 -0.35
CA PHE D 15 32.63 17.87 0.27
C PHE D 15 31.78 19.06 0.60
N LEU D 16 32.33 19.96 1.41
CA LEU D 16 31.63 21.14 1.87
C LEU D 16 32.19 22.36 1.17
N PRO D 17 31.54 22.83 0.10
CA PRO D 17 32.10 24.02 -0.58
C PRO D 17 32.11 25.24 0.33
N ARG D 18 33.13 26.06 0.17
CA ARG D 18 33.25 27.29 0.92
C ARG D 18 33.07 28.48 0.00
N LEU D 19 32.04 29.27 0.27
CA LEU D 19 31.79 30.48 -0.49
C LEU D 19 32.59 31.61 0.13
N ALA D 20 33.37 32.31 -0.69
CA ALA D 20 34.20 33.41 -0.23
C ALA D 20 34.20 34.55 -1.26
N THR D 21 34.34 35.79 -0.79
CA THR D 21 34.44 36.93 -1.68
C THR D 21 35.81 37.60 -1.54
N ALA D 22 36.22 38.36 -2.55
CA ALA D 22 37.54 38.99 -2.53
C ALA D 22 37.54 40.31 -3.28
N ALA D 23 38.53 41.17 -3.01
CA ALA D 23 38.57 42.52 -3.56
C ALA D 23 38.85 42.55 -5.06
N ASP D 24 39.49 41.49 -5.56
CA ASP D 24 39.70 41.32 -7.00
C ASP D 24 39.85 39.83 -7.32
N SER D 25 40.18 39.52 -8.56
CA SER D 25 40.21 38.12 -9.02
C SER D 25 41.59 37.47 -8.90
N ILE D 26 42.50 38.15 -8.22
CA ILE D 26 43.89 37.70 -8.11
C ILE D 26 44.28 37.39 -6.67
N THR D 27 43.89 38.27 -5.76
CA THR D 27 44.39 38.25 -4.39
C THR D 27 44.10 36.95 -3.64
N SER D 28 44.95 36.65 -2.66
CA SER D 28 44.73 35.49 -1.79
C SER D 28 44.05 35.89 -0.48
N THR D 29 43.66 37.15 -0.39
CA THR D 29 42.89 37.63 0.76
C THR D 29 41.40 37.50 0.44
N THR D 30 40.69 36.73 1.25
CA THR D 30 39.28 36.46 0.99
C THR D 30 38.46 36.55 2.26
N THR D 31 37.16 36.72 2.11
CA THR D 31 36.25 36.75 3.23
C THR D 31 35.27 35.59 3.10
N THR D 32 35.30 34.67 4.05
CA THR D 32 34.41 33.51 4.02
C THR D 32 32.98 33.91 4.37
N ILE D 33 32.03 33.46 3.57
CA ILE D 33 30.63 33.79 3.77
C ILE D 33 29.97 32.73 4.63
N ALA D 34 29.33 33.15 5.72
CA ALA D 34 28.59 32.20 6.56
C ALA D 34 27.44 31.55 5.80
N LEU D 35 27.41 30.22 5.77
CA LEU D 35 26.37 29.49 5.03
C LEU D 35 25.15 29.11 5.86
N ASP D 36 23.95 29.23 5.26
CA ASP D 36 22.74 28.60 5.80
C ASP D 36 22.86 27.08 5.73
N PRO D 37 21.95 26.35 6.40
CA PRO D 37 21.91 24.89 6.20
C PRO D 37 21.67 24.55 4.73
N GLN D 38 22.40 23.57 4.20
CA GLN D 38 22.33 23.23 2.77
C GLN D 38 21.32 22.11 2.54
N THR D 39 20.80 22.03 1.32
CA THR D 39 19.71 21.09 1.02
C THR D 39 20.13 20.00 0.02
N GLU D 40 21.23 20.23 -0.68
CA GLU D 40 21.67 19.32 -1.73
C GLU D 40 23.15 19.01 -1.54
N GLN D 41 23.51 17.73 -1.62
CA GLN D 41 24.89 17.33 -1.40
C GLN D 41 25.80 17.87 -2.51
N SER D 42 26.93 18.45 -2.13
CA SER D 42 28.00 18.73 -3.12
C SER D 42 29.03 17.61 -3.06
N TYR D 43 29.61 17.25 -4.20
CA TYR D 43 30.54 16.12 -4.24
C TYR D 43 31.52 16.23 -5.40
N TRP D 44 32.54 15.40 -5.38
CA TRP D 44 33.38 15.25 -6.56
C TRP D 44 33.74 13.77 -6.73
N THR D 45 34.08 13.41 -7.94
CA THR D 45 34.60 12.07 -8.18
C THR D 45 35.83 12.23 -9.08
N ARG D 46 36.80 11.35 -8.90
CA ARG D 46 37.99 11.32 -9.75
C ARG D 46 38.26 9.89 -10.13
N VAL D 47 38.42 9.64 -11.43
CA VAL D 47 38.77 8.32 -11.91
C VAL D 47 39.93 8.56 -12.87
N GLY D 48 41.06 7.91 -12.62
CA GLY D 48 42.26 8.25 -13.35
C GLY D 48 42.60 9.71 -13.07
N ASP D 49 42.77 10.51 -14.12
CA ASP D 49 43.05 11.93 -13.95
C ASP D 49 41.83 12.79 -14.30
N THR D 50 40.66 12.16 -14.35
CA THR D 50 39.44 12.84 -14.76
C THR D 50 38.53 13.10 -13.58
N ALA D 51 38.26 14.38 -13.35
CA ALA D 51 37.48 14.84 -12.19
C ALA D 51 36.14 15.40 -12.62
N THR D 52 35.09 15.03 -11.91
CA THR D 52 33.77 15.60 -12.14
C THR D 52 33.28 16.21 -10.84
N ILE D 53 32.84 17.47 -10.89
CA ILE D 53 32.37 18.14 -9.68
C ILE D 53 30.88 18.50 -9.78
N HIS D 54 30.22 18.48 -8.62
CA HIS D 54 28.86 18.95 -8.51
C HIS D 54 28.77 19.83 -7.27
N ILE D 55 28.45 21.10 -7.47
CA ILE D 55 28.33 22.05 -6.37
C ILE D 55 26.93 22.63 -6.37
N HIS D 56 26.28 22.69 -5.21
CA HIS D 56 25.01 23.38 -5.04
C HIS D 56 25.09 24.22 -3.76
N LEU D 57 24.69 25.48 -3.83
CA LEU D 57 24.65 26.33 -2.62
C LEU D 57 23.37 27.12 -2.59
N VAL D 58 22.78 27.24 -1.41
CA VAL D 58 21.56 28.02 -1.24
C VAL D 58 21.75 28.95 -0.03
N GLY D 59 21.22 30.17 -0.11
CA GLY D 59 21.36 31.10 1.01
C GLY D 59 20.24 32.11 1.01
N ALA D 60 19.80 32.53 2.20
CA ALA D 60 18.66 33.42 2.29
C ALA D 60 19.02 34.88 2.00
N ALA D 61 20.27 35.24 2.20
CA ALA D 61 20.72 36.63 2.04
C ALA D 61 22.04 36.73 1.27
N LEU D 62 22.03 37.56 0.23
CA LEU D 62 23.21 37.82 -0.58
C LEU D 62 24.35 38.37 0.28
N PRO D 63 25.59 38.03 -0.11
CA PRO D 63 26.79 38.57 0.54
C PRO D 63 26.93 40.06 0.26
N ALA D 64 27.69 40.78 1.08
CA ALA D 64 28.01 42.19 0.80
C ALA D 64 28.78 42.28 -0.50
N ALA D 65 28.58 43.35 -1.25
CA ALA D 65 29.24 43.57 -2.54
C ALA D 65 30.77 43.39 -2.49
N ALA D 66 31.28 42.65 -3.48
CA ALA D 66 32.71 42.45 -3.69
C ALA D 66 32.88 42.00 -5.13
N PRO D 67 33.99 42.39 -5.78
CA PRO D 67 34.15 42.12 -7.22
C PRO D 67 34.40 40.66 -7.59
N SER D 68 34.87 39.84 -6.65
CA SER D 68 35.16 38.42 -6.93
C SER D 68 34.36 37.52 -6.01
N THR D 69 33.71 36.51 -6.61
CA THR D 69 32.89 35.57 -5.85
C THR D 69 33.43 34.20 -6.13
N ARG D 70 33.85 33.49 -5.09
CA ARG D 70 34.65 32.28 -5.29
C ARG D 70 34.14 31.07 -4.51
N ILE D 71 34.38 29.88 -5.04
N ILE D 71 34.36 29.88 -5.05
CA ILE D 71 34.09 28.66 -4.29
CA ILE D 71 34.10 28.66 -4.33
C ILE D 71 35.37 27.85 -4.10
C ILE D 71 35.39 27.89 -4.10
N TYR D 72 35.66 27.55 -2.84
CA TYR D 72 36.81 26.73 -2.48
C TYR D 72 36.39 25.36 -1.98
N GLY D 73 37.26 24.37 -2.17
CA GLY D 73 37.03 23.03 -1.66
C GLY D 73 38.15 22.08 -2.05
N ASN D 74 38.08 20.86 -1.55
CA ASN D 74 39.15 19.89 -1.81
C ASN D 74 38.90 19.01 -3.04
N PHE D 75 38.12 19.53 -4.00
CA PHE D 75 37.98 18.84 -5.30
C PHE D 75 39.35 18.76 -5.99
N PRO D 76 39.51 17.79 -6.91
CA PRO D 76 40.84 17.61 -7.54
C PRO D 76 41.31 18.90 -8.21
N PRO D 77 42.55 19.34 -7.94
CA PRO D 77 42.98 20.62 -8.51
C PRO D 77 43.17 20.54 -10.03
N LEU D 78 42.62 21.52 -10.74
CA LEU D 78 42.72 21.58 -12.20
C LEU D 78 44.17 21.55 -12.68
N ARG D 79 44.43 20.73 -13.70
CA ARG D 79 45.71 20.73 -14.37
C ARG D 79 45.76 21.83 -15.43
N ILE D 80 46.60 22.83 -15.21
CA ILE D 80 46.79 23.88 -16.22
C ILE D 80 48.07 24.64 -15.91
N THR D 81 48.81 25.01 -16.95
CA THR D 81 49.99 25.84 -16.77
C THR D 81 49.61 27.11 -16.04
N PRO D 82 50.30 27.41 -14.92
CA PRO D 82 50.04 28.67 -14.23
C PRO D 82 50.37 29.86 -15.14
N SER D 83 49.53 30.88 -15.12
CA SER D 83 49.71 32.03 -15.99
C SER D 83 50.21 33.22 -15.18
N SER D 84 50.33 34.37 -15.83
CA SER D 84 50.90 35.55 -15.20
C SER D 84 50.17 35.96 -13.92
N ALA D 85 50.94 36.34 -12.91
CA ALA D 85 50.38 36.71 -11.62
C ALA D 85 49.71 38.08 -11.63
N LEU D 86 49.82 38.77 -12.76
CA LEU D 86 49.30 40.13 -12.87
C LEU D 86 47.83 40.16 -13.31
N ALA D 87 47.31 39.01 -13.71
CA ALA D 87 45.90 38.87 -14.06
C ALA D 87 45.34 37.58 -13.44
N ALA D 88 44.03 37.39 -13.51
CA ALA D 88 43.43 36.14 -13.04
C ALA D 88 44.10 34.94 -13.72
N GLN D 89 44.28 33.87 -12.97
CA GLN D 89 44.83 32.64 -13.53
C GLN D 89 43.93 32.13 -14.64
N HIS D 90 44.54 31.61 -15.70
CA HIS D 90 43.80 30.92 -16.75
C HIS D 90 43.06 29.76 -16.13
N GLY D 91 41.84 29.52 -16.59
CA GLY D 91 41.10 28.37 -16.14
C GLY D 91 40.18 27.85 -17.21
N VAL D 92 39.33 26.90 -16.82
CA VAL D 92 38.36 26.31 -17.72
C VAL D 92 37.01 26.99 -17.51
N ILE D 93 36.41 27.51 -18.58
CA ILE D 93 35.11 28.18 -18.45
C ILE D 93 33.98 27.19 -18.71
N VAL D 94 33.03 27.12 -17.78
CA VAL D 94 31.89 26.24 -17.92
C VAL D 94 30.61 27.03 -17.68
N PRO D 95 29.48 26.54 -18.22
CA PRO D 95 28.22 27.20 -17.86
C PRO D 95 27.87 26.90 -16.40
N MET D 96 26.89 27.60 -15.83
CA MET D 96 26.39 27.20 -14.52
C MET D 96 24.89 27.52 -14.43
N GLN D 97 24.26 27.01 -13.38
CA GLN D 97 22.82 27.06 -13.24
C GLN D 97 22.39 27.95 -12.08
N TYR D 98 21.37 28.77 -12.29
CA TYR D 98 20.78 29.57 -11.21
C TYR D 98 19.33 29.20 -10.96
N TYR D 99 19.01 28.92 -9.71
CA TYR D 99 17.63 28.67 -9.30
C TYR D 99 16.92 29.96 -8.85
N VAL D 100 17.71 30.91 -8.37
CA VAL D 100 17.24 32.26 -8.07
C VAL D 100 17.97 33.21 -9.00
N ALA D 101 17.24 34.12 -9.65
CA ALA D 101 17.81 34.91 -10.75
C ALA D 101 18.93 35.87 -10.29
N PRO D 102 20.06 35.88 -11.01
CA PRO D 102 21.15 36.83 -10.76
C PRO D 102 20.98 38.07 -11.62
N THR D 103 21.95 38.98 -11.56
CA THR D 103 22.00 40.11 -12.48
C THR D 103 23.26 40.01 -13.31
N LEU D 104 23.11 39.61 -14.57
CA LEU D 104 24.23 39.42 -15.48
C LEU D 104 24.29 40.54 -16.49
N PRO D 105 25.48 40.80 -17.06
CA PRO D 105 25.59 41.75 -18.18
C PRO D 105 24.70 41.36 -19.35
N VAL D 106 24.21 42.35 -20.09
N VAL D 106 24.22 42.35 -20.09
CA VAL D 106 23.33 42.13 -21.24
CA VAL D 106 23.36 42.12 -21.24
C VAL D 106 23.98 41.20 -22.26
C VAL D 106 24.00 41.18 -22.25
N GLY D 107 23.22 40.22 -22.73
CA GLY D 107 23.69 39.29 -23.75
C GLY D 107 24.56 38.12 -23.27
N SER D 108 24.96 38.15 -22.01
CA SER D 108 25.88 37.13 -21.47
C SER D 108 25.14 35.91 -20.93
N SER D 109 25.87 34.80 -20.78
CA SER D 109 25.35 33.60 -20.14
C SER D 109 26.01 33.38 -18.77
N ALA D 110 25.28 32.71 -17.86
CA ALA D 110 25.83 32.37 -16.55
C ALA D 110 27.01 31.40 -16.73
N ALA D 111 28.12 31.69 -16.05
CA ALA D 111 29.32 30.88 -16.22
C ALA D 111 30.17 30.79 -14.95
N ALA D 112 31.14 29.87 -14.94
CA ALA D 112 32.10 29.80 -13.85
C ALA D 112 33.48 29.59 -14.44
N ARG D 113 34.49 30.18 -13.80
CA ARG D 113 35.88 29.95 -14.19
C ARG D 113 36.52 29.00 -13.18
N ILE D 114 36.79 27.78 -13.63
CA ILE D 114 37.46 26.78 -12.81
C ILE D 114 38.97 27.00 -12.89
N GLU D 115 39.58 27.33 -11.75
CA GLU D 115 41.01 27.49 -11.65
C GLU D 115 41.59 26.40 -10.75
N THR D 116 42.91 26.27 -10.75
CA THR D 116 43.56 25.30 -9.87
C THR D 116 43.25 25.61 -8.40
N GLY D 117 43.13 26.90 -8.07
CA GLY D 117 42.96 27.32 -6.69
C GLY D 117 41.55 27.49 -6.16
N PHE D 118 40.58 27.70 -7.06
CA PHE D 118 39.18 27.94 -6.69
C PHE D 118 38.33 28.07 -7.94
N ILE D 119 37.02 28.22 -7.75
CA ILE D 119 36.10 28.40 -8.87
C ILE D 119 35.44 29.76 -8.74
N GLU D 120 35.47 30.57 -9.80
CA GLU D 120 34.94 31.92 -9.72
C GLU D 120 33.66 32.07 -10.51
N LEU D 121 32.64 32.65 -9.88
CA LEU D 121 31.36 32.88 -10.55
C LEU D 121 31.48 34.08 -11.51
N GLY D 122 30.88 33.96 -12.68
CA GLY D 122 30.85 35.08 -13.61
C GLY D 122 29.88 34.92 -14.74
N SER D 123 30.24 35.50 -15.88
CA SER D 123 29.37 35.51 -17.05
C SER D 123 30.23 35.43 -18.29
N LEU D 124 29.61 35.04 -19.40
CA LEU D 124 30.33 34.68 -20.61
C LEU D 124 29.72 35.37 -21.83
N LEU D 125 30.57 36.04 -22.60
CA LEU D 125 30.12 36.78 -23.78
C LEU D 125 31.24 36.78 -24.80
N ASN D 126 30.95 36.23 -25.98
CA ASN D 126 31.91 36.12 -27.07
C ASN D 126 33.19 35.41 -26.64
N GLY D 127 33.03 34.37 -25.82
CA GLY D 127 34.14 33.55 -25.36
C GLY D 127 34.89 34.13 -24.18
N ALA D 128 34.54 35.34 -23.77
CA ALA D 128 35.27 36.01 -22.70
C ALA D 128 34.54 35.90 -21.38
N PHE D 129 35.27 35.54 -20.33
CA PHE D 129 34.71 35.42 -18.98
C PHE D 129 34.90 36.71 -18.19
N THR D 130 33.83 37.17 -17.55
CA THR D 130 33.85 38.33 -16.68
C THR D 130 33.36 37.94 -15.30
N PRO D 131 34.15 38.23 -14.25
CA PRO D 131 33.74 37.91 -12.88
C PRO D 131 32.43 38.60 -12.48
N LEU D 132 31.61 37.92 -11.68
CA LEU D 132 30.36 38.50 -11.22
C LEU D 132 30.48 38.95 -9.76
N ALA D 133 30.05 40.18 -9.46
CA ALA D 133 30.10 40.71 -8.09
C ALA D 133 29.20 39.94 -7.13
N ALA D 134 29.64 39.83 -5.88
CA ALA D 134 28.99 38.97 -4.89
C ALA D 134 27.54 39.36 -4.60
N ASN D 135 27.21 40.63 -4.72
CA ASN D 135 25.85 41.08 -4.44
C ASN D 135 24.90 40.85 -5.63
N LEU D 136 25.44 40.35 -6.73
CA LEU D 136 24.65 40.17 -7.95
C LEU D 136 24.35 38.70 -8.29
N ILE D 137 24.73 37.78 -7.41
CA ILE D 137 24.62 36.35 -7.69
C ILE D 137 23.25 35.78 -7.34
N GLY D 138 22.27 36.66 -7.16
CA GLY D 138 20.92 36.23 -6.88
C GLY D 138 19.99 37.43 -6.74
N THR D 139 18.84 37.17 -6.12
CA THR D 139 17.82 38.19 -5.88
C THR D 139 17.36 37.99 -4.45
N VAL D 140 17.70 38.95 -3.59
CA VAL D 140 17.52 38.88 -2.14
C VAL D 140 18.42 37.80 -1.51
N GLY D 141 18.20 36.55 -1.90
CA GLY D 141 19.07 35.46 -1.51
C GLY D 141 19.67 34.84 -2.76
N TYR D 142 20.22 33.63 -2.64
CA TYR D 142 20.84 32.98 -3.80
C TYR D 142 20.61 31.47 -3.77
N GLU D 143 20.69 30.87 -4.95
CA GLU D 143 20.71 29.40 -5.09
C GLU D 143 21.26 29.06 -6.47
N PHE D 144 22.38 28.33 -6.52
CA PHE D 144 23.01 28.02 -7.79
C PHE D 144 23.73 26.68 -7.74
N ALA D 145 24.05 26.16 -8.92
CA ALA D 145 24.75 24.89 -9.06
C ALA D 145 25.84 25.00 -10.13
N ILE D 146 26.93 24.26 -9.93
CA ILE D 146 28.04 24.23 -10.89
C ILE D 146 28.39 22.77 -11.14
N ASP D 147 28.41 22.39 -12.41
CA ASP D 147 28.70 21.01 -12.80
C ASP D 147 29.75 21.03 -13.89
N ALA D 148 30.80 20.24 -13.74
CA ALA D 148 31.89 20.27 -14.72
C ALA D 148 32.77 19.05 -14.62
N THR D 149 33.47 18.77 -15.71
CA THR D 149 34.44 17.69 -15.74
C THR D 149 35.73 18.24 -16.35
N TYR D 150 36.86 17.93 -15.71
CA TYR D 150 38.15 18.46 -16.15
C TYR D 150 39.26 17.50 -15.71
N ALA D 151 40.46 17.73 -16.23
CA ALA D 151 41.60 16.90 -15.86
C ALA D 151 42.32 17.45 -14.64
N ALA D 152 42.71 16.55 -13.74
CA ALA D 152 43.34 16.92 -12.48
C ALA D 152 44.85 16.74 -12.51
N GLN D 153 45.54 17.58 -11.75
CA GLN D 153 46.95 17.44 -11.49
C GLN D 153 47.13 16.31 -10.48
N VAL E 7 -36.84 40.83 -2.80
CA VAL E 7 -37.95 39.91 -3.03
C VAL E 7 -37.50 38.69 -3.84
N PRO E 8 -37.74 37.48 -3.32
CA PRO E 8 -37.33 36.22 -3.95
C PRO E 8 -37.92 35.98 -5.33
N THR E 9 -37.16 35.28 -6.16
CA THR E 9 -37.69 34.72 -7.39
C THR E 9 -37.59 33.20 -7.31
N VAL E 10 -38.35 32.49 -8.14
CA VAL E 10 -38.26 31.04 -8.22
C VAL E 10 -37.89 30.60 -9.61
N THR E 11 -36.90 29.71 -9.70
CA THR E 11 -36.50 29.13 -10.97
C THR E 11 -36.44 27.63 -10.84
N THR E 12 -37.26 26.93 -11.63
CA THR E 12 -37.28 25.47 -11.63
C THR E 12 -37.01 24.98 -13.05
N ARG E 13 -35.95 24.20 -13.22
CA ARG E 13 -35.49 23.78 -14.55
C ARG E 13 -35.07 22.32 -14.60
N ALA E 14 -35.51 21.60 -15.64
CA ALA E 14 -34.89 20.31 -15.93
C ALA E 14 -33.48 20.57 -16.42
N PHE E 15 -32.56 19.64 -16.21
CA PHE E 15 -31.21 19.81 -16.75
C PHE E 15 -30.59 18.46 -17.09
N LEU E 16 -29.50 18.51 -17.87
CA LEU E 16 -28.81 17.31 -18.31
C LEU E 16 -27.51 17.17 -17.56
N PRO E 17 -27.48 16.31 -16.53
CA PRO E 17 -26.22 16.12 -15.81
C PRO E 17 -25.18 15.52 -16.74
N ARG E 18 -23.93 15.91 -16.55
CA ARG E 18 -22.83 15.38 -17.33
C ARG E 18 -21.95 14.57 -16.41
N LEU E 19 -21.90 13.26 -16.65
CA LEU E 19 -21.05 12.35 -15.89
C LEU E 19 -19.61 12.40 -16.44
N ALA E 20 -18.63 12.56 -15.54
CA ALA E 20 -17.24 12.67 -15.97
C ALA E 20 -16.33 12.04 -14.93
N THR E 21 -15.18 11.54 -15.35
CA THR E 21 -14.22 10.98 -14.41
C THR E 21 -12.90 11.73 -14.45
N ALA E 22 -12.09 11.58 -13.41
CA ALA E 22 -10.81 12.28 -13.34
C ALA E 22 -9.78 11.46 -12.58
N ALA E 23 -8.50 11.79 -12.77
CA ALA E 23 -7.39 11.04 -12.15
C ALA E 23 -7.28 11.25 -10.64
N ASP E 24 -7.94 12.29 -10.13
CA ASP E 24 -8.00 12.51 -8.69
C ASP E 24 -9.12 13.52 -8.38
N SER E 25 -9.23 13.92 -7.11
CA SER E 25 -10.34 14.76 -6.70
C SER E 25 -10.00 16.25 -6.72
N ILE E 26 -8.87 16.59 -7.31
CA ILE E 26 -8.43 17.98 -7.38
C ILE E 26 -8.36 18.52 -8.81
N THR E 27 -7.83 17.70 -9.72
CA THR E 27 -7.53 18.14 -11.08
C THR E 27 -8.73 18.68 -11.86
N SER E 28 -8.46 19.59 -12.79
CA SER E 28 -9.48 20.08 -13.68
C SER E 28 -9.47 19.33 -15.00
N THR E 29 -8.66 18.27 -15.09
CA THR E 29 -8.69 17.40 -16.26
C THR E 29 -9.72 16.31 -16.05
N THR E 30 -10.71 16.26 -16.94
CA THR E 30 -11.80 15.29 -16.82
C THR E 30 -12.10 14.63 -18.16
N THR E 31 -12.72 13.45 -18.09
CA THR E 31 -13.18 12.73 -19.26
C THR E 31 -14.68 12.55 -19.19
N THR E 32 -15.40 13.03 -20.20
CA THR E 32 -16.86 12.95 -20.20
C THR E 32 -17.33 11.56 -20.59
N ILE E 33 -18.25 11.01 -19.80
CA ILE E 33 -18.79 9.67 -20.06
C ILE E 33 -20.02 9.75 -20.94
N ALA E 34 -20.05 8.93 -21.99
CA ALA E 34 -21.19 8.91 -22.91
C ALA E 34 -22.39 8.27 -22.21
N LEU E 35 -23.52 8.96 -22.22
CA LEU E 35 -24.70 8.51 -21.50
C LEU E 35 -25.65 7.70 -22.39
N ASP E 36 -26.22 6.64 -21.82
CA ASP E 36 -27.36 5.96 -22.44
C ASP E 36 -28.58 6.90 -22.45
N PRO E 37 -29.66 6.50 -23.14
CA PRO E 37 -30.93 7.21 -22.93
C PRO E 37 -31.34 7.17 -21.46
N GLN E 38 -31.73 8.31 -20.91
CA GLN E 38 -32.13 8.39 -19.51
C GLN E 38 -33.62 8.11 -19.32
N THR E 39 -34.01 7.65 -18.13
CA THR E 39 -35.41 7.27 -17.88
C THR E 39 -36.12 8.15 -16.86
N GLU E 40 -35.35 8.98 -16.14
CA GLU E 40 -35.91 9.81 -15.09
C GLU E 40 -35.35 11.21 -15.19
N GLN E 41 -36.21 12.21 -15.12
CA GLN E 41 -35.78 13.59 -15.32
C GLN E 41 -34.91 14.07 -14.17
N SER E 42 -33.80 14.71 -14.50
CA SER E 42 -33.01 15.43 -13.49
C SER E 42 -33.39 16.89 -13.54
N TYR E 43 -33.39 17.56 -12.39
CA TYR E 43 -33.84 18.94 -12.34
C TYR E 43 -33.26 19.66 -11.14
N TRP E 44 -33.42 20.98 -11.12
CA TRP E 44 -33.12 21.72 -9.91
C TRP E 44 -34.10 22.88 -9.78
N THR E 45 -34.25 23.36 -8.55
CA THR E 45 -35.05 24.56 -8.32
C THR E 45 -34.28 25.47 -7.39
N ARG E 46 -34.42 26.77 -7.60
CA ARG E 46 -33.85 27.75 -6.72
C ARG E 46 -34.91 28.77 -6.37
N VAL E 47 -35.12 28.97 -5.07
CA VAL E 47 -35.96 30.07 -4.59
C VAL E 47 -35.12 30.88 -3.62
N GLY E 48 -35.01 32.19 -3.87
CA GLY E 48 -34.10 32.99 -3.08
C GLY E 48 -32.70 32.48 -3.32
N ASP E 49 -31.99 32.16 -2.25
CA ASP E 49 -30.64 31.56 -2.38
C ASP E 49 -30.64 30.07 -2.06
N THR E 50 -31.80 29.44 -2.08
CA THR E 50 -31.91 28.05 -1.65
C THR E 50 -32.12 27.14 -2.85
N ALA E 51 -31.19 26.21 -3.08
CA ALA E 51 -31.23 25.34 -4.24
C ALA E 51 -31.54 23.90 -3.86
N THR E 52 -32.44 23.27 -4.60
CA THR E 52 -32.73 21.86 -4.39
C THR E 52 -32.44 21.13 -5.69
N ILE E 53 -31.64 20.06 -5.62
CA ILE E 53 -31.30 19.31 -6.82
C ILE E 53 -31.80 17.87 -6.78
N HIS E 54 -32.17 17.36 -7.95
CA HIS E 54 -32.51 15.95 -8.12
C HIS E 54 -31.79 15.39 -9.34
N ILE E 55 -30.87 14.46 -9.12
CA ILE E 55 -30.13 13.84 -10.21
C ILE E 55 -30.44 12.37 -10.23
N HIS E 56 -30.73 11.84 -11.41
CA HIS E 56 -30.86 10.41 -11.61
C HIS E 56 -30.08 10.05 -12.88
N LEU E 57 -29.25 9.01 -12.80
CA LEU E 57 -28.50 8.55 -13.97
C LEU E 57 -28.50 7.04 -14.06
N VAL E 58 -28.70 6.52 -15.27
CA VAL E 58 -28.68 5.09 -15.49
C VAL E 58 -27.78 4.76 -16.69
N GLY E 59 -27.05 3.65 -16.61
CA GLY E 59 -26.18 3.26 -17.70
C GLY E 59 -25.99 1.77 -17.75
N ALA E 60 -25.88 1.20 -18.95
CA ALA E 60 -25.75 -0.24 -19.09
C ALA E 60 -24.35 -0.75 -18.73
N ALA E 61 -23.34 0.10 -18.95
CA ALA E 61 -21.96 -0.30 -18.67
C ALA E 61 -21.23 0.73 -17.85
N LEU E 62 -20.58 0.25 -16.79
CA LEU E 62 -19.73 1.08 -15.93
C LEU E 62 -18.66 1.80 -16.74
N PRO E 63 -18.31 3.03 -16.33
CA PRO E 63 -17.20 3.74 -16.95
C PRO E 63 -15.88 3.04 -16.67
N ALA E 64 -14.87 3.33 -17.49
CA ALA E 64 -13.51 2.86 -17.23
C ALA E 64 -13.08 3.32 -15.85
N ALA E 65 -12.35 2.48 -15.14
CA ALA E 65 -11.88 2.80 -13.79
C ALA E 65 -11.11 4.13 -13.71
N ALA E 66 -11.47 4.95 -12.72
CA ALA E 66 -10.85 6.24 -12.46
C ALA E 66 -11.13 6.60 -11.00
N PRO E 67 -10.19 7.28 -10.33
CA PRO E 67 -10.32 7.57 -8.89
C PRO E 67 -11.43 8.55 -8.53
N SER E 68 -11.79 9.44 -9.45
CA SER E 68 -12.81 10.45 -9.18
C SER E 68 -13.98 10.35 -10.15
N THR E 69 -15.19 10.27 -9.60
CA THR E 69 -16.43 10.18 -10.39
C THR E 69 -17.29 11.41 -10.11
N ARG E 70 -17.53 12.22 -11.15
CA ARG E 70 -18.09 13.56 -10.95
C ARG E 70 -19.32 13.82 -11.78
N ILE E 71 -20.18 14.71 -11.28
CA ILE E 71 -21.32 15.16 -12.05
C ILE E 71 -21.24 16.67 -12.21
N TYR E 72 -21.24 17.13 -13.47
CA TYR E 72 -21.26 18.56 -13.79
C TYR E 72 -22.64 18.97 -14.32
N GLY E 73 -22.98 20.25 -14.15
CA GLY E 73 -24.25 20.75 -14.67
C GLY E 73 -24.44 22.22 -14.37
N ASN E 74 -25.59 22.75 -14.77
CA ASN E 74 -25.89 24.16 -14.57
C ASN E 74 -26.73 24.41 -13.31
N PHE E 75 -26.72 23.46 -12.38
CA PHE E 75 -27.38 23.68 -11.09
C PHE E 75 -26.70 24.86 -10.36
N PRO E 76 -27.44 25.51 -9.44
CA PRO E 76 -26.87 26.66 -8.74
C PRO E 76 -25.56 26.29 -8.03
N PRO E 77 -24.51 27.12 -8.20
CA PRO E 77 -23.23 26.80 -7.56
C PRO E 77 -23.28 26.97 -6.05
N LEU E 78 -22.79 25.94 -5.34
CA LEU E 78 -22.72 25.98 -3.90
C LEU E 78 -21.98 27.19 -3.35
N ARG E 79 -22.61 27.88 -2.39
CA ARG E 79 -21.92 28.93 -1.65
C ARG E 79 -21.01 28.33 -0.56
N ILE E 80 -19.71 28.47 -0.73
CA ILE E 80 -18.76 28.04 0.30
C ILE E 80 -17.41 28.71 0.05
N THR E 81 -16.73 29.06 1.14
CA THR E 81 -15.38 29.60 1.04
C THR E 81 -14.48 28.60 0.31
N PRO E 82 -13.80 29.04 -0.76
CA PRO E 82 -12.83 28.16 -1.41
C PRO E 82 -11.73 27.74 -0.43
N SER E 83 -11.37 26.46 -0.44
CA SER E 83 -10.37 25.94 0.47
C SER E 83 -9.07 25.73 -0.28
N SER E 84 -8.09 25.14 0.40
CA SER E 84 -6.75 24.93 -0.16
C SER E 84 -6.77 24.17 -1.48
N ALA E 85 -5.97 24.62 -2.44
CA ALA E 85 -5.86 23.92 -3.72
C ALA E 85 -5.11 22.59 -3.59
N LEU E 86 -4.50 22.33 -2.44
CA LEU E 86 -3.70 21.12 -2.24
C LEU E 86 -4.55 19.89 -1.90
N ALA E 87 -5.85 20.10 -1.69
CA ALA E 87 -6.77 19.00 -1.39
C ALA E 87 -8.10 19.26 -2.08
N ALA E 88 -8.98 18.27 -2.10
CA ALA E 88 -10.30 18.47 -2.69
C ALA E 88 -10.96 19.68 -2.03
N GLN E 89 -11.69 20.47 -2.82
CA GLN E 89 -12.42 21.60 -2.28
C GLN E 89 -13.41 21.16 -1.21
N HIS E 90 -13.55 21.95 -0.15
CA HIS E 90 -14.58 21.70 0.86
C HIS E 90 -15.95 21.73 0.21
N GLY E 91 -16.83 20.83 0.63
CA GLY E 91 -18.17 20.78 0.08
C GLY E 91 -19.16 20.29 1.11
N VAL E 92 -20.39 20.06 0.66
CA VAL E 92 -21.45 19.58 1.55
C VAL E 92 -21.66 18.10 1.30
N ILE E 93 -21.58 17.29 2.35
CA ILE E 93 -21.71 15.84 2.15
C ILE E 93 -23.16 15.45 2.37
N VAL E 94 -23.73 14.73 1.40
CA VAL E 94 -25.10 14.26 1.48
C VAL E 94 -25.14 12.76 1.23
N PRO E 95 -26.19 12.07 1.74
CA PRO E 95 -26.37 10.67 1.32
C PRO E 95 -26.79 10.59 -0.14
N MET E 96 -26.67 9.43 -0.77
CA MET E 96 -27.27 9.21 -2.08
C MET E 96 -27.81 7.79 -2.19
N GLN E 97 -28.55 7.55 -3.26
CA GLN E 97 -29.31 6.32 -3.44
C GLN E 97 -28.75 5.51 -4.60
N TYR E 98 -28.61 4.20 -4.40
CA TYR E 98 -28.25 3.29 -5.49
C TYR E 98 -29.38 2.30 -5.80
N TYR E 99 -29.74 2.19 -7.07
CA TYR E 99 -30.71 1.20 -7.53
C TYR E 99 -29.99 -0.07 -8.00
N VAL E 100 -28.76 0.09 -8.48
CA VAL E 100 -27.87 -1.04 -8.75
C VAL E 100 -26.70 -0.96 -7.77
N ALA E 101 -26.37 -2.08 -7.12
CA ALA E 101 -25.43 -2.08 -5.99
C ALA E 101 -24.02 -1.66 -6.39
N PRO E 102 -23.41 -0.75 -5.62
CA PRO E 102 -22.00 -0.38 -5.82
C PRO E 102 -21.08 -1.27 -4.99
N THR E 103 -19.78 -0.99 -5.03
CA THR E 103 -18.87 -1.58 -4.05
C THR E 103 -18.33 -0.46 -3.16
N LEU E 104 -18.77 -0.44 -1.90
CA LEU E 104 -18.35 0.59 -0.95
C LEU E 104 -17.43 0.02 0.11
N PRO E 105 -16.59 0.87 0.72
CA PRO E 105 -15.76 0.41 1.85
C PRO E 105 -16.61 -0.14 2.99
N VAL E 106 -16.10 -1.14 3.70
CA VAL E 106 -16.86 -1.76 4.78
C VAL E 106 -17.26 -0.73 5.85
N GLY E 107 -18.52 -0.77 6.25
CA GLY E 107 -19.00 0.11 7.30
C GLY E 107 -19.44 1.48 6.82
N SER E 108 -19.18 1.82 5.56
CA SER E 108 -19.49 3.16 5.07
C SER E 108 -20.91 3.24 4.47
N SER E 109 -21.41 4.46 4.30
CA SER E 109 -22.68 4.68 3.64
C SER E 109 -22.47 5.38 2.29
N ALA E 110 -23.40 5.19 1.37
CA ALA E 110 -23.34 5.85 0.05
C ALA E 110 -23.51 7.35 0.24
N ALA E 111 -22.62 8.14 -0.36
CA ALA E 111 -22.64 9.57 -0.16
C ALA E 111 -22.18 10.34 -1.40
N ALA E 112 -22.45 11.64 -1.43
CA ALA E 112 -21.93 12.51 -2.48
C ALA E 112 -21.36 13.78 -1.86
N ARG E 113 -20.35 14.35 -2.51
CA ARG E 113 -19.75 15.59 -2.03
C ARG E 113 -20.13 16.70 -2.99
N ILE E 114 -20.96 17.63 -2.54
CA ILE E 114 -21.37 18.73 -3.39
C ILE E 114 -20.38 19.87 -3.25
N GLU E 115 -19.74 20.22 -4.36
CA GLU E 115 -18.80 21.33 -4.41
C GLU E 115 -19.35 22.42 -5.33
N THR E 116 -18.75 23.59 -5.27
CA THR E 116 -19.12 24.68 -6.15
C THR E 116 -18.97 24.28 -7.62
N GLY E 117 -17.94 23.48 -7.92
CA GLY E 117 -17.61 23.16 -9.30
C GLY E 117 -18.29 21.92 -9.89
N PHE E 118 -18.65 20.98 -9.01
CA PHE E 118 -19.22 19.70 -9.43
C PHE E 118 -19.63 18.91 -8.19
N ILE E 119 -20.25 17.77 -8.43
CA ILE E 119 -20.67 16.86 -7.36
C ILE E 119 -19.93 15.54 -7.49
N GLU E 120 -19.34 15.05 -6.41
CA GLU E 120 -18.49 13.86 -6.50
C GLU E 120 -19.11 12.68 -5.74
N LEU E 121 -19.12 11.50 -6.36
CA LEU E 121 -19.66 10.28 -5.74
C LEU E 121 -18.64 9.69 -4.77
N GLY E 122 -19.11 9.19 -3.63
CA GLY E 122 -18.22 8.58 -2.68
C GLY E 122 -18.90 7.83 -1.56
N SER E 123 -18.22 7.74 -0.43
CA SER E 123 -18.77 7.03 0.71
C SER E 123 -18.42 7.77 1.99
N LEU E 124 -19.14 7.44 3.05
CA LEU E 124 -19.09 8.22 4.28
C LEU E 124 -18.90 7.32 5.48
N LEU E 125 -17.88 7.62 6.27
CA LEU E 125 -17.54 6.86 7.47
C LEU E 125 -16.99 7.79 8.55
N ASN E 126 -17.60 7.76 9.72
CA ASN E 126 -17.19 8.64 10.84
C ASN E 126 -17.08 10.11 10.45
N GLY E 127 -18.01 10.55 9.62
CA GLY E 127 -18.07 11.95 9.23
C GLY E 127 -17.14 12.30 8.08
N ALA E 128 -16.34 11.33 7.63
CA ALA E 128 -15.35 11.60 6.57
C ALA E 128 -15.78 11.07 5.21
N PHE E 129 -15.62 11.89 4.17
CA PHE E 129 -15.97 11.49 2.80
C PHE E 129 -14.76 10.93 2.06
N THR E 130 -14.93 9.79 1.40
CA THR E 130 -13.92 9.18 0.54
C THR E 130 -14.48 9.03 -0.88
N PRO E 131 -13.78 9.58 -1.90
CA PRO E 131 -14.27 9.45 -3.28
C PRO E 131 -14.40 7.98 -3.70
N LEU E 132 -15.40 7.67 -4.53
CA LEU E 132 -15.59 6.31 -5.03
C LEU E 132 -15.11 6.19 -6.48
N ALA E 133 -14.30 5.17 -6.76
CA ALA E 133 -13.76 4.97 -8.11
C ALA E 133 -14.88 4.60 -9.11
N ALA E 134 -14.71 5.03 -10.35
CA ALA E 134 -15.78 4.96 -11.34
C ALA E 134 -16.17 3.51 -11.73
N ASN E 135 -15.26 2.55 -11.54
CA ASN E 135 -15.62 1.17 -11.87
C ASN E 135 -16.36 0.48 -10.72
N LEU E 136 -16.64 1.22 -9.65
CA LEU E 136 -17.26 0.64 -8.44
C LEU E 136 -18.63 1.25 -8.12
N ILE E 137 -19.14 2.11 -9.00
CA ILE E 137 -20.42 2.80 -8.76
C ILE E 137 -21.64 1.97 -9.22
N GLY E 138 -21.42 0.68 -9.45
CA GLY E 138 -22.52 -0.18 -9.86
C GLY E 138 -22.05 -1.61 -9.98
N THR E 139 -22.91 -2.45 -10.55
CA THR E 139 -22.61 -3.85 -10.82
C THR E 139 -22.94 -4.11 -12.28
N VAL E 140 -21.90 -4.28 -13.09
CA VAL E 140 -21.99 -4.34 -14.58
C VAL E 140 -22.39 -2.99 -15.17
N GLY E 141 -23.59 -2.51 -14.82
CA GLY E 141 -24.01 -1.18 -15.18
C GLY E 141 -24.22 -0.35 -13.93
N TYR E 142 -24.99 0.72 -14.02
CA TYR E 142 -25.22 1.57 -12.85
C TYR E 142 -26.59 2.25 -12.90
N GLU E 143 -27.08 2.66 -11.73
CA GLU E 143 -28.28 3.49 -11.64
C GLU E 143 -28.31 4.09 -10.24
N PHE E 144 -28.26 5.42 -10.18
CA PHE E 144 -28.20 6.07 -8.88
C PHE E 144 -28.93 7.41 -8.88
N ALA E 145 -29.22 7.92 -7.69
CA ALA E 145 -29.84 9.24 -7.57
C ALA E 145 -29.20 10.04 -6.45
N ILE E 146 -29.18 11.37 -6.63
CA ILE E 146 -28.64 12.27 -5.63
C ILE E 146 -29.67 13.38 -5.39
N ASP E 147 -30.04 13.57 -4.13
CA ASP E 147 -31.04 14.55 -3.73
C ASP E 147 -30.51 15.44 -2.63
N ALA E 148 -30.57 16.75 -2.82
CA ALA E 148 -29.96 17.65 -1.85
C ALA E 148 -30.52 19.05 -1.89
N THR E 149 -30.41 19.75 -0.76
CA THR E 149 -30.72 21.18 -0.68
C THR E 149 -29.53 21.92 -0.05
N TYR E 150 -29.13 23.03 -0.66
CA TYR E 150 -27.97 23.78 -0.18
C TYR E 150 -28.12 25.25 -0.61
N ALA E 151 -27.31 26.12 -0.02
CA ALA E 151 -27.36 27.54 -0.37
C ALA E 151 -26.46 27.82 -1.57
N ALA E 152 -26.96 28.64 -2.48
CA ALA E 152 -26.25 29.00 -3.71
C ALA E 152 -25.57 30.36 -3.63
N GLN E 153 -24.53 30.53 -4.45
CA GLN E 153 -23.83 31.80 -4.60
C GLN E 153 -24.68 32.83 -5.34
N VAL F 7 39.07 -4.16 -17.46
CA VAL F 7 39.89 -3.34 -16.58
C VAL F 7 40.43 -2.14 -17.36
N PRO F 8 39.98 -0.94 -16.98
CA PRO F 8 40.38 0.28 -17.70
C PRO F 8 41.84 0.67 -17.47
N THR F 9 42.38 1.40 -18.43
CA THR F 9 43.70 2.00 -18.25
C THR F 9 43.54 3.52 -18.25
N VAL F 10 44.54 4.22 -17.76
CA VAL F 10 44.54 5.68 -17.83
C VAL F 10 45.79 6.14 -18.55
N THR F 11 45.61 7.10 -19.45
CA THR F 11 46.70 7.67 -20.24
C THR F 11 46.57 9.18 -20.28
N THR F 12 47.61 9.89 -19.85
CA THR F 12 47.58 11.34 -19.83
C THR F 12 48.83 11.88 -20.50
N ARG F 13 48.66 12.59 -21.60
CA ARG F 13 49.81 13.03 -22.39
C ARG F 13 49.65 14.45 -22.90
N ALA F 14 50.73 15.22 -22.81
CA ALA F 14 50.78 16.51 -23.47
C ALA F 14 50.78 16.26 -24.98
N PHE F 15 50.29 17.22 -25.75
CA PHE F 15 50.40 17.10 -27.21
C PHE F 15 50.52 18.48 -27.81
N LEU F 16 50.93 18.52 -29.08
CA LEU F 16 51.17 19.76 -29.78
C LEU F 16 50.09 19.94 -30.83
N PRO F 17 49.04 20.71 -30.49
CA PRO F 17 47.95 20.92 -31.44
C PRO F 17 48.44 21.58 -32.73
N ARG F 18 47.91 21.11 -33.86
CA ARG F 18 48.20 21.67 -35.17
C ARG F 18 47.03 22.52 -35.65
N LEU F 19 47.26 23.81 -35.85
CA LEU F 19 46.25 24.72 -36.40
C LEU F 19 46.33 24.70 -37.91
N ALA F 20 45.21 24.45 -38.57
CA ALA F 20 45.16 24.39 -40.02
C ALA F 20 43.87 25.01 -40.56
N THR F 21 43.94 25.53 -41.78
CA THR F 21 42.74 26.09 -42.40
C THR F 21 42.38 25.30 -43.65
N ALA F 22 41.12 25.40 -44.08
CA ALA F 22 40.68 24.68 -45.27
C ALA F 22 39.64 25.47 -46.06
N ALA F 23 39.45 25.08 -47.31
CA ALA F 23 38.56 25.77 -48.24
C ALA F 23 37.09 25.59 -47.89
N ASP F 24 36.79 24.53 -47.15
CA ASP F 24 35.43 24.28 -46.65
C ASP F 24 35.51 23.36 -45.43
N SER F 25 34.36 22.93 -44.92
CA SER F 25 34.32 22.12 -43.70
C SER F 25 34.37 20.60 -43.98
N ILE F 26 34.63 20.23 -45.22
CA ILE F 26 34.62 18.83 -45.60
C ILE F 26 35.97 18.30 -46.10
N THR F 27 36.67 19.12 -46.88
CA THR F 27 37.87 18.68 -47.60
C THR F 27 38.97 18.13 -46.69
N SER F 28 39.81 17.24 -47.23
CA SER F 28 40.96 16.73 -46.50
C SER F 28 42.25 17.46 -46.92
N THR F 29 42.08 18.47 -47.77
CA THR F 29 43.15 19.37 -48.12
C THR F 29 43.17 20.54 -47.14
N THR F 30 44.29 20.73 -46.44
CA THR F 30 44.39 21.80 -45.46
C THR F 30 45.72 22.49 -45.53
N THR F 31 45.76 23.72 -45.04
CA THR F 31 46.99 24.48 -44.93
C THR F 31 47.38 24.65 -43.47
N THR F 32 48.57 24.17 -43.10
CA THR F 32 49.06 24.30 -41.74
C THR F 32 49.55 25.70 -41.43
N ILE F 33 49.07 26.28 -40.33
CA ILE F 33 49.49 27.59 -39.88
C ILE F 33 50.74 27.46 -39.01
N ALA F 34 51.77 28.27 -39.30
CA ALA F 34 52.99 28.23 -38.51
C ALA F 34 52.76 28.87 -37.14
N LEU F 35 53.12 28.16 -36.08
CA LEU F 35 52.80 28.60 -34.74
C LEU F 35 53.94 29.38 -34.09
N ASP F 36 53.59 30.42 -33.33
CA ASP F 36 54.53 31.08 -32.45
C ASP F 36 54.90 30.15 -31.30
N PRO F 37 55.89 30.55 -30.47
CA PRO F 37 56.09 29.82 -29.23
C PRO F 37 54.82 29.84 -28.35
N GLN F 38 54.44 28.68 -27.85
CA GLN F 38 53.26 28.55 -27.01
C GLN F 38 53.58 28.78 -25.54
N THR F 39 52.57 29.18 -24.76
CA THR F 39 52.79 29.59 -23.39
C THR F 39 52.04 28.70 -22.39
N GLU F 40 51.11 27.91 -22.89
CA GLU F 40 50.30 27.06 -22.02
C GLU F 40 50.24 25.67 -22.61
N GLN F 41 50.45 24.64 -21.79
CA GLN F 41 50.52 23.28 -22.29
C GLN F 41 49.16 22.77 -22.75
N SER F 42 49.11 22.14 -23.92
CA SER F 42 47.91 21.40 -24.32
C SER F 42 48.10 19.93 -23.98
N TYR F 43 47.00 19.24 -23.68
CA TYR F 43 47.10 17.87 -23.23
C TYR F 43 45.77 17.15 -23.42
N TRP F 44 45.82 15.83 -23.32
CA TRP F 44 44.59 15.06 -23.24
C TRP F 44 44.75 13.92 -22.24
N THR F 45 43.63 13.45 -21.71
CA THR F 45 43.65 12.23 -20.91
C THR F 45 42.52 11.30 -21.36
N ARG F 46 42.78 10.01 -21.25
CA ARG F 46 41.79 9.00 -21.55
C ARG F 46 41.80 7.96 -20.45
N VAL F 47 40.63 7.74 -19.85
CA VAL F 47 40.47 6.66 -18.89
C VAL F 47 39.26 5.85 -19.34
N GLY F 48 39.44 4.54 -19.49
CA GLY F 48 38.44 3.72 -20.16
C GLY F 48 38.20 4.28 -21.57
N ASP F 49 36.94 4.56 -21.89
CA ASP F 49 36.62 5.16 -23.18
C ASP F 49 36.28 6.65 -23.04
N THR F 50 36.72 7.26 -21.95
CA THR F 50 36.35 8.65 -21.67
C THR F 50 37.54 9.59 -21.86
N ALA F 51 37.42 10.50 -22.82
CA ALA F 51 38.50 11.40 -23.17
C ALA F 51 38.23 12.82 -22.73
N THR F 52 39.24 13.45 -22.14
CA THR F 52 39.17 14.86 -21.79
C THR F 52 40.33 15.59 -22.46
N ILE F 53 40.03 16.68 -23.16
CA ILE F 53 41.08 17.44 -23.84
C ILE F 53 41.19 18.86 -23.33
N HIS F 54 42.43 19.38 -23.37
CA HIS F 54 42.66 20.77 -23.07
C HIS F 54 43.58 21.37 -24.12
N ILE F 55 43.09 22.39 -24.83
CA ILE F 55 43.86 23.00 -25.91
C ILE F 55 43.96 24.48 -25.68
N HIS F 56 45.16 25.03 -25.87
CA HIS F 56 45.37 26.45 -25.78
C HIS F 56 46.32 26.83 -26.91
N LEU F 57 46.00 27.91 -27.61
CA LEU F 57 46.88 28.39 -28.68
C LEU F 57 46.94 29.91 -28.65
N VAL F 58 48.13 30.47 -28.88
CA VAL F 58 48.27 31.92 -28.93
C VAL F 58 49.11 32.23 -30.15
N GLY F 59 48.84 33.35 -30.80
CA GLY F 59 49.57 33.74 -32.00
C GLY F 59 49.53 35.25 -32.17
N ALA F 60 50.62 35.83 -32.70
CA ALA F 60 50.71 37.28 -32.81
C ALA F 60 49.92 37.80 -34.00
N ALA F 61 49.78 36.98 -35.02
CA ALA F 61 49.10 37.38 -36.25
C ALA F 61 48.11 36.34 -36.73
N LEU F 62 46.88 36.80 -36.96
CA LEU F 62 45.82 35.98 -37.54
C LEU F 62 46.21 35.32 -38.86
N PRO F 63 45.68 34.11 -39.10
CA PRO F 63 45.85 33.45 -40.40
C PRO F 63 45.13 34.19 -41.53
N ALA F 64 45.54 33.88 -42.76
CA ALA F 64 44.83 34.37 -43.93
C ALA F 64 43.43 33.79 -43.95
N ALA F 65 42.48 34.58 -44.45
CA ALA F 65 41.08 34.17 -44.53
C ALA F 65 40.88 32.81 -45.18
N ALA F 66 40.07 32.00 -44.53
CA ALA F 66 39.67 30.68 -45.02
C ALA F 66 38.40 30.32 -44.28
N PRO F 67 37.46 29.63 -44.94
CA PRO F 67 36.15 29.39 -44.33
C PRO F 67 36.18 28.39 -43.17
N SER F 68 37.22 27.56 -43.10
CA SER F 68 37.28 26.52 -42.08
C SER F 68 38.57 26.60 -41.29
N THR F 69 38.44 26.57 -39.97
CA THR F 69 39.57 26.74 -39.06
C THR F 69 39.59 25.53 -38.14
N ARG F 70 40.65 24.72 -38.24
CA ARG F 70 40.68 23.41 -37.61
C ARG F 70 41.86 23.20 -36.67
N ILE F 71 41.64 22.34 -35.68
CA ILE F 71 42.72 21.87 -34.80
C ILE F 71 42.88 20.36 -34.97
N TYR F 72 44.10 19.92 -35.23
CA TYR F 72 44.42 18.51 -35.37
C TYR F 72 45.37 18.08 -34.27
N GLY F 73 45.29 16.81 -33.87
CA GLY F 73 46.18 16.28 -32.86
C GLY F 73 45.89 14.82 -32.62
N ASN F 74 46.67 14.21 -31.74
CA ASN F 74 46.50 12.79 -31.48
C ASN F 74 45.59 12.51 -30.26
N PHE F 75 44.74 13.47 -29.91
CA PHE F 75 43.71 13.21 -28.87
C PHE F 75 42.85 12.02 -29.29
N PRO F 76 42.26 11.31 -28.32
CA PRO F 76 41.43 10.14 -28.65
C PRO F 76 40.32 10.49 -29.64
N PRO F 77 40.18 9.73 -30.73
CA PRO F 77 39.19 10.11 -31.73
C PRO F 77 37.76 9.90 -31.25
N LEU F 78 36.93 10.92 -31.44
CA LEU F 78 35.53 10.86 -31.03
C LEU F 78 34.79 9.66 -31.58
N ARG F 79 34.05 8.97 -30.70
CA ARG F 79 33.13 7.94 -31.13
C ARG F 79 31.80 8.54 -31.63
N ILE F 80 31.53 8.40 -32.93
CA ILE F 80 30.24 8.84 -33.48
C ILE F 80 30.04 8.19 -34.85
N THR F 81 28.81 7.79 -35.15
CA THR F 81 28.48 7.24 -36.47
C THR F 81 28.88 8.25 -37.54
N PRO F 82 29.69 7.83 -38.53
CA PRO F 82 30.00 8.75 -39.62
C PRO F 82 28.73 9.16 -40.38
N SER F 83 28.61 10.45 -40.69
CA SER F 83 27.45 10.97 -41.41
C SER F 83 27.78 11.20 -42.89
N SER F 84 26.84 11.83 -43.60
CA SER F 84 27.00 12.04 -45.04
C SER F 84 28.26 12.79 -45.43
N ALA F 85 28.98 12.27 -46.42
CA ALA F 85 30.21 12.93 -46.89
C ALA F 85 29.92 14.25 -47.63
N LEU F 86 28.66 14.51 -47.91
CA LEU F 86 28.25 15.73 -48.64
C LEU F 86 28.16 16.96 -47.74
N ALA F 87 28.18 16.77 -46.43
CA ALA F 87 28.23 17.88 -45.49
C ALA F 87 29.29 17.61 -44.42
N ALA F 88 29.55 18.61 -43.58
CA ALA F 88 30.48 18.43 -42.47
C ALA F 88 30.05 17.24 -41.62
N GLN F 89 31.03 16.46 -41.15
CA GLN F 89 30.73 15.31 -40.30
C GLN F 89 29.99 15.76 -39.03
N HIS F 90 29.02 14.97 -38.60
CA HIS F 90 28.37 15.23 -37.31
C HIS F 90 29.43 15.20 -36.22
N GLY F 91 29.28 16.06 -35.22
CA GLY F 91 30.21 16.07 -34.13
C GLY F 91 29.56 16.55 -32.85
N VAL F 92 30.39 16.79 -31.84
CA VAL F 92 29.93 17.26 -30.54
C VAL F 92 30.26 18.74 -30.41
N ILE F 93 29.22 19.54 -30.15
CA ILE F 93 29.44 20.97 -30.00
C ILE F 93 29.72 21.32 -28.55
N VAL F 94 30.79 22.07 -28.32
CA VAL F 94 31.15 22.55 -27.00
C VAL F 94 31.40 24.05 -27.04
N PRO F 95 31.28 24.72 -25.89
CA PRO F 95 31.70 26.11 -25.85
C PRO F 95 33.23 26.20 -25.93
N MET F 96 33.77 27.37 -26.22
CA MET F 96 35.21 27.59 -26.08
C MET F 96 35.50 29.00 -25.59
N GLN F 97 36.75 29.25 -25.23
CA GLN F 97 37.14 30.48 -24.55
C GLN F 97 38.06 31.31 -25.42
N TYR F 98 37.83 32.61 -25.48
CA TYR F 98 38.70 33.54 -26.21
C TYR F 98 39.34 34.53 -25.25
N TYR F 99 40.67 34.64 -25.32
CA TYR F 99 41.41 35.62 -24.55
C TYR F 99 41.62 36.90 -25.36
N VAL F 100 41.65 36.75 -26.67
CA VAL F 100 41.62 37.89 -27.58
C VAL F 100 40.30 37.83 -28.37
N ALA F 101 39.57 38.95 -28.44
CA ALA F 101 38.21 38.93 -28.96
C ALA F 101 38.14 38.54 -30.43
N PRO F 102 37.27 37.57 -30.76
CA PRO F 102 36.99 37.17 -32.14
C PRO F 102 35.89 38.05 -32.72
N THR F 103 35.51 37.80 -33.97
CA THR F 103 34.30 38.40 -34.53
C THR F 103 33.30 37.28 -34.80
N LEU F 104 32.24 37.22 -33.96
CA LEU F 104 31.22 36.18 -34.06
C LEU F 104 29.92 36.74 -34.63
N PRO F 105 29.09 35.87 -35.24
CA PRO F 105 27.75 36.34 -35.65
C PRO F 105 26.94 36.88 -34.46
N VAL F 106 26.09 37.88 -34.71
CA VAL F 106 25.26 38.47 -33.66
C VAL F 106 24.41 37.44 -32.93
N GLY F 107 24.40 37.52 -31.61
CA GLY F 107 23.59 36.62 -30.80
C GLY F 107 24.23 35.27 -30.53
N SER F 108 25.34 34.97 -31.21
CA SER F 108 25.94 33.64 -31.06
C SER F 108 26.96 33.56 -29.92
N SER F 109 27.24 32.32 -29.49
CA SER F 109 28.30 32.07 -28.50
C SER F 109 29.50 31.40 -29.15
N ALA F 110 30.67 31.58 -28.54
CA ALA F 110 31.89 30.94 -29.00
C ALA F 110 31.78 29.42 -28.84
N ALA F 111 32.09 28.68 -29.91
CA ALA F 111 31.94 27.22 -29.87
C ALA F 111 32.98 26.48 -30.73
N ALA F 112 33.06 25.17 -30.48
CA ALA F 112 33.89 24.29 -31.30
C ALA F 112 33.11 23.02 -31.64
N ARG F 113 33.34 22.49 -32.83
CA ARG F 113 32.71 21.24 -33.22
C ARG F 113 33.79 20.17 -33.18
N ILE F 114 33.67 19.26 -32.22
CA ILE F 114 34.60 18.14 -32.12
C ILE F 114 34.13 17.03 -33.05
N GLU F 115 34.99 16.67 -34.00
CA GLU F 115 34.71 15.56 -34.90
C GLU F 115 35.75 14.45 -34.68
N THR F 116 35.51 13.29 -35.26
CA THR F 116 36.47 12.19 -35.16
C THR F 116 37.83 12.63 -35.72
N GLY F 117 37.82 13.43 -36.78
CA GLY F 117 39.05 13.77 -37.49
C GLY F 117 39.78 15.03 -37.10
N PHE F 118 39.07 15.98 -36.47
CA PHE F 118 39.63 17.26 -36.05
C PHE F 118 38.59 18.04 -35.26
N ILE F 119 38.99 19.19 -34.74
CA ILE F 119 38.09 20.06 -34.01
C ILE F 119 37.97 21.36 -34.80
N GLU F 120 36.74 21.81 -35.07
CA GLU F 120 36.56 23.00 -35.90
C GLU F 120 36.04 24.18 -35.08
N LEU F 121 36.65 25.35 -35.24
CA LEU F 121 36.22 26.53 -34.50
C LEU F 121 34.98 27.14 -35.15
N GLY F 122 34.07 27.67 -34.32
CA GLY F 122 32.84 28.22 -34.85
C GLY F 122 32.02 28.97 -33.82
N SER F 123 30.72 29.08 -34.09
CA SER F 123 29.81 29.78 -33.19
C SER F 123 28.49 29.02 -33.13
N LEU F 124 27.69 29.32 -32.12
CA LEU F 124 26.51 28.52 -31.81
C LEU F 124 25.32 29.45 -31.58
N LEU F 125 24.22 29.14 -32.26
CA LEU F 125 22.99 29.92 -32.15
C LEU F 125 21.78 29.01 -32.34
N ASN F 126 20.88 29.01 -31.36
CA ASN F 126 19.72 28.12 -31.39
C ASN F 126 20.09 26.66 -31.65
N GLY F 127 21.20 26.23 -31.06
CA GLY F 127 21.62 24.84 -31.15
C GLY F 127 22.37 24.50 -32.43
N ALA F 128 22.50 25.45 -33.34
CA ALA F 128 23.14 25.20 -34.63
C ALA F 128 24.57 25.74 -34.66
N PHE F 129 25.51 24.91 -35.15
CA PHE F 129 26.91 25.31 -35.22
C PHE F 129 27.25 25.87 -36.60
N THR F 130 27.98 26.98 -36.62
CA THR F 130 28.44 27.59 -37.88
C THR F 130 29.96 27.77 -37.83
N PRO F 131 30.69 27.21 -38.80
CA PRO F 131 32.15 27.37 -38.85
C PRO F 131 32.57 28.82 -38.86
N LEU F 132 33.67 29.15 -38.16
CA LEU F 132 34.19 30.51 -38.09
C LEU F 132 35.41 30.67 -39.01
N ALA F 133 35.41 31.72 -39.84
CA ALA F 133 36.51 31.91 -40.79
C ALA F 133 37.83 32.25 -40.07
N ALA F 134 38.95 31.79 -40.64
CA ALA F 134 40.24 31.87 -39.97
C ALA F 134 40.72 33.29 -39.64
N ASN F 135 40.26 34.28 -40.40
CA ASN F 135 40.70 35.66 -40.15
C ASN F 135 39.89 36.34 -39.05
N LEU F 136 38.89 35.63 -38.54
CA LEU F 136 37.97 36.20 -37.56
C LEU F 136 38.15 35.61 -36.15
N ILE F 137 39.14 34.73 -35.98
CA ILE F 137 39.32 34.03 -34.69
C ILE F 137 40.10 34.84 -33.66
N GLY F 138 40.17 36.16 -33.86
CA GLY F 138 40.86 37.05 -32.94
C GLY F 138 40.84 38.49 -33.42
N THR F 139 41.67 39.32 -32.80
CA THR F 139 41.83 40.72 -33.17
C THR F 139 43.33 41.02 -33.31
N VAL F 140 43.76 41.27 -34.54
CA VAL F 140 45.19 41.35 -34.93
C VAL F 140 45.88 40.01 -34.80
N GLY F 141 45.94 39.49 -33.57
CA GLY F 141 46.44 38.16 -33.31
C GLY F 141 45.33 37.32 -32.67
N TYR F 142 45.68 36.20 -32.04
CA TYR F 142 44.66 35.33 -31.45
C TYR F 142 45.16 34.64 -30.19
N GLU F 143 44.22 34.23 -29.34
CA GLU F 143 44.51 33.39 -28.18
C GLU F 143 43.20 32.78 -27.72
N PHE F 144 43.15 31.45 -27.71
CA PHE F 144 41.91 30.76 -27.31
C PHE F 144 42.18 29.42 -26.65
N ALA F 145 41.14 28.86 -26.05
CA ALA F 145 41.25 27.57 -25.40
C ALA F 145 39.99 26.74 -25.64
N ILE F 146 40.17 25.42 -25.77
CA ILE F 146 39.05 24.51 -25.92
C ILE F 146 39.17 23.42 -24.87
N ASP F 147 38.10 23.25 -24.09
CA ASP F 147 38.05 22.22 -23.05
C ASP F 147 36.80 21.37 -23.22
N ALA F 148 36.97 20.05 -23.22
CA ALA F 148 35.85 19.15 -23.46
C ALA F 148 36.11 17.74 -22.98
N THR F 149 35.02 16.99 -22.78
CA THR F 149 35.07 15.57 -22.45
C THR F 149 34.08 14.84 -23.36
N TYR F 150 34.52 13.73 -23.95
CA TYR F 150 33.70 12.96 -24.88
C TYR F 150 34.16 11.51 -24.88
N ALA F 151 33.38 10.63 -25.52
CA ALA F 151 33.74 9.22 -25.59
C ALA F 151 34.57 8.94 -26.83
N ALA F 152 35.56 8.06 -26.67
CA ALA F 152 36.47 7.71 -27.78
C ALA F 152 36.12 6.33 -28.36
N GLN F 153 36.56 6.08 -29.60
CA GLN F 153 36.33 4.78 -30.21
C GLN F 153 37.36 3.79 -29.69
N VAL G 7 28.01 -21.19 -23.55
CA VAL G 7 27.40 -22.04 -24.58
C VAL G 7 26.50 -23.11 -23.98
N PRO G 8 25.23 -23.13 -24.39
CA PRO G 8 24.20 -24.03 -23.86
C PRO G 8 24.53 -25.51 -24.03
N THR G 9 24.13 -26.30 -23.04
CA THR G 9 24.07 -27.75 -23.19
C THR G 9 22.61 -28.17 -23.16
N VAL G 10 22.30 -29.35 -23.68
CA VAL G 10 20.97 -29.92 -23.53
C VAL G 10 21.11 -31.27 -22.83
N THR G 11 20.24 -31.51 -21.85
CA THR G 11 20.22 -32.75 -21.08
C THR G 11 18.79 -33.25 -20.95
N THR G 12 18.55 -34.47 -21.41
CA THR G 12 17.19 -35.03 -21.37
C THR G 12 17.21 -36.41 -20.71
N ARG G 13 16.44 -36.55 -19.63
CA ARG G 13 16.50 -37.76 -18.82
C ARG G 13 15.12 -38.25 -18.43
N ALA G 14 14.89 -39.56 -18.53
CA ALA G 14 13.77 -40.16 -17.81
C ALA G 14 14.09 -40.12 -16.32
N PHE G 15 13.06 -40.06 -15.47
CA PHE G 15 13.30 -40.17 -14.03
C PHE G 15 12.13 -40.85 -13.36
N LEU G 16 12.32 -41.22 -12.09
CA LEU G 16 11.28 -41.89 -11.32
C LEU G 16 10.76 -40.96 -10.24
N PRO G 17 9.62 -40.29 -10.51
CA PRO G 17 9.10 -39.38 -9.49
C PRO G 17 8.79 -40.13 -8.20
N ARG G 18 8.95 -39.47 -7.07
CA ARG G 18 8.59 -40.04 -5.80
C ARG G 18 7.39 -39.31 -5.19
N LEU G 19 6.29 -40.02 -5.04
CA LEU G 19 5.11 -39.49 -4.37
C LEU G 19 5.28 -39.56 -2.85
N ALA G 20 5.01 -38.46 -2.18
CA ALA G 20 5.20 -38.38 -0.73
C ALA G 20 4.18 -37.44 -0.11
N THR G 21 3.78 -37.73 1.13
CA THR G 21 2.85 -36.86 1.81
C THR G 21 3.49 -36.25 3.05
N ALA G 22 2.89 -35.18 3.57
CA ALA G 22 3.43 -34.50 4.74
C ALA G 22 2.35 -33.87 5.58
N ALA G 23 2.69 -33.52 6.83
CA ALA G 23 1.72 -33.02 7.79
C ALA G 23 1.29 -31.59 7.49
N ASP G 24 2.12 -30.86 6.74
CA ASP G 24 1.75 -29.54 6.26
C ASP G 24 2.59 -29.20 5.03
N SER G 25 2.50 -27.98 4.54
CA SER G 25 3.16 -27.61 3.29
C SER G 25 4.55 -26.99 3.51
N ILE G 26 5.03 -27.05 4.75
CA ILE G 26 6.29 -26.40 5.15
C ILE G 26 7.37 -27.39 5.51
N THR G 27 7.02 -28.37 6.34
CA THR G 27 7.98 -29.32 6.90
C THR G 27 8.73 -30.13 5.83
N SER G 28 9.96 -30.51 6.15
CA SER G 28 10.75 -31.37 5.28
C SER G 28 10.54 -32.86 5.60
N THR G 29 9.83 -33.12 6.70
CA THR G 29 9.52 -34.50 7.06
C THR G 29 8.37 -35.04 6.20
N THR G 30 8.62 -36.14 5.49
CA THR G 30 7.61 -36.70 4.60
C THR G 30 7.48 -38.22 4.77
N THR G 31 6.38 -38.76 4.25
CA THR G 31 6.16 -40.19 4.16
C THR G 31 6.11 -40.60 2.69
N THR G 32 6.99 -41.51 2.29
CA THR G 32 7.00 -41.98 0.92
C THR G 32 5.84 -42.94 0.66
N ILE G 33 5.16 -42.77 -0.46
CA ILE G 33 4.05 -43.65 -0.82
C ILE G 33 4.52 -44.74 -1.78
N ALA G 34 4.16 -45.99 -1.47
CA ALA G 34 4.59 -47.10 -2.31
C ALA G 34 3.87 -47.07 -3.65
N LEU G 35 4.63 -47.12 -4.74
CA LEU G 35 4.08 -47.00 -6.09
C LEU G 35 3.78 -48.34 -6.74
N ASP G 36 2.60 -48.42 -7.37
CA ASP G 36 2.29 -49.50 -8.31
C ASP G 36 3.24 -49.39 -9.52
N PRO G 37 3.27 -50.44 -10.36
CA PRO G 37 3.98 -50.32 -11.64
C PRO G 37 3.43 -49.17 -12.48
N GLN G 38 4.32 -48.39 -13.08
CA GLN G 38 3.89 -47.22 -13.84
C GLN G 38 3.68 -47.57 -15.31
N THR G 39 2.93 -46.74 -16.03
CA THR G 39 2.56 -47.05 -17.41
C THR G 39 3.04 -46.02 -18.43
N GLU G 40 3.46 -44.87 -17.95
CA GLU G 40 3.87 -43.77 -18.82
C GLU G 40 5.16 -43.19 -18.27
N GLN G 41 6.13 -42.99 -19.15
CA GLN G 41 7.43 -42.49 -18.71
C GLN G 41 7.38 -41.04 -18.24
N SER G 42 7.98 -40.77 -17.09
CA SER G 42 8.20 -39.41 -16.63
C SER G 42 9.62 -38.99 -17.02
N TYR G 43 9.79 -37.74 -17.37
CA TYR G 43 11.08 -37.26 -17.85
C TYR G 43 11.24 -35.76 -17.60
N TRP G 44 12.45 -35.27 -17.78
CA TRP G 44 12.67 -33.83 -17.83
C TRP G 44 13.76 -33.52 -18.84
N THR G 45 13.77 -32.28 -19.30
CA THR G 45 14.84 -31.82 -20.17
C THR G 45 15.25 -30.42 -19.73
N ARG G 46 16.55 -30.12 -19.90
CA ARG G 46 17.06 -28.81 -19.58
C ARG G 46 17.97 -28.36 -20.71
N VAL G 47 17.69 -27.18 -21.26
CA VAL G 47 18.55 -26.58 -22.27
C VAL G 47 18.84 -25.15 -21.79
N GLY G 48 20.13 -24.83 -21.66
CA GLY G 48 20.52 -23.61 -20.98
C GLY G 48 20.00 -23.64 -19.55
N ASP G 49 19.22 -22.62 -19.18
CA ASP G 49 18.60 -22.59 -17.86
C ASP G 49 17.10 -22.89 -17.90
N THR G 50 16.64 -23.51 -18.97
CA THR G 50 15.22 -23.74 -19.18
C THR G 50 14.88 -25.21 -19.02
N ALA G 51 14.05 -25.51 -18.02
CA ALA G 51 13.68 -26.88 -17.68
C ALA G 51 12.23 -27.19 -18.03
N THR G 52 12.00 -28.32 -18.69
CA THR G 52 10.65 -28.77 -19.01
C THR G 52 10.44 -30.14 -18.39
N ILE G 53 9.37 -30.30 -17.63
CA ILE G 53 9.14 -31.57 -16.95
C ILE G 53 7.83 -32.22 -17.42
N HIS G 54 7.81 -33.55 -17.40
CA HIS G 54 6.60 -34.31 -17.66
C HIS G 54 6.52 -35.42 -16.64
N ILE G 55 5.48 -35.36 -15.81
CA ILE G 55 5.27 -36.34 -14.75
C ILE G 55 3.94 -37.04 -14.99
N HIS G 56 3.93 -38.37 -14.92
CA HIS G 56 2.69 -39.14 -14.90
C HIS G 56 2.79 -40.18 -13.80
N LEU G 57 1.74 -40.29 -12.98
CA LEU G 57 1.68 -41.32 -11.95
C LEU G 57 0.28 -41.95 -11.91
N VAL G 58 0.25 -43.26 -11.69
CA VAL G 58 -0.99 -44.00 -11.57
C VAL G 58 -0.88 -44.93 -10.36
N GLY G 59 -2.00 -45.12 -9.65
CA GLY G 59 -2.02 -46.03 -8.52
C GLY G 59 -3.41 -46.53 -8.23
N ALA G 60 -3.52 -47.73 -7.68
CA ALA G 60 -4.82 -48.36 -7.47
C ALA G 60 -5.52 -47.87 -6.20
N ALA G 61 -4.75 -47.40 -5.23
CA ALA G 61 -5.32 -46.96 -3.96
C ALA G 61 -4.75 -45.62 -3.49
N LEU G 62 -5.65 -44.73 -3.08
CA LEU G 62 -5.27 -43.44 -2.52
C LEU G 62 -4.48 -43.57 -1.21
N PRO G 63 -3.48 -42.70 -1.02
CA PRO G 63 -2.72 -42.63 0.24
C PRO G 63 -3.63 -42.26 1.40
N ALA G 64 -3.22 -42.60 2.62
CA ALA G 64 -3.89 -42.16 3.83
C ALA G 64 -3.95 -40.64 3.90
N ALA G 65 -4.97 -40.11 4.58
CA ALA G 65 -5.22 -38.67 4.67
C ALA G 65 -4.04 -37.87 5.23
N ALA G 66 -3.66 -36.83 4.50
CA ALA G 66 -2.60 -35.91 4.91
C ALA G 66 -2.77 -34.62 4.11
N PRO G 67 -2.50 -33.46 4.74
CA PRO G 67 -2.77 -32.16 4.11
C PRO G 67 -1.89 -31.83 2.90
N SER G 68 -0.70 -32.42 2.82
CA SER G 68 0.24 -32.07 1.74
C SER G 68 0.60 -33.27 0.88
N THR G 69 0.47 -33.12 -0.43
CA THR G 69 0.79 -34.20 -1.36
C THR G 69 1.88 -33.74 -2.33
N ARG G 70 3.00 -34.45 -2.36
CA ARG G 70 4.20 -33.93 -3.04
C ARG G 70 4.83 -34.91 -4.03
N ILE G 71 5.53 -34.35 -5.01
CA ILE G 71 6.34 -35.12 -5.94
C ILE G 71 7.80 -34.69 -5.79
N TYR G 72 8.67 -35.66 -5.53
CA TYR G 72 10.11 -35.44 -5.44
C TYR G 72 10.81 -36.12 -6.60
N GLY G 73 11.96 -35.61 -6.99
CA GLY G 73 12.73 -36.21 -8.06
C GLY G 73 13.94 -35.36 -8.39
N ASN G 74 14.72 -35.81 -9.38
CA ASN G 74 15.96 -35.14 -9.75
C ASN G 74 15.81 -34.14 -10.90
N PHE G 75 14.59 -33.64 -11.10
CA PHE G 75 14.37 -32.58 -12.09
C PHE G 75 15.11 -31.32 -11.66
N PRO G 76 15.43 -30.44 -12.62
CA PRO G 76 16.20 -29.24 -12.29
C PRO G 76 15.49 -28.39 -11.24
N PRO G 77 16.22 -27.90 -10.23
CA PRO G 77 15.56 -27.15 -9.16
C PRO G 77 15.17 -25.75 -9.62
N LEU G 78 13.92 -25.37 -9.32
CA LEU G 78 13.39 -24.06 -9.71
C LEU G 78 14.24 -22.91 -9.20
N ARG G 79 14.54 -21.96 -10.07
CA ARG G 79 15.18 -20.71 -9.65
C ARG G 79 14.16 -19.73 -9.06
N ILE G 80 14.23 -19.48 -7.75
CA ILE G 80 13.38 -18.48 -7.11
C ILE G 80 13.97 -18.09 -5.76
N THR G 81 13.83 -16.83 -5.39
CA THR G 81 14.25 -16.36 -4.08
C THR G 81 13.52 -17.11 -2.97
N PRO G 82 14.26 -17.72 -2.04
CA PRO G 82 13.62 -18.39 -0.91
C PRO G 82 12.81 -17.40 -0.07
N SER G 83 11.60 -17.80 0.30
CA SER G 83 10.69 -16.94 1.02
C SER G 83 10.68 -17.35 2.50
N SER G 84 9.87 -16.66 3.30
CA SER G 84 9.83 -16.89 4.75
C SER G 84 9.61 -18.36 5.11
N ALA G 85 10.30 -18.81 6.15
CA ALA G 85 10.13 -20.18 6.63
C ALA G 85 8.81 -20.39 7.35
N LEU G 86 8.05 -19.32 7.56
CA LEU G 86 6.76 -19.42 8.27
C LEU G 86 5.58 -19.82 7.39
N ALA G 87 5.81 -19.95 6.09
CA ALA G 87 4.77 -20.36 5.16
C ALA G 87 5.38 -21.27 4.11
N ALA G 88 4.54 -21.89 3.29
CA ALA G 88 5.02 -22.67 2.15
C ALA G 88 5.93 -21.78 1.31
N GLN G 89 7.01 -22.37 0.78
CA GLN G 89 7.92 -21.60 -0.08
C GLN G 89 7.19 -21.11 -1.32
N HIS G 90 7.52 -19.89 -1.76
CA HIS G 90 6.99 -19.37 -3.01
C HIS G 90 7.38 -20.29 -4.14
N GLY G 91 6.45 -20.49 -5.08
CA GLY G 91 6.72 -21.36 -6.19
C GLY G 91 5.99 -20.92 -7.44
N VAL G 92 6.07 -21.74 -8.48
CA VAL G 92 5.40 -21.43 -9.74
C VAL G 92 4.14 -22.28 -9.85
N ILE G 93 2.99 -21.65 -10.05
CA ILE G 93 1.73 -22.39 -10.12
C ILE G 93 1.40 -22.75 -11.57
N VAL G 94 1.11 -24.02 -11.80
CA VAL G 94 0.76 -24.50 -13.15
C VAL G 94 -0.52 -25.33 -13.09
N PRO G 95 -1.25 -25.45 -14.22
CA PRO G 95 -2.35 -26.40 -14.20
C PRO G 95 -1.81 -27.83 -14.19
N MET G 96 -2.66 -28.80 -13.87
CA MET G 96 -2.30 -30.19 -14.07
C MET G 96 -3.51 -30.99 -14.53
N GLN G 97 -3.28 -32.24 -14.92
CA GLN G 97 -4.29 -33.04 -15.58
C GLN G 97 -4.65 -34.25 -14.71
N TYR G 98 -5.94 -34.56 -14.62
CA TYR G 98 -6.44 -35.75 -13.92
C TYR G 98 -7.17 -36.71 -14.87
N TYR G 99 -6.72 -37.97 -14.86
CA TYR G 99 -7.37 -39.04 -15.60
C TYR G 99 -8.40 -39.76 -14.76
N VAL G 100 -8.23 -39.67 -13.45
CA VAL G 100 -9.21 -40.18 -12.48
C VAL G 100 -9.60 -39.00 -11.59
N ALA G 101 -10.90 -38.78 -11.43
CA ALA G 101 -11.39 -37.54 -10.81
C ALA G 101 -10.96 -37.37 -9.36
N PRO G 102 -10.39 -36.19 -9.04
CA PRO G 102 -10.08 -35.78 -7.67
C PRO G 102 -11.29 -35.12 -7.03
N THR G 103 -11.15 -34.66 -5.79
CA THR G 103 -12.17 -33.78 -5.19
C THR G 103 -11.55 -32.41 -4.92
N LEU G 104 -11.92 -31.42 -5.73
CA LEU G 104 -11.38 -30.04 -5.60
C LEU G 104 -12.42 -29.11 -4.99
N PRO G 105 -11.96 -28.01 -4.39
CA PRO G 105 -12.90 -26.99 -3.90
C PRO G 105 -13.77 -26.44 -5.03
N VAL G 106 -15.00 -26.05 -4.71
CA VAL G 106 -15.92 -25.58 -5.75
C VAL G 106 -15.34 -24.36 -6.48
N GLY G 107 -15.44 -24.37 -7.80
CA GLY G 107 -14.96 -23.27 -8.61
C GLY G 107 -13.48 -23.31 -8.94
N SER G 108 -12.73 -24.20 -8.30
CA SER G 108 -11.28 -24.22 -8.49
C SER G 108 -10.84 -25.08 -9.69
N SER G 109 -9.63 -24.83 -10.20
CA SER G 109 -9.04 -25.68 -11.23
C SER G 109 -7.90 -26.53 -10.64
N ALA G 110 -7.63 -27.67 -11.26
CA ALA G 110 -6.55 -28.55 -10.85
C ALA G 110 -5.20 -27.89 -11.10
N ALA G 111 -4.34 -27.87 -10.07
CA ALA G 111 -3.08 -27.14 -10.19
C ALA G 111 -1.94 -27.81 -9.42
N ALA G 112 -0.72 -27.35 -9.66
CA ALA G 112 0.44 -27.80 -8.90
C ALA G 112 1.32 -26.60 -8.59
N ARG G 113 1.98 -26.64 -7.44
CA ARG G 113 2.93 -25.61 -7.03
C ARG G 113 4.33 -26.18 -7.19
N ILE G 114 5.08 -25.67 -8.15
CA ILE G 114 6.47 -26.09 -8.33
C ILE G 114 7.37 -25.26 -7.43
N GLU G 115 8.06 -25.94 -6.51
CA GLU G 115 9.03 -25.29 -5.65
C GLU G 115 10.41 -25.84 -5.94
N THR G 116 11.43 -25.17 -5.40
CA THR G 116 12.80 -25.62 -5.58
C THR G 116 12.98 -27.04 -5.03
N GLY G 117 12.28 -27.36 -3.95
CA GLY G 117 12.48 -28.63 -3.25
C GLY G 117 11.59 -29.78 -3.68
N PHE G 118 10.41 -29.46 -4.20
CA PHE G 118 9.43 -30.47 -4.60
C PHE G 118 8.26 -29.80 -5.33
N ILE G 119 7.36 -30.61 -5.86
CA ILE G 119 6.13 -30.13 -6.51
C ILE G 119 4.92 -30.57 -5.67
N GLU G 120 4.05 -29.63 -5.32
CA GLU G 120 2.88 -29.94 -4.49
C GLU G 120 1.56 -29.89 -5.28
N LEU G 121 0.72 -30.90 -5.10
CA LEU G 121 -0.57 -30.95 -5.79
C LEU G 121 -1.57 -30.04 -5.08
N GLY G 122 -2.42 -29.37 -5.85
CA GLY G 122 -3.42 -28.52 -5.24
C GLY G 122 -4.50 -28.02 -6.18
N SER G 123 -5.08 -26.88 -5.83
CA SER G 123 -6.14 -26.30 -6.63
C SER G 123 -5.94 -24.79 -6.67
N LEU G 124 -6.57 -24.16 -7.65
CA LEU G 124 -6.32 -22.76 -7.96
C LEU G 124 -7.63 -22.00 -8.09
N LEU G 125 -7.74 -20.87 -7.38
CA LEU G 125 -8.96 -20.05 -7.38
C LEU G 125 -8.58 -18.59 -7.16
N ASN G 126 -8.98 -17.72 -8.08
CA ASN G 126 -8.62 -16.30 -7.99
C ASN G 126 -7.12 -16.05 -7.81
N GLY G 127 -6.31 -16.83 -8.51
CA GLY G 127 -4.86 -16.70 -8.45
C GLY G 127 -4.20 -17.34 -7.25
N ALA G 128 -4.98 -17.88 -6.31
CA ALA G 128 -4.43 -18.40 -5.07
C ALA G 128 -4.34 -19.92 -5.10
N PHE G 129 -3.18 -20.46 -4.72
CA PHE G 129 -2.99 -21.90 -4.67
C PHE G 129 -3.33 -22.47 -3.31
N THR G 130 -4.11 -23.54 -3.29
CA THR G 130 -4.45 -24.28 -2.06
C THR G 130 -4.03 -25.74 -2.20
N PRO G 131 -3.18 -26.22 -1.28
CA PRO G 131 -2.74 -27.63 -1.33
C PRO G 131 -3.91 -28.60 -1.26
N LEU G 132 -3.78 -29.74 -1.94
CA LEU G 132 -4.81 -30.76 -1.95
C LEU G 132 -4.42 -31.97 -1.10
N ALA G 133 -5.33 -32.39 -0.23
CA ALA G 133 -5.06 -33.51 0.68
C ALA G 133 -4.90 -34.84 -0.07
N ALA G 134 -4.03 -35.70 0.46
CA ALA G 134 -3.63 -36.91 -0.25
C ALA G 134 -4.78 -37.90 -0.46
N ASN G 135 -5.81 -37.84 0.38
CA ASN G 135 -6.94 -38.73 0.19
C ASN G 135 -7.98 -38.19 -0.79
N LEU G 136 -7.68 -37.06 -1.43
CA LEU G 136 -8.62 -36.42 -2.37
C LEU G 136 -8.06 -36.30 -3.80
N ILE G 137 -6.89 -36.89 -4.06
CA ILE G 137 -6.23 -36.76 -5.37
C ILE G 137 -6.70 -37.80 -6.39
N GLY G 138 -7.85 -38.41 -6.12
CA GLY G 138 -8.43 -39.37 -7.04
C GLY G 138 -9.74 -39.93 -6.52
N THR G 139 -10.20 -40.99 -7.15
CA THR G 139 -11.42 -41.69 -6.77
C THR G 139 -11.07 -43.16 -6.67
N VAL G 140 -11.05 -43.67 -5.44
CA VAL G 140 -10.54 -45.02 -5.11
C VAL G 140 -9.02 -45.08 -5.33
N GLY G 141 -8.60 -44.96 -6.58
CA GLY G 141 -7.18 -44.81 -6.87
C GLY G 141 -6.90 -43.45 -7.48
N TYR G 142 -5.77 -43.33 -8.17
CA TYR G 142 -5.39 -42.05 -8.76
C TYR G 142 -4.63 -42.21 -10.09
N GLU G 143 -4.70 -41.16 -10.90
CA GLU G 143 -3.92 -41.10 -12.13
C GLU G 143 -3.90 -39.65 -12.60
N PHE G 144 -2.71 -39.05 -12.63
CA PHE G 144 -2.58 -37.65 -12.99
C PHE G 144 -1.26 -37.35 -13.70
N ALA G 145 -1.19 -36.17 -14.30
CA ALA G 145 0.03 -35.75 -14.96
C ALA G 145 0.28 -34.27 -14.72
N ILE G 146 1.57 -33.91 -14.69
CA ILE G 146 1.99 -32.53 -14.52
C ILE G 146 2.98 -32.18 -15.64
N ASP G 147 2.68 -31.10 -16.35
CA ASP G 147 3.54 -30.61 -17.43
C ASP G 147 3.86 -29.13 -17.21
N ALA G 148 5.14 -28.76 -17.33
CA ALA G 148 5.55 -27.41 -17.01
C ALA G 148 6.92 -27.06 -17.55
N THR G 149 7.15 -25.78 -17.75
CA THR G 149 8.48 -25.26 -18.10
C THR G 149 8.80 -24.10 -17.16
N TYR G 150 10.01 -24.10 -16.62
CA TYR G 150 10.45 -23.07 -15.66
C TYR G 150 11.97 -22.90 -15.74
N ALA G 151 12.48 -21.83 -15.14
CA ALA G 151 13.93 -21.59 -15.13
C ALA G 151 14.60 -22.31 -13.96
N ALA G 152 15.75 -22.92 -14.21
CA ALA G 152 16.46 -23.65 -13.17
C ALA G 152 17.64 -22.86 -12.62
N GLN G 153 18.02 -23.15 -11.39
CA GLN G 153 19.24 -22.56 -10.82
C GLN G 153 20.44 -23.33 -11.36
N VAL H 7 11.95 7.49 18.17
CA VAL H 7 10.74 8.29 18.36
C VAL H 7 9.63 7.44 19.00
N PRO H 8 9.09 7.92 20.14
CA PRO H 8 8.17 7.09 20.93
C PRO H 8 6.83 6.86 20.27
N THR H 9 6.23 5.71 20.55
CA THR H 9 4.86 5.41 20.15
C THR H 9 4.00 5.29 21.40
N VAL H 10 2.70 5.42 21.23
CA VAL H 10 1.79 5.16 22.33
C VAL H 10 0.79 4.08 21.92
N THR H 11 0.64 3.08 22.77
CA THR H 11 -0.27 1.96 22.56
C THR H 11 -1.14 1.77 23.80
N THR H 12 -2.46 1.85 23.64
CA THR H 12 -3.40 1.66 24.75
C THR H 12 -4.41 0.57 24.39
N ARG H 13 -4.46 -0.49 25.22
CA ARG H 13 -5.31 -1.65 24.91
C ARG H 13 -6.07 -2.15 26.14
N ALA H 14 -7.36 -2.44 25.97
CA ALA H 14 -8.06 -3.23 26.96
C ALA H 14 -7.48 -4.64 26.90
N PHE H 15 -7.54 -5.37 28.01
CA PHE H 15 -7.11 -6.77 27.96
C PHE H 15 -7.88 -7.58 28.98
N LEU H 16 -7.81 -8.90 28.86
CA LEU H 16 -8.52 -9.80 29.76
C LEU H 16 -7.53 -10.46 30.71
N PRO H 17 -7.45 -9.97 31.94
CA PRO H 17 -6.54 -10.58 32.91
C PRO H 17 -6.93 -12.03 33.17
N ARG H 18 -5.93 -12.88 33.31
CA ARG H 18 -6.17 -14.27 33.65
C ARG H 18 -5.71 -14.53 35.08
N LEU H 19 -6.66 -14.91 35.93
CA LEU H 19 -6.35 -15.28 37.30
C LEU H 19 -5.88 -16.73 37.35
N ALA H 20 -4.73 -16.97 37.98
CA ALA H 20 -4.17 -18.32 38.04
C ALA H 20 -3.54 -18.57 39.41
N THR H 21 -3.54 -19.83 39.85
CA THR H 21 -2.93 -20.17 41.13
C THR H 21 -1.83 -21.22 40.92
N ALA H 22 -0.89 -21.29 41.85
CA ALA H 22 0.29 -22.14 41.68
C ALA H 22 0.82 -22.68 43.02
N ALA H 23 1.59 -23.76 42.95
CA ALA H 23 2.08 -24.47 44.13
C ALA H 23 3.12 -23.67 44.92
N ASP H 24 3.82 -22.77 44.24
CA ASP H 24 4.76 -21.87 44.90
C ASP H 24 4.93 -20.63 44.04
N SER H 25 5.84 -19.74 44.45
CA SER H 25 6.05 -18.47 43.75
C SER H 25 7.15 -18.56 42.68
N ILE H 26 7.56 -19.79 42.38
CA ILE H 26 8.63 -20.01 41.40
C ILE H 26 8.15 -20.70 40.13
N THR H 27 7.41 -21.79 40.29
CA THR H 27 7.02 -22.65 39.16
C THR H 27 6.22 -21.92 38.09
N SER H 28 6.37 -22.38 36.84
CA SER H 28 5.60 -21.84 35.72
C SER H 28 4.31 -22.63 35.49
N THR H 29 4.16 -23.75 36.20
CA THR H 29 2.92 -24.51 36.14
C THR H 29 1.85 -23.81 36.97
N THR H 30 0.69 -23.55 36.36
CA THR H 30 -0.40 -22.86 37.04
C THR H 30 -1.77 -23.48 36.76
N THR H 31 -2.71 -23.20 37.64
CA THR H 31 -4.11 -23.57 37.46
C THR H 31 -4.93 -22.34 37.09
N THR H 32 -5.59 -22.34 35.94
CA THR H 32 -6.41 -21.20 35.53
C THR H 32 -7.74 -21.15 36.29
N ILE H 33 -8.05 -19.99 36.88
CA ILE H 33 -9.27 -19.84 37.65
C ILE H 33 -10.41 -19.36 36.77
N ALA H 34 -11.53 -20.09 36.74
CA ALA H 34 -12.67 -19.69 35.91
C ALA H 34 -13.27 -18.38 36.43
N LEU H 35 -13.44 -17.41 35.53
CA LEU H 35 -13.92 -16.08 35.92
C LEU H 35 -15.42 -15.90 35.70
N ASP H 36 -16.07 -15.20 36.64
CA ASP H 36 -17.43 -14.69 36.46
C ASP H 36 -17.43 -13.57 35.42
N PRO H 37 -18.62 -13.11 34.99
CA PRO H 37 -18.62 -11.92 34.12
C PRO H 37 -18.02 -10.71 34.84
N GLN H 38 -17.18 -9.96 34.14
CA GLN H 38 -16.49 -8.81 34.76
C GLN H 38 -17.28 -7.52 34.58
N THR H 39 -17.05 -6.55 35.47
CA THR H 39 -17.84 -5.32 35.51
C THR H 39 -17.03 -4.06 35.24
N GLU H 40 -15.71 -4.18 35.29
CA GLU H 40 -14.83 -3.05 35.08
C GLU H 40 -13.73 -3.44 34.09
N GLN H 41 -13.47 -2.57 33.11
CA GLN H 41 -12.47 -2.87 32.11
C GLN H 41 -11.06 -2.84 32.67
N SER H 42 -10.29 -3.88 32.38
CA SER H 42 -8.85 -3.88 32.63
C SER H 42 -8.13 -3.42 31.37
N TYR H 43 -7.03 -2.71 31.52
CA TYR H 43 -6.31 -2.17 30.37
C TYR H 43 -4.86 -1.88 30.70
N TRP H 44 -4.06 -1.62 29.68
CA TRP H 44 -2.72 -1.09 29.87
C TRP H 44 -2.40 -0.06 28.79
N THR H 45 -1.45 0.82 29.08
CA THR H 45 -0.94 1.73 28.06
C THR H 45 0.57 1.76 28.15
N ARG H 46 1.21 1.85 27.00
CA ARG H 46 2.65 1.97 26.95
C ARG H 46 3.03 3.14 26.05
N VAL H 47 3.77 4.09 26.59
CA VAL H 47 4.29 5.18 25.79
C VAL H 47 5.80 5.20 25.99
N GLY H 48 6.56 5.15 24.90
CA GLY H 48 7.98 4.92 25.00
C GLY H 48 8.23 3.58 25.68
N ASP H 49 9.00 3.60 26.76
CA ASP H 49 9.23 2.39 27.54
C ASP H 49 8.46 2.38 28.87
N THR H 50 7.47 3.27 28.96
CA THR H 50 6.73 3.45 30.20
C THR H 50 5.34 2.82 30.13
N ALA H 51 5.10 1.80 30.96
CA ALA H 51 3.84 1.04 30.98
C ALA H 51 3.01 1.39 32.19
N THR H 52 1.71 1.63 31.98
CA THR H 52 0.79 1.80 33.09
C THR H 52 -0.32 0.76 32.98
N ILE H 53 -0.58 0.04 34.07
CA ILE H 53 -1.59 -1.01 34.03
C ILE H 53 -2.75 -0.72 34.98
N HIS H 54 -3.93 -1.18 34.59
CA HIS H 54 -5.10 -1.14 35.47
C HIS H 54 -5.82 -2.48 35.42
N ILE H 55 -5.86 -3.17 36.55
CA ILE H 55 -6.50 -4.49 36.61
C ILE H 55 -7.62 -4.44 37.61
N HIS H 56 -8.79 -4.95 37.23
CA HIS H 56 -9.87 -5.16 38.19
C HIS H 56 -10.48 -6.54 37.98
N LEU H 57 -10.68 -7.28 39.08
CA LEU H 57 -11.34 -8.58 38.98
C LEU H 57 -12.37 -8.74 40.10
N VAL H 58 -13.51 -9.35 39.75
CA VAL H 58 -14.56 -9.62 40.71
C VAL H 58 -15.00 -11.08 40.55
N GLY H 59 -15.27 -11.76 41.67
CA GLY H 59 -15.71 -13.14 41.61
C GLY H 59 -16.56 -13.51 42.81
N ALA H 60 -17.56 -14.37 42.60
CA ALA H 60 -18.51 -14.73 43.65
C ALA H 60 -17.94 -15.74 44.65
N ALA H 61 -16.99 -16.55 44.20
CA ALA H 61 -16.42 -17.59 45.03
C ALA H 61 -14.89 -17.58 44.99
N LEU H 62 -14.27 -17.61 46.17
CA LEU H 62 -12.81 -17.66 46.29
C LEU H 62 -12.26 -18.93 45.67
N PRO H 63 -11.06 -18.85 45.09
CA PRO H 63 -10.41 -20.08 44.62
C PRO H 63 -10.06 -21.02 45.77
N ALA H 64 -9.87 -22.30 45.45
CA ALA H 64 -9.30 -23.25 46.38
C ALA H 64 -7.93 -22.79 46.84
N ALA H 65 -7.56 -23.17 48.07
CA ALA H 65 -6.27 -22.79 48.63
C ALA H 65 -5.10 -23.14 47.70
N ALA H 66 -4.13 -22.24 47.62
CA ALA H 66 -2.89 -22.43 46.88
C ALA H 66 -1.95 -21.31 47.30
N PRO H 67 -0.64 -21.61 47.43
CA PRO H 67 0.31 -20.66 48.01
C PRO H 67 0.56 -19.40 47.16
N SER H 68 0.37 -19.50 45.84
CA SER H 68 0.64 -18.39 44.92
C SER H 68 -0.59 -18.00 44.11
N THR H 69 -0.92 -16.71 44.12
CA THR H 69 -2.07 -16.19 43.39
C THR H 69 -1.58 -15.16 42.37
N ARG H 70 -1.82 -15.42 41.08
CA ARG H 70 -1.17 -14.67 40.00
C ARG H 70 -2.15 -14.10 38.99
N ILE H 71 -1.74 -13.01 38.34
CA ILE H 71 -2.47 -12.47 37.21
C ILE H 71 -1.54 -12.44 35.99
N TYR H 72 -2.01 -13.05 34.90
CA TYR H 72 -1.28 -13.09 33.63
C TYR H 72 -2.02 -12.22 32.62
N GLY H 73 -1.29 -11.74 31.62
CA GLY H 73 -1.92 -10.97 30.56
C GLY H 73 -0.88 -10.50 29.57
N ASN H 74 -1.32 -9.80 28.52
CA ASN H 74 -0.39 -9.30 27.51
C ASN H 74 0.09 -7.87 27.79
N PHE H 75 0.08 -7.46 29.06
CA PHE H 75 0.63 -6.16 29.43
C PHE H 75 2.14 -6.14 29.16
N PRO H 76 2.73 -4.94 29.01
CA PRO H 76 4.17 -4.91 28.70
C PRO H 76 5.00 -5.59 29.79
N PRO H 77 5.96 -6.44 29.39
CA PRO H 77 6.76 -7.18 30.36
C PRO H 77 7.73 -6.27 31.10
N LEU H 78 7.73 -6.35 32.43
CA LEU H 78 8.65 -5.58 33.26
C LEU H 78 10.10 -5.73 32.82
N ARG H 79 10.79 -4.60 32.71
CA ARG H 79 12.24 -4.60 32.52
C ARG H 79 12.95 -4.77 33.87
N ILE H 80 13.64 -5.89 34.04
CA ILE H 80 14.44 -6.15 35.23
C ILE H 80 15.37 -7.33 34.98
N THR H 81 16.58 -7.25 35.52
CA THR H 81 17.53 -8.35 35.47
C THR H 81 16.95 -9.62 36.08
N PRO H 82 16.89 -10.70 35.31
CA PRO H 82 16.44 -11.98 35.88
C PRO H 82 17.31 -12.37 37.06
N SER H 83 16.68 -12.84 38.13
CA SER H 83 17.40 -13.20 39.35
C SER H 83 17.45 -14.71 39.51
N SER H 84 17.93 -15.18 40.66
CA SER H 84 18.13 -16.61 40.89
C SER H 84 16.87 -17.44 40.72
N ALA H 85 17.01 -18.61 40.10
CA ALA H 85 15.87 -19.50 39.89
C ALA H 85 15.46 -20.23 41.18
N LEU H 86 16.25 -20.07 42.23
CA LEU H 86 15.99 -20.74 43.49
C LEU H 86 14.97 -20.01 44.37
N ALA H 87 14.63 -18.78 43.98
CA ALA H 87 13.62 -18.01 44.68
C ALA H 87 12.72 -17.31 43.66
N ALA H 88 11.65 -16.69 44.15
CA ALA H 88 10.77 -15.93 43.28
C ALA H 88 11.60 -14.86 42.55
N GLN H 89 11.27 -14.61 41.29
CA GLN H 89 11.94 -13.56 40.53
C GLN H 89 11.78 -12.21 41.20
N HIS H 90 12.86 -11.42 41.21
CA HIS H 90 12.77 -10.05 41.70
C HIS H 90 11.75 -9.29 40.87
N GLY H 91 10.96 -8.46 41.54
CA GLY H 91 10.00 -7.62 40.84
C GLY H 91 9.78 -6.28 41.52
N VAL H 92 8.75 -5.56 41.05
CA VAL H 92 8.42 -4.26 41.59
C VAL H 92 7.23 -4.40 42.53
N ILE H 93 7.38 -3.95 43.76
CA ILE H 93 6.27 -4.06 44.72
C ILE H 93 5.42 -2.80 44.70
N VAL H 94 4.11 -2.99 44.57
CA VAL H 94 3.18 -1.87 44.52
C VAL H 94 2.03 -2.15 45.50
N PRO H 95 1.36 -1.10 45.98
CA PRO H 95 0.15 -1.32 46.78
C PRO H 95 -0.97 -1.83 45.87
N MET H 96 -2.02 -2.40 46.45
CA MET H 96 -3.20 -2.72 45.64
C MET H 96 -4.46 -2.52 46.47
N GLN H 97 -5.61 -2.56 45.80
CA GLN H 97 -6.87 -2.18 46.43
C GLN H 97 -7.82 -3.38 46.56
N TYR H 98 -8.48 -3.49 47.71
CA TYR H 98 -9.49 -4.53 47.91
C TYR H 98 -10.87 -3.91 48.17
N TYR H 99 -11.84 -4.36 47.39
CA TYR H 99 -13.25 -3.97 47.56
C TYR H 99 -13.99 -4.95 48.46
N VAL H 100 -13.50 -6.18 48.53
CA VAL H 100 -13.98 -7.17 49.50
C VAL H 100 -12.78 -7.59 50.35
N ALA H 101 -12.93 -7.56 51.67
CA ALA H 101 -11.78 -7.73 52.57
C ALA H 101 -11.07 -9.07 52.42
N PRO H 102 -9.74 -9.03 52.29
CA PRO H 102 -8.94 -10.25 52.33
C PRO H 102 -8.54 -10.56 53.76
N THR H 103 -7.75 -11.61 53.94
CA THR H 103 -7.09 -11.89 55.21
C THR H 103 -5.57 -11.73 55.05
N LEU H 104 -5.03 -10.67 55.64
CA LEU H 104 -3.60 -10.37 55.52
C LEU H 104 -2.88 -10.60 56.85
N PRO H 105 -1.55 -10.81 56.78
CA PRO H 105 -0.73 -10.87 58.00
C PRO H 105 -0.84 -9.59 58.83
N VAL H 106 -0.82 -9.71 60.16
CA VAL H 106 -1.00 -8.55 61.02
C VAL H 106 0.06 -7.49 60.73
N GLY H 107 -0.37 -6.23 60.68
CA GLY H 107 0.55 -5.13 60.45
C GLY H 107 0.89 -4.87 58.99
N SER H 108 0.50 -5.78 58.10
CA SER H 108 0.91 -5.65 56.70
C SER H 108 -0.09 -4.84 55.86
N SER H 109 0.35 -4.41 54.67
CA SER H 109 -0.53 -3.71 53.75
C SER H 109 -0.75 -4.57 52.51
N ALA H 110 -1.86 -4.33 51.81
CA ALA H 110 -2.16 -5.08 50.59
C ALA H 110 -1.18 -4.69 49.49
N ALA H 111 -0.64 -5.67 48.77
CA ALA H 111 0.37 -5.37 47.77
C ALA H 111 0.35 -6.37 46.64
N ALA H 112 1.06 -6.03 45.56
CA ALA H 112 1.28 -6.97 44.47
C ALA H 112 2.74 -6.89 44.05
N ARG H 113 3.27 -8.02 43.59
CA ARG H 113 4.63 -8.09 43.07
C ARG H 113 4.56 -8.21 41.56
N ILE H 114 5.00 -7.17 40.87
CA ILE H 114 5.03 -7.20 39.42
C ILE H 114 6.32 -7.84 38.94
N GLU H 115 6.21 -8.94 38.21
CA GLU H 115 7.36 -9.59 37.61
C GLU H 115 7.25 -9.57 36.09
N THR H 116 8.32 -9.95 35.42
CA THR H 116 8.31 -9.97 33.96
C THR H 116 7.24 -10.94 33.44
N GLY H 117 6.99 -12.01 34.18
CA GLY H 117 6.12 -13.07 33.69
C GLY H 117 4.66 -12.96 34.13
N PHE H 118 4.44 -12.31 35.26
CA PHE H 118 3.10 -12.20 35.85
C PHE H 118 3.11 -11.24 37.03
N ILE H 119 1.94 -11.00 37.59
CA ILE H 119 1.79 -10.17 38.79
C ILE H 119 1.24 -11.03 39.91
N GLU H 120 1.88 -11.01 41.07
CA GLU H 120 1.50 -11.88 42.17
C GLU H 120 0.91 -11.07 43.33
N LEU H 121 -0.20 -11.55 43.88
CA LEU H 121 -0.86 -10.89 45.00
C LEU H 121 -0.15 -11.23 46.31
N GLY H 122 -0.06 -10.25 47.20
CA GLY H 122 0.55 -10.50 48.50
C GLY H 122 0.36 -9.38 49.52
N SER H 123 1.30 -9.30 50.44
CA SER H 123 1.25 -8.31 51.52
C SER H 123 2.64 -7.77 51.77
N LEU H 124 2.70 -6.61 52.40
CA LEU H 124 3.96 -5.88 52.53
C LEU H 124 4.17 -5.48 53.97
N LEU H 125 5.35 -5.80 54.49
CA LEU H 125 5.69 -5.48 55.87
C LEU H 125 7.19 -5.21 55.97
N ASN H 126 7.55 -4.01 56.44
CA ASN H 126 8.94 -3.61 56.56
C ASN H 126 9.71 -3.74 55.24
N GLY H 127 9.02 -3.44 54.14
CA GLY H 127 9.64 -3.51 52.82
C GLY H 127 9.72 -4.90 52.21
N ALA H 128 9.28 -5.92 52.94
CA ALA H 128 9.33 -7.30 52.46
C ALA H 128 7.97 -7.76 51.93
N PHE H 129 7.97 -8.35 50.73
CA PHE H 129 6.74 -8.86 50.11
C PHE H 129 6.54 -10.35 50.44
N THR H 130 5.34 -10.69 50.88
CA THR H 130 4.94 -12.07 51.13
C THR H 130 3.74 -12.43 50.27
N PRO H 131 3.83 -13.52 49.48
CA PRO H 131 2.71 -13.97 48.65
C PRO H 131 1.48 -14.30 49.48
N LEU H 132 0.30 -14.02 48.94
CA LEU H 132 -0.96 -14.30 49.63
C LEU H 132 -1.65 -15.52 49.03
N ALA H 133 -2.06 -16.45 49.89
CA ALA H 133 -2.70 -17.68 49.43
C ALA H 133 -4.06 -17.41 48.80
N ALA H 134 -4.39 -18.19 47.76
CA ALA H 134 -5.54 -17.92 46.90
C ALA H 134 -6.88 -17.90 47.62
N ASN H 135 -7.01 -18.69 48.69
CA ASN H 135 -8.25 -18.73 49.44
C ASN H 135 -8.40 -17.54 50.40
N LEU H 136 -7.41 -16.66 50.44
CA LEU H 136 -7.43 -15.55 51.37
C LEU H 136 -7.56 -14.18 50.71
N ILE H 137 -7.85 -14.16 49.42
CA ILE H 137 -7.88 -12.90 48.68
C ILE H 137 -9.25 -12.24 48.72
N GLY H 138 -10.07 -12.62 49.68
CA GLY H 138 -11.40 -12.07 49.79
C GLY H 138 -12.13 -12.66 50.98
N THR H 139 -13.44 -12.46 51.01
CA THR H 139 -14.35 -12.98 52.02
C THR H 139 -15.53 -13.59 51.26
N VAL H 140 -15.62 -14.92 51.28
CA VAL H 140 -16.56 -15.71 50.45
C VAL H 140 -16.25 -15.58 48.96
N GLY H 141 -16.36 -14.36 48.45
CA GLY H 141 -15.95 -14.05 47.09
C GLY H 141 -14.75 -13.08 47.11
N TYR H 142 -14.45 -12.46 45.98
CA TYR H 142 -13.36 -11.49 45.93
C TYR H 142 -13.67 -10.32 45.01
N GLU H 143 -12.98 -9.20 45.22
CA GLU H 143 -13.00 -8.06 44.30
C GLU H 143 -11.82 -7.14 44.62
N PHE H 144 -10.92 -6.96 43.66
CA PHE H 144 -9.70 -6.19 43.91
C PHE H 144 -9.22 -5.47 42.65
N ALA H 145 -8.29 -4.53 42.82
CA ALA H 145 -7.73 -3.83 41.68
C ALA H 145 -6.25 -3.57 41.89
N ILE H 146 -5.51 -3.56 40.79
CA ILE H 146 -4.07 -3.29 40.85
C ILE H 146 -3.73 -2.19 39.86
N ASP H 147 -3.04 -1.15 40.35
CA ASP H 147 -2.68 -0.01 39.52
C ASP H 147 -1.19 0.27 39.65
N ALA H 148 -0.50 0.41 38.52
CA ALA H 148 0.95 0.59 38.59
C ALA H 148 1.51 1.14 37.31
N THR H 149 2.70 1.73 37.43
CA THR H 149 3.47 2.19 36.28
C THR H 149 4.89 1.68 36.46
N TYR H 150 5.48 1.14 35.39
CA TYR H 150 6.81 0.58 35.45
C TYR H 150 7.43 0.61 34.06
N ALA H 151 8.72 0.32 33.97
CA ALA H 151 9.41 0.35 32.69
C ALA H 151 9.37 -1.03 32.05
N ALA H 152 9.16 -1.05 30.73
CA ALA H 152 8.98 -2.29 29.98
C ALA H 152 10.22 -2.64 29.16
N GLN H 153 10.36 -3.94 28.88
CA GLN H 153 11.41 -4.46 28.01
C GLN H 153 11.08 -4.09 26.56
N VAL I 7 -26.90 -47.20 46.95
CA VAL I 7 -27.71 -46.02 46.63
C VAL I 7 -27.02 -45.17 45.57
N PRO I 8 -27.64 -45.04 44.39
CA PRO I 8 -27.00 -44.35 43.27
C PRO I 8 -26.95 -42.84 43.48
N THR I 9 -26.06 -42.18 42.74
CA THR I 9 -26.00 -40.73 42.71
C THR I 9 -26.30 -40.25 41.29
N VAL I 10 -26.75 -39.01 41.15
CA VAL I 10 -27.00 -38.40 39.84
C VAL I 10 -26.16 -37.15 39.61
N THR I 11 -25.43 -37.12 38.50
CA THR I 11 -24.61 -35.95 38.13
C THR I 11 -24.89 -35.56 36.69
N THR I 12 -25.34 -34.33 36.46
CA THR I 12 -25.65 -33.84 35.11
C THR I 12 -24.94 -32.51 34.84
N ARG I 13 -24.07 -32.49 33.84
CA ARG I 13 -23.22 -31.34 33.58
C ARG I 13 -23.05 -31.02 32.09
N ALA I 14 -23.21 -29.75 31.73
CA ALA I 14 -22.70 -29.26 30.45
C ALA I 14 -21.20 -29.45 30.42
N PHE I 15 -20.63 -29.62 29.22
CA PHE I 15 -19.19 -29.69 29.08
C PHE I 15 -18.77 -29.17 27.70
N LEU I 16 -17.48 -28.91 27.55
CA LEU I 16 -16.92 -28.40 26.31
C LEU I 16 -16.15 -29.50 25.57
N PRO I 17 -16.80 -30.12 24.59
CA PRO I 17 -16.07 -31.15 23.84
C PRO I 17 -14.86 -30.53 23.16
N ARG I 18 -13.76 -31.28 23.12
CA ARG I 18 -12.57 -30.84 22.39
C ARG I 18 -12.39 -31.70 21.14
N LEU I 19 -12.38 -31.05 19.98
CA LEU I 19 -12.16 -31.73 18.70
C LEU I 19 -10.66 -31.83 18.45
N ALA I 20 -10.18 -33.03 18.12
CA ALA I 20 -8.76 -33.23 17.89
C ALA I 20 -8.52 -34.26 16.80
N THR I 21 -7.39 -34.16 16.13
CA THR I 21 -7.02 -35.11 15.09
C THR I 21 -5.69 -35.79 15.41
N ALA I 22 -5.47 -36.96 14.79
CA ALA I 22 -4.25 -37.73 15.03
C ALA I 22 -3.79 -38.48 13.78
N ALA I 23 -2.55 -38.93 13.81
CA ALA I 23 -1.94 -39.59 12.66
C ALA I 23 -2.49 -40.98 12.41
N ASP I 24 -3.05 -41.59 13.45
CA ASP I 24 -3.68 -42.91 13.34
C ASP I 24 -4.65 -43.08 14.51
N SER I 25 -5.27 -44.24 14.62
CA SER I 25 -6.32 -44.45 15.62
C SER I 25 -5.77 -45.04 16.93
N ILE I 26 -4.45 -45.09 17.05
CA ILE I 26 -3.80 -45.67 18.24
C ILE I 26 -3.07 -44.64 19.10
N THR I 27 -2.32 -43.75 18.47
CA THR I 27 -1.43 -42.83 19.18
C THR I 27 -2.17 -41.89 20.13
N SER I 28 -1.51 -41.49 21.21
CA SER I 28 -2.07 -40.51 22.14
C SER I 28 -1.70 -39.09 21.74
N THR I 29 -0.83 -38.95 20.74
CA THR I 29 -0.46 -37.64 20.24
C THR I 29 -1.56 -37.07 19.33
N THR I 30 -2.09 -35.92 19.71
CA THR I 30 -3.15 -35.27 18.93
C THR I 30 -2.92 -33.80 18.68
N THR I 31 -3.66 -33.26 17.70
CA THR I 31 -3.67 -31.84 17.39
C THR I 31 -5.04 -31.26 17.68
N THR I 32 -5.10 -30.28 18.57
CA THR I 32 -6.38 -29.69 18.93
C THR I 32 -6.90 -28.78 17.81
N ILE I 33 -8.19 -28.90 17.51
CA ILE I 33 -8.81 -28.11 16.45
C ILE I 33 -9.47 -26.87 17.02
N ALA I 34 -9.08 -25.69 16.53
CA ALA I 34 -9.68 -24.44 16.98
C ALA I 34 -11.18 -24.41 16.69
N LEU I 35 -11.98 -24.16 17.72
CA LEU I 35 -13.44 -24.23 17.56
C LEU I 35 -14.07 -22.87 17.34
N ASP I 36 -15.00 -22.80 16.39
CA ASP I 36 -15.91 -21.65 16.25
C ASP I 36 -16.80 -21.51 17.48
N PRO I 37 -17.53 -20.39 17.60
CA PRO I 37 -18.55 -20.33 18.65
C PRO I 37 -19.63 -21.41 18.43
N GLN I 38 -20.03 -22.07 19.52
CA GLN I 38 -20.97 -23.18 19.42
C GLN I 38 -22.41 -22.71 19.62
N THR I 39 -23.37 -23.45 19.07
CA THR I 39 -24.77 -23.03 19.10
C THR I 39 -25.68 -23.97 19.88
N GLU I 40 -25.17 -25.16 20.21
CA GLU I 40 -25.97 -26.15 20.94
C GLU I 40 -25.16 -26.69 22.12
N GLN I 41 -25.76 -26.75 23.29
CA GLN I 41 -25.03 -27.19 24.47
C GLN I 41 -24.71 -28.68 24.38
N SER I 42 -23.47 -29.02 24.70
CA SER I 42 -23.10 -30.42 24.89
C SER I 42 -23.15 -30.73 26.39
N TYR I 43 -23.56 -31.94 26.74
CA TYR I 43 -23.66 -32.31 28.15
C TYR I 43 -23.53 -33.81 28.34
N TRP I 44 -23.43 -34.22 29.61
CA TRP I 44 -23.55 -35.63 29.95
C TRP I 44 -24.24 -35.77 31.29
N THR I 45 -24.84 -36.92 31.51
CA THR I 45 -25.43 -37.24 32.82
C THR I 45 -24.99 -38.64 33.21
N ARG I 46 -24.76 -38.84 34.51
CA ARG I 46 -24.45 -40.17 35.02
C ARG I 46 -25.36 -40.45 36.20
N VAL I 47 -26.01 -41.61 36.18
CA VAL I 47 -26.81 -42.07 37.31
C VAL I 47 -26.38 -43.50 37.58
N GLY I 48 -25.95 -43.77 38.81
CA GLY I 48 -25.30 -45.04 39.11
C GLY I 48 -24.06 -45.17 38.24
N ASP I 49 -23.99 -46.24 37.45
CA ASP I 49 -22.87 -46.43 36.55
C ASP I 49 -23.28 -46.22 35.09
N THR I 50 -24.39 -45.53 34.89
CA THR I 50 -24.94 -45.38 33.55
C THR I 50 -24.80 -43.94 33.06
N ALA I 51 -24.05 -43.78 31.96
CA ALA I 51 -23.70 -42.48 31.42
C ALA I 51 -24.41 -42.22 30.10
N THR I 52 -25.00 -41.04 29.95
CA THR I 52 -25.59 -40.64 28.70
C THR I 52 -24.92 -39.37 28.23
N ILE I 53 -24.49 -39.34 26.98
CA ILE I 53 -23.78 -38.18 26.46
C ILE I 53 -24.53 -37.55 25.28
N HIS I 54 -24.44 -36.23 25.18
CA HIS I 54 -24.94 -35.50 24.03
C HIS I 54 -23.87 -34.52 23.57
N ILE I 55 -23.37 -34.70 22.36
CA ILE I 55 -22.32 -33.85 21.81
C ILE I 55 -22.83 -33.19 20.53
N HIS I 56 -22.62 -31.89 20.39
CA HIS I 56 -22.92 -31.19 19.15
C HIS I 56 -21.75 -30.25 18.86
N LEU I 57 -21.28 -30.25 17.62
CA LEU I 57 -20.22 -29.34 17.21
C LEU I 57 -20.51 -28.78 15.83
N VAL I 58 -20.25 -27.49 15.66
CA VAL I 58 -20.43 -26.84 14.36
C VAL I 58 -19.13 -26.09 14.04
N GLY I 59 -18.72 -26.10 12.77
CA GLY I 59 -17.56 -25.33 12.36
C GLY I 59 -17.71 -24.87 10.92
N ALA I 60 -17.13 -23.71 10.59
CA ALA I 60 -17.25 -23.15 9.24
C ALA I 60 -16.22 -23.74 8.28
N ALA I 61 -15.12 -24.24 8.84
CA ALA I 61 -14.04 -24.78 8.02
C ALA I 61 -13.58 -26.16 8.50
N LEU I 62 -13.47 -27.10 7.58
CA LEU I 62 -12.99 -28.44 7.91
C LEU I 62 -11.56 -28.41 8.44
N PRO I 63 -11.23 -29.34 9.35
CA PRO I 63 -9.85 -29.46 9.84
C PRO I 63 -8.90 -29.89 8.72
N ALA I 64 -7.61 -29.66 8.92
CA ALA I 64 -6.60 -30.22 8.03
C ALA I 64 -6.69 -31.75 8.05
N ALA I 65 -6.47 -32.38 6.89
CA ALA I 65 -6.63 -33.82 6.73
C ALA I 65 -5.78 -34.64 7.70
N ALA I 66 -6.42 -35.61 8.36
CA ALA I 66 -5.74 -36.56 9.25
C ALA I 66 -6.55 -37.85 9.30
N PRO I 67 -5.88 -39.00 9.49
CA PRO I 67 -6.62 -40.27 9.45
C PRO I 67 -7.57 -40.50 10.63
N SER I 68 -7.36 -39.82 11.74
CA SER I 68 -8.18 -40.02 12.92
C SER I 68 -8.79 -38.71 13.44
N THR I 69 -10.09 -38.75 13.70
CA THR I 69 -10.83 -37.57 14.15
C THR I 69 -11.50 -37.89 15.49
N ARG I 70 -11.18 -37.13 16.53
CA ARG I 70 -11.56 -37.52 17.90
C ARG I 70 -12.24 -36.41 18.68
N ILE I 71 -13.08 -36.81 19.63
CA ILE I 71 -13.68 -35.89 20.58
C ILE I 71 -13.20 -36.26 21.99
N TYR I 72 -12.64 -35.28 22.71
CA TYR I 72 -12.20 -35.49 24.08
C TYR I 72 -13.08 -34.67 25.02
N GLY I 73 -13.18 -35.10 26.27
CA GLY I 73 -13.99 -34.37 27.22
C GLY I 73 -14.01 -35.04 28.58
N ASN I 74 -14.66 -34.41 29.56
CA ASN I 74 -14.75 -34.97 30.91
C ASN I 74 -15.97 -35.86 31.14
N PHE I 75 -16.52 -36.42 30.06
CA PHE I 75 -17.62 -37.38 30.20
C PHE I 75 -17.10 -38.65 30.89
N PRO I 76 -18.00 -39.38 31.57
CA PRO I 76 -17.58 -40.58 32.30
C PRO I 76 -16.84 -41.57 31.40
N PRO I 77 -15.66 -42.03 31.84
CA PRO I 77 -14.87 -42.95 31.00
C PRO I 77 -15.59 -44.28 30.84
N LEU I 78 -15.64 -44.76 29.60
CA LEU I 78 -16.29 -46.03 29.28
C LEU I 78 -15.67 -47.18 30.05
N ARG I 79 -16.50 -48.05 30.63
CA ARG I 79 -16.02 -49.28 31.22
C ARG I 79 -15.82 -50.37 30.17
N ILE I 80 -14.58 -50.76 29.93
CA ILE I 80 -14.28 -51.85 29.01
C ILE I 80 -12.86 -52.33 29.24
N THR I 81 -12.65 -53.64 29.12
CA THR I 81 -11.31 -54.23 29.21
C THR I 81 -10.39 -53.62 28.17
N PRO I 82 -9.24 -53.07 28.61
CA PRO I 82 -8.27 -52.59 27.62
C PRO I 82 -7.80 -53.71 26.70
N SER I 83 -7.73 -53.41 25.41
CA SER I 83 -7.32 -54.37 24.39
C SER I 83 -5.87 -54.10 23.96
N SER I 84 -5.39 -54.84 22.98
CA SER I 84 -3.99 -54.77 22.58
C SER I 84 -3.57 -53.38 22.11
N ALA I 85 -2.37 -52.96 22.52
CA ALA I 85 -1.85 -51.64 22.14
C ALA I 85 -1.44 -51.59 20.67
N LEU I 86 -1.51 -52.73 19.99
CA LEU I 86 -1.12 -52.81 18.57
C LEU I 86 -2.26 -52.41 17.61
N ALA I 87 -3.44 -52.12 18.16
CA ALA I 87 -4.57 -51.68 17.35
C ALA I 87 -5.39 -50.69 18.15
N ALA I 88 -6.35 -50.04 17.51
CA ALA I 88 -7.23 -49.13 18.21
C ALA I 88 -7.89 -49.86 19.38
N GLN I 89 -8.11 -49.18 20.49
CA GLN I 89 -8.78 -49.77 21.64
C GLN I 89 -10.21 -50.18 21.29
N HIS I 90 -10.64 -51.32 21.85
CA HIS I 90 -12.03 -51.74 21.70
C HIS I 90 -12.92 -50.69 22.30
N GLY I 91 -14.04 -50.43 21.63
CA GLY I 91 -15.00 -49.46 22.12
C GLY I 91 -16.43 -49.86 21.79
N VAL I 92 -17.35 -48.95 22.07
CA VAL I 92 -18.77 -49.16 21.78
C VAL I 92 -19.14 -48.39 20.50
N ILE I 93 -19.72 -49.07 19.52
CA ILE I 93 -20.06 -48.39 18.26
C ILE I 93 -21.49 -47.88 18.30
N VAL I 94 -21.67 -46.61 17.98
CA VAL I 94 -22.98 -45.99 17.98
C VAL I 94 -23.20 -45.24 16.67
N PRO I 95 -24.47 -45.07 16.26
CA PRO I 95 -24.72 -44.19 15.12
C PRO I 95 -24.44 -42.74 15.50
N MET I 96 -24.32 -41.86 14.51
CA MET I 96 -24.27 -40.43 14.81
C MET I 96 -24.97 -39.65 13.71
N GLN I 97 -25.15 -38.37 13.95
CA GLN I 97 -25.99 -37.51 13.12
C GLN I 97 -25.17 -36.42 12.45
N TYR I 98 -25.40 -36.20 11.16
CA TYR I 98 -24.75 -35.13 10.41
C TYR I 98 -25.77 -34.12 9.91
N TYR I 99 -25.56 -32.84 10.24
CA TYR I 99 -26.37 -31.74 9.71
C TYR I 99 -25.77 -31.16 8.42
N VAL I 100 -24.47 -31.34 8.24
CA VAL I 100 -23.81 -31.02 6.98
C VAL I 100 -23.21 -32.31 6.44
N ALA I 101 -23.42 -32.61 5.16
CA ALA I 101 -23.09 -33.95 4.64
C ALA I 101 -21.60 -34.25 4.69
N PRO I 102 -21.22 -35.42 5.22
CA PRO I 102 -19.85 -35.92 5.17
C PRO I 102 -19.63 -36.73 3.89
N THR I 103 -18.43 -37.27 3.73
CA THR I 103 -18.20 -38.26 2.70
C THR I 103 -17.88 -39.62 3.34
N LEU I 104 -18.82 -40.55 3.25
CA LEU I 104 -18.65 -41.87 3.85
C LEU I 104 -18.39 -42.94 2.81
N PRO I 105 -17.76 -44.05 3.21
CA PRO I 105 -17.60 -45.17 2.27
C PRO I 105 -18.94 -45.67 1.77
N VAL I 106 -18.98 -46.12 0.52
CA VAL I 106 -20.22 -46.61 -0.07
C VAL I 106 -20.85 -47.70 0.81
N GLY I 107 -22.15 -47.60 1.01
CA GLY I 107 -22.86 -48.61 1.77
C GLY I 107 -22.83 -48.48 3.28
N SER I 108 -21.99 -47.59 3.80
CA SER I 108 -21.81 -47.47 5.26
C SER I 108 -22.73 -46.44 5.91
N SER I 109 -22.91 -46.55 7.23
CA SER I 109 -23.68 -45.58 7.98
C SER I 109 -22.76 -44.72 8.85
N ALA I 110 -23.19 -43.50 9.16
CA ALA I 110 -22.44 -42.60 10.04
C ALA I 110 -22.34 -43.21 11.44
N ALA I 111 -21.13 -43.22 12.01
CA ALA I 111 -20.94 -43.84 13.33
C ALA I 111 -19.84 -43.18 14.15
N ALA I 112 -19.84 -43.50 15.44
CA ALA I 112 -18.76 -43.09 16.34
C ALA I 112 -18.33 -44.29 17.19
N ARG I 113 -17.05 -44.33 17.51
CA ARG I 113 -16.49 -45.37 18.36
C ARG I 113 -16.18 -44.75 19.71
N ILE I 114 -16.97 -45.11 20.72
CA ILE I 114 -16.74 -44.59 22.06
C ILE I 114 -15.68 -45.44 22.76
N GLU I 115 -14.57 -44.81 23.13
CA GLU I 115 -13.51 -45.49 23.87
C GLU I 115 -13.38 -44.84 25.25
N THR I 116 -12.63 -45.50 26.13
CA THR I 116 -12.40 -44.93 27.45
C THR I 116 -11.71 -43.56 27.38
N GLY I 117 -10.79 -43.39 26.43
CA GLY I 117 -9.99 -42.18 26.35
C GLY I 117 -10.54 -41.07 25.45
N PHE I 118 -11.40 -41.43 24.52
CA PHE I 118 -11.98 -40.47 23.56
C PHE I 118 -13.05 -41.12 22.69
N ILE I 119 -13.71 -40.30 21.88
CA ILE I 119 -14.72 -40.77 20.94
C ILE I 119 -14.21 -40.49 19.53
N GLU I 120 -14.23 -41.50 18.66
CA GLU I 120 -13.68 -41.38 17.31
C GLU I 120 -14.80 -41.42 16.27
N LEU I 121 -14.77 -40.47 15.32
CA LEU I 121 -15.76 -40.43 14.26
C LEU I 121 -15.40 -41.44 13.18
N GLY I 122 -16.41 -42.10 12.61
CA GLY I 122 -16.17 -43.06 11.55
C GLY I 122 -17.43 -43.52 10.82
N SER I 123 -17.33 -44.70 10.22
CA SER I 123 -18.45 -45.27 9.48
C SER I 123 -18.57 -46.74 9.81
N LEU I 124 -19.74 -47.30 9.53
CA LEU I 124 -20.07 -48.64 9.97
C LEU I 124 -20.61 -49.47 8.80
N LEU I 125 -20.03 -50.64 8.59
CA LEU I 125 -20.44 -51.52 7.50
C LEU I 125 -20.25 -52.97 7.89
N ASN I 126 -21.31 -53.77 7.80
CA ASN I 126 -21.25 -55.16 8.23
C ASN I 126 -20.71 -55.34 9.66
N GLY I 127 -21.06 -54.41 10.54
CA GLY I 127 -20.68 -54.47 11.94
C GLY I 127 -19.29 -53.96 12.23
N ALA I 128 -18.54 -53.61 11.19
CA ALA I 128 -17.16 -53.15 11.34
C ALA I 128 -17.07 -51.63 11.31
N PHE I 129 -16.33 -51.07 12.27
CA PHE I 129 -16.09 -49.63 12.32
C PHE I 129 -14.81 -49.23 11.60
N THR I 130 -14.91 -48.21 10.75
CA THR I 130 -13.75 -47.63 10.07
C THR I 130 -13.62 -46.15 10.39
N PRO I 131 -12.45 -45.71 10.88
CA PRO I 131 -12.28 -44.29 11.20
C PRO I 131 -12.47 -43.40 9.98
N LEU I 132 -13.03 -42.21 10.20
CA LEU I 132 -13.23 -41.23 9.14
C LEU I 132 -12.18 -40.14 9.21
N ALA I 133 -11.54 -39.83 8.07
CA ALA I 133 -10.55 -38.77 8.00
C ALA I 133 -11.14 -37.40 8.32
N ALA I 134 -10.35 -36.54 8.96
CA ALA I 134 -10.85 -35.27 9.48
C ALA I 134 -11.35 -34.31 8.38
N ASN I 135 -10.85 -34.46 7.15
CA ASN I 135 -11.31 -33.55 6.09
C ASN I 135 -12.56 -34.09 5.37
N LEU I 136 -13.11 -35.20 5.86
CA LEU I 136 -14.31 -35.80 5.28
C LEU I 136 -15.54 -35.76 6.20
N ILE I 137 -15.42 -35.08 7.35
CA ILE I 137 -16.53 -35.01 8.30
C ILE I 137 -17.54 -33.92 7.95
N GLY I 138 -17.49 -33.41 6.73
CA GLY I 138 -18.44 -32.38 6.35
C GLY I 138 -18.21 -31.91 4.93
N THR I 139 -18.90 -30.84 4.55
CA THR I 139 -18.77 -30.24 3.22
C THR I 139 -18.45 -28.78 3.43
N VAL I 140 -17.24 -28.39 3.04
CA VAL I 140 -16.66 -27.08 3.36
C VAL I 140 -16.48 -26.86 4.86
N GLY I 141 -17.59 -26.89 5.60
CA GLY I 141 -17.54 -26.86 7.05
C GLY I 141 -18.14 -28.13 7.62
N TYR I 142 -18.51 -28.12 8.89
CA TYR I 142 -19.08 -29.32 9.50
C TYR I 142 -20.14 -29.00 10.55
N GLU I 143 -21.02 -29.95 10.79
CA GLU I 143 -21.98 -29.88 11.91
C GLU I 143 -22.52 -31.27 12.16
N PHE I 144 -22.25 -31.80 13.35
CA PHE I 144 -22.65 -33.16 13.66
C PHE I 144 -23.01 -33.32 15.14
N ALA I 145 -23.66 -34.44 15.46
CA ALA I 145 -24.05 -34.72 16.84
C ALA I 145 -23.87 -36.21 17.15
N ILE I 146 -23.53 -36.49 18.40
CA ILE I 146 -23.34 -37.85 18.87
C ILE I 146 -24.15 -38.02 20.14
N ASP I 147 -25.00 -39.05 20.17
CA ASP I 147 -25.85 -39.37 21.30
C ASP I 147 -25.69 -40.82 21.68
N ALA I 148 -25.42 -41.10 22.94
CA ALA I 148 -25.19 -42.47 23.37
C ALA I 148 -25.37 -42.67 24.86
N THR I 149 -25.58 -43.93 25.24
CA THR I 149 -25.63 -44.36 26.64
C THR I 149 -24.73 -45.60 26.80
N TYR I 150 -23.89 -45.58 27.83
CA TYR I 150 -22.93 -46.66 28.06
C TYR I 150 -22.61 -46.72 29.55
N ALA I 151 -21.97 -47.82 29.97
CA ALA I 151 -21.61 -47.96 31.37
C ALA I 151 -20.24 -47.33 31.66
N ALA I 152 -20.15 -46.64 32.77
CA ALA I 152 -18.92 -45.99 33.17
C ALA I 152 -18.20 -46.79 34.26
N GLN I 153 -16.90 -46.50 34.48
CA GLN I 153 -16.16 -47.32 35.44
C GLN I 153 -16.02 -46.47 36.69
N VAL J 7 7.28 17.75 20.54
CA VAL J 7 7.70 16.51 19.91
C VAL J 7 8.43 15.58 20.90
N PRO J 8 7.72 14.56 21.41
CA PRO J 8 8.23 13.69 22.48
C PRO J 8 9.50 12.92 22.14
N THR J 9 10.37 12.80 23.14
CA THR J 9 11.58 12.00 23.07
C THR J 9 11.46 10.87 24.09
N VAL J 10 12.04 9.70 23.81
CA VAL J 10 12.17 8.66 24.83
C VAL J 10 13.63 8.27 24.98
N THR J 11 14.08 8.18 26.23
CA THR J 11 15.45 7.87 26.57
C THR J 11 15.48 6.87 27.70
N THR J 12 16.15 5.74 27.49
CA THR J 12 16.21 4.70 28.51
C THR J 12 17.66 4.30 28.71
N ARG J 13 18.18 4.53 29.91
CA ARG J 13 19.60 4.27 30.17
C ARG J 13 19.86 3.58 31.50
N ALA J 14 20.75 2.61 31.48
CA ALA J 14 21.30 2.08 32.73
C ALA J 14 22.10 3.20 33.42
N PHE J 15 22.21 3.13 34.75
CA PHE J 15 23.11 4.04 35.45
C PHE J 15 23.66 3.36 36.69
N LEU J 16 24.70 3.96 37.27
CA LEU J 16 25.35 3.40 38.44
C LEU J 16 24.97 4.24 39.65
N PRO J 17 24.02 3.76 40.46
CA PRO J 17 23.67 4.64 41.59
C PRO J 17 24.82 4.75 42.59
N ARG J 18 24.95 5.92 43.19
CA ARG J 18 25.96 6.16 44.20
C ARG J 18 25.30 6.26 45.57
N LEU J 19 25.68 5.36 46.46
CA LEU J 19 25.22 5.37 47.85
C LEU J 19 26.15 6.24 48.68
N ALA J 20 25.58 7.19 49.40
CA ALA J 20 26.36 8.11 50.22
C ALA J 20 25.62 8.42 51.52
N THR J 21 26.38 8.72 52.57
CA THR J 21 25.75 9.11 53.84
C THR J 21 26.13 10.55 54.21
N ALA J 22 25.36 11.13 55.13
CA ALA J 22 25.59 12.52 55.50
C ALA J 22 25.16 12.74 56.95
N ALA J 23 25.61 13.87 57.52
CA ALA J 23 25.39 14.16 58.94
C ALA J 23 23.96 14.62 59.24
N ASP J 24 23.29 15.17 58.23
CA ASP J 24 21.88 15.52 58.35
C ASP J 24 21.22 15.39 56.97
N SER J 25 19.95 15.75 56.87
CA SER J 25 19.19 15.60 55.62
C SER J 25 19.26 16.85 54.74
N ILE J 26 20.15 17.78 55.09
CA ILE J 26 20.24 19.05 54.39
C ILE J 26 21.60 19.29 53.72
N THR J 27 22.67 18.91 54.42
CA THR J 27 24.02 19.28 54.02
C THR J 27 24.37 18.72 52.63
N SER J 28 25.25 19.42 51.92
CA SER J 28 25.80 18.89 50.65
C SER J 28 27.16 18.21 50.86
N THR J 29 27.59 18.11 52.11
CA THR J 29 28.76 17.31 52.46
C THR J 29 28.34 15.85 52.68
N THR J 30 28.90 14.94 51.89
CA THR J 30 28.55 13.52 51.98
C THR J 30 29.76 12.60 51.92
N THR J 31 29.58 11.37 52.38
CA THR J 31 30.62 10.36 52.31
C THR J 31 30.18 9.24 51.38
N THR J 32 30.90 9.04 50.29
CA THR J 32 30.57 7.95 49.35
C THR J 32 30.91 6.58 49.92
N ILE J 33 29.95 5.66 49.84
CA ILE J 33 30.14 4.31 50.34
C ILE J 33 30.66 3.40 49.24
N ALA J 34 31.70 2.62 49.53
CA ALA J 34 32.26 1.69 48.56
C ALA J 34 31.30 0.54 48.32
N LEU J 35 30.97 0.29 47.06
CA LEU J 35 30.00 -0.74 46.72
C LEU J 35 30.67 -2.07 46.35
N ASP J 36 30.03 -3.16 46.78
CA ASP J 36 30.34 -4.49 46.28
C ASP J 36 29.92 -4.60 44.81
N PRO J 37 30.35 -5.66 44.12
CA PRO J 37 29.80 -5.90 42.78
C PRO J 37 28.27 -6.02 42.82
N GLN J 38 27.59 -5.40 41.85
CA GLN J 38 26.13 -5.42 41.81
C GLN J 38 25.58 -6.56 40.95
N THR J 39 24.35 -6.97 41.24
CA THR J 39 23.75 -8.16 40.62
C THR J 39 22.54 -7.83 39.75
N GLU J 40 22.00 -6.64 39.94
CA GLU J 40 20.79 -6.23 39.23
C GLU J 40 21.01 -4.84 38.65
N GLN J 41 20.65 -4.65 37.39
CA GLN J 41 20.85 -3.37 36.73
C GLN J 41 19.92 -2.30 37.27
N SER J 42 20.49 -1.14 37.59
CA SER J 42 19.70 0.06 37.85
C SER J 42 19.56 0.87 36.57
N TYR J 43 18.41 1.48 36.38
CA TYR J 43 18.15 2.22 35.15
C TYR J 43 17.13 3.31 35.38
N TRP J 44 17.00 4.19 34.39
CA TRP J 44 15.89 5.13 34.36
C TRP J 44 15.42 5.31 32.93
N THR J 45 14.17 5.73 32.78
CA THR J 45 13.68 6.08 31.46
C THR J 45 12.91 7.39 31.55
N ARG J 46 12.97 8.18 30.49
CA ARG J 46 12.21 9.41 30.42
C ARG J 46 11.52 9.53 29.07
N VAL J 47 10.22 9.73 29.08
CA VAL J 47 9.46 9.98 27.86
C VAL J 47 8.64 11.25 28.11
N GLY J 48 8.81 12.24 27.24
CA GLY J 48 8.28 13.56 27.55
C GLY J 48 8.95 14.07 28.82
N ASP J 49 8.13 14.51 29.78
CA ASP J 49 8.63 14.93 31.09
C ASP J 49 8.33 13.90 32.18
N THR J 50 8.10 12.66 31.77
CA THR J 50 7.73 11.61 32.71
C THR J 50 8.90 10.65 32.91
N ALA J 51 9.39 10.58 34.15
CA ALA J 51 10.56 9.78 34.46
C ALA J 51 10.20 8.57 35.30
N THR J 52 10.76 7.42 34.94
CA THR J 52 10.60 6.20 35.75
C THR J 52 11.98 5.67 36.13
N ILE J 53 12.17 5.37 37.41
CA ILE J 53 13.48 4.91 37.88
C ILE J 53 13.37 3.52 38.51
N HIS J 54 14.44 2.75 38.34
CA HIS J 54 14.58 1.48 39.03
C HIS J 54 15.98 1.38 39.64
N ILE J 55 16.04 1.30 40.96
CA ILE J 55 17.32 1.21 41.65
C ILE J 55 17.40 -0.08 42.45
N HIS J 56 18.53 -0.77 42.35
CA HIS J 56 18.77 -1.93 43.19
C HIS J 56 20.19 -1.86 43.68
N LEU J 57 20.39 -2.04 44.98
CA LEU J 57 21.73 -2.09 45.56
C LEU J 57 21.86 -3.25 46.54
N VAL J 58 23.02 -3.90 46.51
CA VAL J 58 23.30 -5.00 47.42
C VAL J 58 24.70 -4.81 48.03
N GLY J 59 24.84 -5.15 49.31
CA GLY J 59 26.10 -4.98 50.01
C GLY J 59 26.25 -5.97 51.14
N ALA J 60 27.48 -6.44 51.36
CA ALA J 60 27.75 -7.41 52.42
C ALA J 60 27.84 -6.75 53.79
N ALA J 61 28.23 -5.48 53.82
CA ALA J 61 28.44 -4.78 55.09
C ALA J 61 27.73 -3.44 55.15
N LEU J 62 26.94 -3.25 56.20
CA LEU J 62 26.28 -1.97 56.43
C LEU J 62 27.30 -0.85 56.56
N PRO J 63 26.97 0.35 56.07
CA PRO J 63 27.80 1.53 56.26
C PRO J 63 27.90 1.91 57.73
N ALA J 64 28.85 2.77 58.05
CA ALA J 64 28.96 3.34 59.40
C ALA J 64 27.73 4.19 59.67
N ALA J 65 27.32 4.28 60.93
CA ALA J 65 26.13 5.03 61.30
C ALA J 65 26.20 6.50 60.88
N ALA J 66 25.09 7.00 60.35
CA ALA J 66 24.94 8.38 59.94
C ALA J 66 23.45 8.64 59.82
N PRO J 67 22.99 9.86 60.11
CA PRO J 67 21.55 10.14 60.14
C PRO J 67 20.89 10.15 58.77
N SER J 68 21.65 10.42 57.71
CA SER J 68 21.10 10.53 56.38
C SER J 68 21.73 9.54 55.41
N THR J 69 20.87 8.78 54.73
CA THR J 69 21.30 7.75 53.77
C THR J 69 20.73 8.05 52.38
N ARG J 70 21.61 8.33 51.42
CA ARG J 70 21.20 8.89 50.14
C ARG J 70 21.67 8.11 48.93
N ILE J 71 20.92 8.23 47.83
CA ILE J 71 21.34 7.68 46.53
C ILE J 71 21.41 8.80 45.51
N TYR J 72 22.56 8.93 44.85
CA TYR J 72 22.75 9.94 43.82
C TYR J 72 22.90 9.24 42.46
N GLY J 73 22.49 9.93 41.39
CA GLY J 73 22.65 9.40 40.05
C GLY J 73 22.15 10.39 39.04
N ASN J 74 22.27 10.06 37.76
CA ASN J 74 21.86 11.00 36.73
C ASN J 74 20.42 10.78 36.23
N PHE J 75 19.56 10.21 37.08
CA PHE J 75 18.14 10.11 36.75
C PHE J 75 17.59 11.52 36.54
N PRO J 76 16.48 11.63 35.79
CA PRO J 76 15.92 12.96 35.52
C PRO J 76 15.57 13.68 36.82
N PRO J 77 16.06 14.90 37.00
CA PRO J 77 15.82 15.64 38.25
C PRO J 77 14.36 15.98 38.48
N LEU J 78 13.85 15.66 39.67
CA LEU J 78 12.46 15.90 40.03
C LEU J 78 12.06 17.36 39.84
N ARG J 79 10.91 17.56 39.22
CA ARG J 79 10.31 18.88 39.14
C ARG J 79 9.56 19.21 40.43
N ILE J 80 10.06 20.18 41.19
CA ILE J 80 9.36 20.61 42.39
C ILE J 80 9.91 21.97 42.82
N THR J 81 9.02 22.84 43.31
CA THR J 81 9.42 24.14 43.85
C THR J 81 10.41 23.93 44.98
N PRO J 82 11.58 24.57 44.91
CA PRO J 82 12.52 24.43 46.02
C PRO J 82 11.93 25.00 47.31
N SER J 83 12.13 24.30 48.43
CA SER J 83 11.58 24.72 49.73
C SER J 83 12.68 25.34 50.59
N SER J 84 12.35 25.65 51.84
CA SER J 84 13.31 26.30 52.74
C SER J 84 14.60 25.51 52.95
N ALA J 85 15.72 26.23 52.96
CA ALA J 85 17.03 25.61 53.13
C ALA J 85 17.25 25.13 54.57
N LEU J 86 16.34 25.49 55.47
CA LEU J 86 16.47 25.17 56.88
C LEU J 86 15.93 23.78 57.24
N ALA J 87 15.23 23.16 56.29
CA ALA J 87 14.79 21.77 56.44
C ALA J 87 15.11 21.01 55.17
N ALA J 88 14.94 19.69 55.22
CA ALA J 88 15.11 18.87 54.04
C ALA J 88 14.21 19.40 52.94
N GLN J 89 14.69 19.36 51.70
CA GLN J 89 13.88 19.80 50.57
C GLN J 89 12.62 18.96 50.46
N HIS J 90 11.51 19.60 50.10
CA HIS J 90 10.28 18.87 49.79
C HIS J 90 10.55 17.88 48.66
N GLY J 91 9.97 16.69 48.78
CA GLY J 91 10.16 15.69 47.75
C GLY J 91 8.92 14.82 47.58
N VAL J 92 9.05 13.77 46.76
CA VAL J 92 7.97 12.83 46.54
C VAL J 92 8.25 11.57 47.35
N ILE J 93 7.29 11.17 48.18
CA ILE J 93 7.50 10.00 49.00
C ILE J 93 6.94 8.76 48.31
N VAL J 94 7.75 7.72 48.23
CA VAL J 94 7.36 6.48 47.59
C VAL J 94 7.68 5.31 48.50
N PRO J 95 6.99 4.17 48.33
CA PRO J 95 7.42 2.99 49.08
C PRO J 95 8.73 2.46 48.52
N MET J 96 9.40 1.56 49.24
CA MET J 96 10.54 0.85 48.66
C MET J 96 10.58 -0.57 49.19
N GLN J 97 11.44 -1.39 48.59
CA GLN J 97 11.48 -2.81 48.87
C GLN J 97 12.80 -3.21 49.54
N TYR J 98 12.72 -4.03 50.59
CA TYR J 98 13.92 -4.60 51.23
C TYR J 98 14.00 -6.12 51.05
N TYR J 99 15.14 -6.61 50.58
CA TYR J 99 15.39 -8.04 50.47
C TYR J 99 16.10 -8.57 51.72
N VAL J 100 16.81 -7.68 52.40
CA VAL J 100 17.37 -7.94 53.72
C VAL J 100 16.69 -6.98 54.71
N ALA J 101 16.17 -7.51 55.81
CA ALA J 101 15.36 -6.70 56.73
C ALA J 101 16.13 -5.53 57.35
N PRO J 102 15.54 -4.33 57.29
CA PRO J 102 16.05 -3.12 57.95
C PRO J 102 15.50 -3.02 59.36
N THR J 103 15.87 -1.98 60.09
CA THR J 103 15.21 -1.66 61.36
C THR J 103 14.44 -0.35 61.25
N LEU J 104 13.11 -0.46 61.21
CA LEU J 104 12.23 0.70 61.01
C LEU J 104 11.50 1.07 62.29
N PRO J 105 11.08 2.33 62.41
CA PRO J 105 10.25 2.71 63.57
C PRO J 105 8.95 1.91 63.61
N VAL J 106 8.45 1.64 64.82
CA VAL J 106 7.25 0.85 64.99
C VAL J 106 6.09 1.43 64.18
N GLY J 107 5.40 0.56 63.44
CA GLY J 107 4.21 0.95 62.72
C GLY J 107 4.45 1.61 61.37
N SER J 108 5.70 1.87 61.05
CA SER J 108 6.03 2.57 59.80
C SER J 108 6.24 1.61 58.63
N SER J 109 6.14 2.14 57.41
CA SER J 109 6.42 1.39 56.20
C SER J 109 7.75 1.86 55.60
N ALA J 110 8.43 0.98 54.88
CA ALA J 110 9.68 1.34 54.20
C ALA J 110 9.39 2.36 53.10
N ALA J 111 10.18 3.43 53.06
CA ALA J 111 9.92 4.51 52.12
C ALA J 111 11.19 5.20 51.64
N ALA J 112 11.06 5.94 50.54
CA ALA J 112 12.13 6.79 50.07
C ALA J 112 11.59 8.16 49.72
N ARG J 113 12.41 9.19 49.97
CA ARG J 113 12.06 10.55 49.64
C ARG J 113 12.83 10.96 48.38
N ILE J 114 12.10 11.15 47.28
CA ILE J 114 12.73 11.57 46.03
C ILE J 114 12.80 13.08 45.98
N GLU J 115 14.03 13.60 45.94
CA GLU J 115 14.26 15.03 45.84
C GLU J 115 14.95 15.34 44.52
N THR J 116 14.98 16.60 44.15
CA THR J 116 15.66 17.01 42.92
C THR J 116 17.13 16.61 42.94
N GLY J 117 17.76 16.74 44.10
CA GLY J 117 19.19 16.50 44.23
C GLY J 117 19.63 15.08 44.53
N PHE J 118 18.74 14.27 45.12
CA PHE J 118 19.06 12.90 45.51
C PHE J 118 17.82 12.17 46.03
N ILE J 119 17.97 10.88 46.31
CA ILE J 119 16.89 10.09 46.92
C ILE J 119 17.32 9.63 48.30
N GLU J 120 16.47 9.85 49.30
CA GLU J 120 16.83 9.54 50.69
C GLU J 120 15.99 8.38 51.21
N LEU J 121 16.66 7.40 51.81
CA LEU J 121 15.99 6.25 52.40
C LEU J 121 15.33 6.65 53.73
N GLY J 122 14.16 6.11 54.00
CA GLY J 122 13.49 6.40 55.25
C GLY J 122 12.29 5.52 55.55
N SER J 123 11.36 6.07 56.33
CA SER J 123 10.17 5.36 56.76
C SER J 123 8.98 6.30 56.78
N LEU J 124 7.79 5.72 56.75
CA LEU J 124 6.57 6.48 56.52
C LEU J 124 5.52 6.12 57.56
N LEU J 125 4.99 7.14 58.20
CA LEU J 125 3.99 6.95 59.25
C LEU J 125 3.06 8.14 59.26
N ASN J 126 1.76 7.89 59.08
CA ASN J 126 0.74 8.95 59.07
C ASN J 126 1.06 10.06 58.07
N GLY J 127 1.56 9.66 56.91
CA GLY J 127 1.90 10.59 55.84
C GLY J 127 3.24 11.29 56.01
N ALA J 128 3.91 11.09 57.13
CA ALA J 128 5.16 11.80 57.41
C ALA J 128 6.37 10.93 57.14
N PHE J 129 7.36 11.50 56.46
CA PHE J 129 8.60 10.79 56.15
C PHE J 129 9.69 11.08 57.18
N THR J 130 10.32 10.02 57.68
CA THR J 130 11.46 10.11 58.59
C THR J 130 12.70 9.44 57.98
N PRO J 131 13.81 10.18 57.82
CA PRO J 131 15.06 9.59 57.33
C PRO J 131 15.51 8.37 58.14
N LEU J 132 16.06 7.36 57.45
CA LEU J 132 16.57 6.16 58.10
C LEU J 132 18.10 6.21 58.19
N ALA J 133 18.63 5.93 59.38
CA ALA J 133 20.09 5.97 59.58
C ALA J 133 20.80 4.85 58.82
N ALA J 134 22.01 5.15 58.35
CA ALA J 134 22.73 4.26 57.44
C ALA J 134 23.01 2.87 58.02
N ASN J 135 23.15 2.79 59.34
CA ASN J 135 23.47 1.52 59.96
C ASN J 135 22.23 0.65 60.12
N LEU J 136 21.07 1.22 59.80
CA LEU J 136 19.80 0.52 60.01
C LEU J 136 19.13 0.05 58.74
N ILE J 137 19.78 0.26 57.59
CA ILE J 137 19.18 -0.06 56.30
C ILE J 137 19.32 -1.54 55.92
N GLY J 138 19.61 -2.38 56.90
CA GLY J 138 19.74 -3.80 56.66
C GLY J 138 20.07 -4.57 57.93
N THR J 139 20.43 -5.83 57.74
CA THR J 139 20.84 -6.72 58.82
C THR J 139 22.17 -7.39 58.44
N VAL J 140 23.24 -6.95 59.10
CA VAL J 140 24.65 -7.29 58.76
C VAL J 140 25.06 -6.58 57.48
N GLY J 141 24.46 -6.98 56.35
CA GLY J 141 24.60 -6.26 55.11
C GLY J 141 23.26 -5.70 54.67
N TYR J 142 23.14 -5.38 53.38
CA TYR J 142 21.88 -4.80 52.90
C TYR J 142 21.54 -5.24 51.48
N GLU J 143 20.26 -5.14 51.16
CA GLU J 143 19.79 -5.30 49.79
C GLU J 143 18.42 -4.64 49.68
N PHE J 144 18.29 -3.65 48.80
CA PHE J 144 17.02 -2.95 48.66
C PHE J 144 16.79 -2.48 47.23
N ALA J 145 15.56 -2.09 46.93
CA ALA J 145 15.23 -1.54 45.63
C ALA J 145 14.25 -0.38 45.77
N ILE J 146 14.32 0.56 44.84
CA ILE J 146 13.42 1.70 44.81
C ILE J 146 12.86 1.82 43.39
N ASP J 147 11.54 1.89 43.27
CA ASP J 147 10.84 2.01 41.99
C ASP J 147 9.86 3.19 42.05
N ALA J 148 9.92 4.10 41.08
CA ALA J 148 9.02 5.25 41.11
C ALA J 148 8.85 5.92 39.76
N THR J 149 7.75 6.64 39.61
CA THR J 149 7.56 7.49 38.43
C THR J 149 7.22 8.91 38.88
N TYR J 150 7.85 9.90 38.27
CA TYR J 150 7.61 11.29 38.65
C TYR J 150 7.90 12.20 37.46
N ALA J 151 7.54 13.47 37.58
CA ALA J 151 7.75 14.43 36.49
C ALA J 151 9.11 15.09 36.62
N ALA J 152 9.77 15.29 35.49
CA ALA J 152 11.12 15.83 35.47
C ALA J 152 11.13 17.29 35.03
N GLN J 153 12.20 17.97 35.42
CA GLN J 153 12.44 19.37 35.10
C GLN J 153 12.74 19.55 33.62
N VAL K 7 -46.39 37.11 1.17
CA VAL K 7 -45.34 37.21 0.15
C VAL K 7 -43.94 37.10 0.79
N PRO K 8 -43.19 36.06 0.42
CA PRO K 8 -41.93 35.72 1.09
C PRO K 8 -40.83 36.76 0.92
N THR K 9 -39.87 36.75 1.84
CA THR K 9 -38.65 37.52 1.72
C THR K 9 -37.44 36.57 1.75
N VAL K 10 -36.31 37.03 1.22
CA VAL K 10 -35.03 36.32 1.37
C VAL K 10 -34.09 37.07 2.27
N THR K 11 -33.46 36.35 3.18
CA THR K 11 -32.43 36.91 4.03
C THR K 11 -31.24 35.96 4.07
N THR K 12 -30.08 36.44 3.65
CA THR K 12 -28.87 35.61 3.66
C THR K 12 -27.76 36.35 4.40
N ARG K 13 -27.28 35.77 5.50
CA ARG K 13 -26.27 36.43 6.34
C ARG K 13 -25.13 35.50 6.77
N ALA K 14 -23.89 35.98 6.67
CA ALA K 14 -22.79 35.35 7.38
C ALA K 14 -23.06 35.46 8.88
N PHE K 15 -22.59 34.51 9.67
CA PHE K 15 -22.74 34.64 11.12
C PHE K 15 -21.58 34.00 11.85
N LEU K 16 -21.45 34.31 13.14
CA LEU K 16 -20.36 33.80 13.94
C LEU K 16 -20.87 32.76 14.92
N PRO K 17 -20.71 31.46 14.59
CA PRO K 17 -21.13 30.43 15.54
C PRO K 17 -20.31 30.46 16.82
N ARG K 18 -20.95 30.09 17.92
CA ARG K 18 -20.30 29.99 19.22
C ARG K 18 -20.33 28.54 19.69
N LEU K 19 -19.15 27.98 19.97
CA LEU K 19 -19.04 26.65 20.52
C LEU K 19 -19.13 26.71 22.04
N ALA K 20 -20.00 25.89 22.63
CA ALA K 20 -20.15 25.83 24.08
C ALA K 20 -20.35 24.40 24.56
N THR K 21 -19.90 24.12 25.78
CA THR K 21 -20.14 22.81 26.37
C THR K 21 -21.00 22.92 27.62
N ALA K 22 -21.57 21.79 28.04
CA ALA K 22 -22.49 21.77 29.18
C ALA K 22 -22.45 20.42 29.89
N ALA K 23 -23.00 20.41 31.10
CA ALA K 23 -22.94 19.26 31.99
C ALA K 23 -23.85 18.13 31.54
N ASP K 24 -24.91 18.48 30.83
CA ASP K 24 -25.83 17.51 30.25
C ASP K 24 -26.52 18.14 29.04
N SER K 25 -27.49 17.44 28.45
CA SER K 25 -28.12 17.91 27.22
C SER K 25 -29.39 18.70 27.48
N ILE K 26 -29.64 19.06 28.74
CA ILE K 26 -30.88 19.71 29.14
C ILE K 26 -30.69 21.15 29.62
N THR K 27 -29.69 21.34 30.47
CA THR K 27 -29.45 22.62 31.13
C THR K 27 -29.12 23.77 30.17
N SER K 28 -29.54 24.97 30.55
CA SER K 28 -29.21 26.17 29.79
C SER K 28 -27.88 26.78 30.24
N THR K 29 -27.27 26.17 31.25
CA THR K 29 -25.96 26.60 31.73
C THR K 29 -24.84 26.05 30.86
N THR K 30 -24.04 26.92 30.26
CA THR K 30 -22.95 26.45 29.39
C THR K 30 -21.62 27.16 29.62
N THR K 31 -20.55 26.55 29.14
CA THR K 31 -19.23 27.18 29.14
C THR K 31 -18.83 27.49 27.71
N THR K 32 -18.54 28.76 27.43
CA THR K 32 -18.17 29.15 26.08
C THR K 32 -16.72 28.76 25.80
N ILE K 33 -16.49 28.08 24.69
CA ILE K 33 -15.14 27.64 24.31
C ILE K 33 -14.44 28.73 23.51
N ALA K 34 -13.22 29.09 23.92
CA ALA K 34 -12.47 30.11 23.19
C ALA K 34 -12.07 29.60 21.80
N LEU K 35 -12.46 30.35 20.76
CA LEU K 35 -12.18 29.93 19.39
C LEU K 35 -10.88 30.49 18.81
N ASP K 36 -10.21 29.69 17.99
CA ASP K 36 -9.15 30.15 17.12
C ASP K 36 -9.75 31.02 16.01
N PRO K 37 -8.89 31.74 15.25
CA PRO K 37 -9.39 32.39 14.04
C PRO K 37 -9.97 31.35 13.08
N GLN K 38 -11.09 31.66 12.44
CA GLN K 38 -11.74 30.68 11.56
C GLN K 38 -11.27 30.84 10.12
N THR K 39 -11.50 29.81 9.30
CA THR K 39 -10.96 29.74 7.96
C THR K 39 -12.06 29.65 6.90
N GLU K 40 -13.27 29.30 7.33
CA GLU K 40 -14.39 29.12 6.42
C GLU K 40 -15.61 29.83 6.95
N GLN K 41 -16.26 30.60 6.10
CA GLN K 41 -17.41 31.39 6.53
C GLN K 41 -18.60 30.49 6.87
N SER K 42 -19.18 30.70 8.05
CA SER K 42 -20.48 30.12 8.39
C SER K 42 -21.56 31.13 8.02
N TYR K 43 -22.71 30.63 7.58
CA TYR K 43 -23.80 31.49 7.13
C TYR K 43 -25.14 30.80 7.27
N TRP K 44 -26.21 31.57 7.11
CA TRP K 44 -27.52 30.97 6.97
C TRP K 44 -28.34 31.78 5.97
N THR K 45 -29.34 31.13 5.39
CA THR K 45 -30.28 31.86 4.55
C THR K 45 -31.68 31.44 4.95
N ARG K 46 -32.61 32.38 4.87
CA ARG K 46 -34.01 32.08 5.13
C ARG K 46 -34.86 32.67 4.02
N VAL K 47 -35.63 31.82 3.37
CA VAL K 47 -36.58 32.29 2.38
C VAL K 47 -37.94 31.71 2.76
N GLY K 48 -38.94 32.58 2.93
CA GLY K 48 -40.20 32.13 3.52
C GLY K 48 -39.94 31.65 4.94
N ASP K 49 -40.39 30.43 5.25
CA ASP K 49 -40.10 29.82 6.54
C ASP K 49 -39.02 28.74 6.43
N THR K 50 -38.28 28.74 5.32
CA THR K 50 -37.32 27.68 5.06
C THR K 50 -35.88 28.17 5.31
N ALA K 51 -35.24 27.55 6.28
CA ALA K 51 -33.90 27.95 6.73
C ALA K 51 -32.83 26.95 6.31
N THR K 52 -31.74 27.44 5.72
CA THR K 52 -30.61 26.57 5.39
C THR K 52 -29.37 27.10 6.09
N ILE K 53 -28.67 26.23 6.81
CA ILE K 53 -27.49 26.66 7.54
C ILE K 53 -26.23 25.95 7.08
N HIS K 54 -25.12 26.68 7.17
CA HIS K 54 -23.81 26.13 6.91
C HIS K 54 -22.88 26.59 8.02
N ILE K 55 -22.41 25.63 8.81
CA ILE K 55 -21.48 25.93 9.89
C ILE K 55 -20.18 25.18 9.66
N HIS K 56 -19.05 25.88 9.85
CA HIS K 56 -17.73 25.26 9.84
C HIS K 56 -16.96 25.81 11.03
N LEU K 57 -16.31 24.93 11.79
CA LEU K 57 -15.49 25.33 12.91
C LEU K 57 -14.19 24.55 12.90
N VAL K 58 -13.09 25.25 13.17
CA VAL K 58 -11.79 24.62 13.26
C VAL K 58 -11.09 25.09 14.54
N GLY K 59 -10.37 24.18 15.18
CA GLY K 59 -9.66 24.50 16.41
C GLY K 59 -8.42 23.64 16.61
N ALA K 60 -7.37 24.22 17.18
CA ALA K 60 -6.12 23.48 17.34
C ALA K 60 -6.13 22.57 18.56
N ALA K 61 -6.97 22.87 19.55
CA ALA K 61 -7.01 22.09 20.78
C ALA K 61 -8.43 21.70 21.21
N LEU K 62 -8.62 20.42 21.51
CA LEU K 62 -9.92 19.92 21.97
C LEU K 62 -10.32 20.58 23.28
N PRO K 63 -11.62 20.79 23.50
CA PRO K 63 -12.12 21.30 24.79
C PRO K 63 -11.94 20.28 25.90
N ALA K 64 -12.00 20.75 27.14
CA ALA K 64 -12.03 19.85 28.28
C ALA K 64 -13.29 19.00 28.21
N ALA K 65 -13.23 17.79 28.74
CA ALA K 65 -14.34 16.85 28.70
C ALA K 65 -15.63 17.40 29.29
N ALA K 66 -16.72 17.26 28.54
CA ALA K 66 -18.05 17.63 29.00
C ALA K 66 -19.04 16.81 28.19
N PRO K 67 -20.14 16.37 28.82
CA PRO K 67 -21.10 15.47 28.16
C PRO K 67 -21.85 16.07 26.96
N SER K 68 -21.96 17.39 26.90
CA SER K 68 -22.75 18.04 25.85
C SER K 68 -21.90 19.09 25.13
N THR K 69 -21.92 19.03 23.80
CA THR K 69 -21.16 19.94 22.94
C THR K 69 -22.15 20.64 22.03
N ARG K 70 -22.20 21.97 22.09
CA ARG K 70 -23.27 22.72 21.42
C ARG K 70 -22.75 23.87 20.57
N ILE K 71 -23.54 24.22 19.57
CA ILE K 71 -23.30 25.39 18.74
C ILE K 71 -24.45 26.39 18.91
N TYR K 72 -24.12 27.60 19.33
CA TYR K 72 -25.12 28.67 19.43
C TYR K 72 -24.89 29.71 18.35
N GLY K 73 -25.97 30.36 17.93
CA GLY K 73 -25.87 31.40 16.93
C GLY K 73 -27.20 32.06 16.66
N ASN K 74 -27.21 33.02 15.74
CA ASN K 74 -28.45 33.73 15.39
C ASN K 74 -29.15 33.14 14.16
N PHE K 75 -28.86 31.88 13.83
CA PHE K 75 -29.58 31.19 12.75
C PHE K 75 -31.06 31.10 13.09
N PRO K 76 -31.94 31.02 12.08
CA PRO K 76 -33.38 30.99 12.39
C PRO K 76 -33.71 29.82 13.32
N PRO K 77 -34.54 30.08 14.35
CA PRO K 77 -34.86 29.06 15.34
C PRO K 77 -35.82 28.01 14.78
N LEU K 78 -35.47 26.75 14.98
CA LEU K 78 -36.27 25.63 14.48
C LEU K 78 -37.70 25.70 14.97
N ARG K 79 -38.65 25.50 14.05
CA ARG K 79 -40.03 25.34 14.46
C ARG K 79 -40.30 23.90 14.92
N ILE K 80 -40.59 23.73 16.20
CA ILE K 80 -40.97 22.42 16.71
C ILE K 80 -41.66 22.58 18.07
N THR K 81 -42.65 21.74 18.35
CA THR K 81 -43.32 21.76 19.65
C THR K 81 -42.31 21.49 20.77
N PRO K 82 -42.24 22.38 21.77
CA PRO K 82 -41.37 22.11 22.92
C PRO K 82 -41.80 20.82 23.61
N SER K 83 -40.83 20.02 24.02
CA SER K 83 -41.10 18.71 24.58
C SER K 83 -40.79 18.76 26.07
N SER K 84 -40.88 17.62 26.75
CA SER K 84 -40.70 17.60 28.20
C SER K 84 -39.36 18.17 28.65
N ALA K 85 -39.40 18.98 29.71
CA ALA K 85 -38.19 19.57 30.27
C ALA K 85 -37.34 18.54 31.03
N LEU K 86 -37.80 17.29 31.08
CA LEU K 86 -37.09 16.23 31.80
C LEU K 86 -36.06 15.52 30.93
N ALA K 87 -36.09 15.82 29.62
CA ALA K 87 -35.11 15.26 28.71
C ALA K 87 -34.67 16.34 27.73
N ALA K 88 -33.70 16.01 26.87
CA ALA K 88 -33.28 16.93 25.83
C ALA K 88 -34.50 17.30 24.99
N GLN K 89 -34.58 18.56 24.58
CA GLN K 89 -35.65 19.00 23.69
C GLN K 89 -35.63 18.17 22.41
N HIS K 90 -36.80 17.87 21.87
CA HIS K 90 -36.89 17.20 20.57
C HIS K 90 -36.30 18.11 19.50
N GLY K 91 -35.63 17.52 18.53
CA GLY K 91 -35.06 18.30 17.45
C GLY K 91 -35.00 17.53 16.14
N VAL K 92 -34.28 18.09 15.18
CA VAL K 92 -34.11 17.46 13.88
C VAL K 92 -32.70 16.88 13.80
N ILE K 93 -32.59 15.59 13.49
CA ILE K 93 -31.28 14.97 13.42
C ILE K 93 -30.77 15.00 11.99
N VAL K 94 -29.55 15.51 11.82
CA VAL K 94 -28.90 15.58 10.51
C VAL K 94 -27.53 14.93 10.54
N PRO K 95 -26.99 14.53 9.36
CA PRO K 95 -25.60 14.08 9.39
C PRO K 95 -24.68 15.27 9.56
N MET K 96 -23.41 15.03 9.87
CA MET K 96 -22.43 16.12 9.81
C MET K 96 -21.07 15.59 9.36
N GLN K 97 -20.18 16.52 9.02
CA GLN K 97 -18.91 16.18 8.39
C GLN K 97 -17.73 16.48 9.31
N TYR K 98 -16.77 15.57 9.36
CA TYR K 98 -15.54 15.77 10.12
C TYR K 98 -14.32 15.77 9.22
N TYR K 99 -13.52 16.84 9.32
CA TYR K 99 -12.27 16.93 8.57
C TYR K 99 -11.10 16.41 9.43
N VAL K 100 -11.29 16.42 10.74
CA VAL K 100 -10.38 15.77 11.69
C VAL K 100 -11.18 14.69 12.43
N ALA K 101 -10.62 13.49 12.53
CA ALA K 101 -11.38 12.33 13.01
C ALA K 101 -11.79 12.47 14.49
N PRO K 102 -13.07 12.22 14.76
CA PRO K 102 -13.61 12.18 16.13
C PRO K 102 -13.55 10.76 16.65
N THR K 103 -14.00 10.55 17.89
CA THR K 103 -14.19 9.21 18.41
C THR K 103 -15.69 8.95 18.58
N LEU K 104 -16.27 8.13 17.73
CA LEU K 104 -17.70 7.83 17.78
C LEU K 104 -17.99 6.43 18.30
N PRO K 105 -19.21 6.22 18.82
CA PRO K 105 -19.59 4.85 19.20
C PRO K 105 -19.57 3.90 18.00
N VAL K 106 -19.25 2.63 18.27
CA VAL K 106 -19.16 1.64 17.20
C VAL K 106 -20.45 1.53 16.40
N GLY K 107 -20.32 1.53 15.08
CA GLY K 107 -21.46 1.38 14.20
C GLY K 107 -22.25 2.65 13.95
N SER K 108 -21.90 3.74 14.63
CA SER K 108 -22.70 4.96 14.51
C SER K 108 -22.17 5.87 13.40
N SER K 109 -23.01 6.81 12.97
CA SER K 109 -22.59 7.84 12.02
C SER K 109 -22.52 9.20 12.71
N ALA K 110 -21.68 10.09 12.16
CA ALA K 110 -21.58 11.45 12.69
C ALA K 110 -22.88 12.21 12.47
N ALA K 111 -23.37 12.89 13.51
CA ALA K 111 -24.66 13.55 13.42
C ALA K 111 -24.74 14.80 14.30
N ALA K 112 -25.76 15.61 14.05
CA ALA K 112 -26.07 16.76 14.90
C ALA K 112 -27.56 16.83 15.19
N ARG K 113 -27.91 17.28 16.39
CA ARG K 113 -29.31 17.48 16.75
C ARG K 113 -29.59 18.99 16.73
N ILE K 114 -30.42 19.41 15.78
CA ILE K 114 -30.80 20.81 15.67
C ILE K 114 -32.01 21.06 16.56
N GLU K 115 -31.86 21.94 17.54
CA GLU K 115 -32.98 22.33 18.40
C GLU K 115 -33.29 23.82 18.21
N THR K 116 -34.40 24.26 18.78
CA THR K 116 -34.76 25.67 18.71
C THR K 116 -33.69 26.55 19.36
N GLY K 117 -33.07 26.06 20.43
CA GLY K 117 -32.13 26.85 21.20
C GLY K 117 -30.66 26.75 20.81
N PHE K 118 -30.28 25.65 20.16
CA PHE K 118 -28.89 25.39 19.80
C PHE K 118 -28.76 24.10 18.99
N ILE K 119 -27.57 23.83 18.49
CA ILE K 119 -27.31 22.58 17.75
C ILE K 119 -26.31 21.75 18.54
N GLU K 120 -26.64 20.48 18.77
CA GLU K 120 -25.77 19.63 19.58
C GLU K 120 -25.09 18.54 18.74
N LEU K 121 -23.78 18.38 18.93
CA LEU K 121 -23.01 17.36 18.22
C LEU K 121 -23.25 15.99 18.82
N GLY K 122 -23.31 14.96 17.98
CA GLY K 122 -23.53 13.60 18.49
C GLY K 122 -23.26 12.52 17.45
N SER K 123 -23.90 11.37 17.67
CA SER K 123 -23.76 10.24 16.77
C SER K 123 -25.12 9.57 16.63
N LEU K 124 -25.29 8.79 15.58
CA LEU K 124 -26.61 8.26 15.25
C LEU K 124 -26.53 6.76 14.96
N LEU K 125 -27.41 6.00 15.61
CA LEU K 125 -27.42 4.55 15.48
C LEU K 125 -28.85 4.04 15.65
N ASN K 126 -29.32 3.30 14.65
CA ASN K 126 -30.71 2.82 14.63
C ASN K 126 -31.74 3.94 14.84
N GLY K 127 -31.50 5.10 14.24
CA GLY K 127 -32.43 6.20 14.35
C GLY K 127 -32.31 7.00 15.62
N ALA K 128 -31.48 6.54 16.56
CA ALA K 128 -31.34 7.22 17.85
C ALA K 128 -30.11 8.14 17.92
N PHE K 129 -30.32 9.37 18.40
CA PHE K 129 -29.22 10.33 18.58
C PHE K 129 -28.59 10.26 19.97
N THR K 130 -27.27 10.15 20.01
CA THR K 130 -26.53 10.19 21.26
C THR K 130 -25.54 11.36 21.24
N PRO K 131 -25.63 12.25 22.25
CA PRO K 131 -24.70 13.37 22.36
C PRO K 131 -23.25 12.92 22.44
N LEU K 132 -22.35 13.67 21.82
CA LEU K 132 -20.93 13.33 21.81
C LEU K 132 -20.19 14.26 22.76
N ALA K 133 -19.34 13.69 23.61
CA ALA K 133 -18.61 14.46 24.61
C ALA K 133 -17.56 15.38 23.98
N ALA K 134 -17.35 16.54 24.59
CA ALA K 134 -16.55 17.61 23.99
C ALA K 134 -15.11 17.23 23.69
N ASN K 135 -14.54 16.31 24.47
CA ASN K 135 -13.15 15.92 24.26
C ASN K 135 -13.01 14.90 23.13
N LEU K 136 -14.14 14.46 22.58
CA LEU K 136 -14.16 13.40 21.56
C LEU K 136 -14.49 13.90 20.14
N ILE K 137 -14.63 15.22 19.96
CA ILE K 137 -15.05 15.77 18.66
C ILE K 137 -13.88 15.99 17.72
N GLY K 138 -12.75 15.35 18.02
CA GLY K 138 -11.61 15.39 17.13
C GLY K 138 -10.43 14.56 17.61
N THR K 139 -9.27 14.88 17.04
CA THR K 139 -8.00 14.24 17.36
C THR K 139 -6.98 15.35 17.51
N VAL K 140 -6.51 15.56 18.75
CA VAL K 140 -5.67 16.71 19.14
C VAL K 140 -6.48 18.00 19.03
N GLY K 141 -6.81 18.39 17.79
CA GLY K 141 -7.72 19.49 17.55
C GLY K 141 -9.03 19.02 16.95
N TYR K 142 -9.76 19.93 16.32
CA TYR K 142 -11.03 19.59 15.70
C TYR K 142 -11.27 20.44 14.44
N GLU K 143 -12.05 19.90 13.52
CA GLU K 143 -12.53 20.63 12.35
C GLU K 143 -13.73 19.88 11.80
N PHE K 144 -14.90 20.53 11.79
CA PHE K 144 -16.11 19.87 11.35
C PHE K 144 -17.06 20.85 10.68
N ALA K 145 -18.07 20.33 10.01
CA ALA K 145 -19.06 21.17 9.35
C ALA K 145 -20.44 20.57 9.53
N ILE K 146 -21.43 21.45 9.61
CA ILE K 146 -22.81 21.05 9.72
C ILE K 146 -23.62 21.79 8.65
N ASP K 147 -24.40 21.04 7.88
CA ASP K 147 -25.21 21.55 6.79
C ASP K 147 -26.63 21.02 6.91
N ALA K 148 -27.62 21.90 6.85
CA ALA K 148 -28.99 21.45 7.07
C ALA K 148 -30.02 22.45 6.58
N THR K 149 -31.21 21.95 6.27
CA THR K 149 -32.35 22.78 5.94
C THR K 149 -33.54 22.36 6.82
N TYR K 150 -34.20 23.34 7.44
CA TYR K 150 -35.34 23.04 8.31
C TYR K 150 -36.32 24.23 8.33
N ALA K 151 -37.49 24.04 8.90
CA ALA K 151 -38.48 25.11 8.95
C ALA K 151 -38.27 25.96 10.21
N ALA K 152 -38.41 27.28 10.03
CA ALA K 152 -38.18 28.23 11.09
C ALA K 152 -39.50 28.75 11.67
N GLN K 153 -39.42 29.23 12.91
CA GLN K 153 -40.57 29.74 13.64
C GLN K 153 -40.86 31.19 13.29
N PRO L 8 -43.56 33.96 -6.46
CA PRO L 8 -43.31 32.98 -5.40
C PRO L 8 -44.17 33.19 -4.16
N THR L 9 -44.83 32.13 -3.69
CA THR L 9 -45.63 32.22 -2.49
C THR L 9 -45.03 31.36 -1.37
N VAL L 10 -45.42 31.63 -0.14
CA VAL L 10 -45.03 30.78 0.97
C VAL L 10 -46.27 30.31 1.75
N THR L 11 -46.35 29.01 1.95
CA THR L 11 -47.49 28.39 2.61
C THR L 11 -46.97 27.47 3.72
N THR L 12 -47.37 27.73 4.95
CA THR L 12 -46.94 26.91 6.06
C THR L 12 -48.17 26.43 6.81
N ARG L 13 -48.35 25.11 6.89
CA ARG L 13 -49.54 24.54 7.49
C ARG L 13 -49.29 23.30 8.34
N ALA L 14 -49.98 23.22 9.46
CA ALA L 14 -50.01 21.97 10.22
C ALA L 14 -50.77 20.93 9.41
N PHE L 15 -50.50 19.66 9.64
CA PHE L 15 -51.34 18.63 9.05
C PHE L 15 -51.38 17.41 9.95
N LEU L 16 -52.30 16.51 9.63
CA LEU L 16 -52.50 15.31 10.43
C LEU L 16 -52.02 14.09 9.66
N PRO L 17 -50.76 13.66 9.90
CA PRO L 17 -50.27 12.48 9.19
C PRO L 17 -51.12 11.26 9.47
N ARG L 18 -51.35 10.46 8.43
CA ARG L 18 -52.10 9.22 8.55
C ARG L 18 -51.13 8.06 8.37
N LEU L 19 -50.99 7.26 9.44
CA LEU L 19 -50.22 6.04 9.41
C LEU L 19 -51.07 4.91 8.82
N ALA L 20 -50.53 4.20 7.83
CA ALA L 20 -51.25 3.11 7.20
C ALA L 20 -50.29 1.97 6.85
N THR L 21 -50.80 0.74 6.85
CA THR L 21 -50.00 -0.42 6.45
C THR L 21 -50.54 -1.06 5.18
N ALA L 22 -49.72 -1.87 4.52
CA ALA L 22 -50.13 -2.46 3.27
C ALA L 22 -49.41 -3.79 3.03
N ALA L 23 -49.96 -4.60 2.14
CA ALA L 23 -49.48 -5.95 1.89
C ALA L 23 -48.16 -5.95 1.13
N ASP L 24 -47.92 -4.91 0.36
CA ASP L 24 -46.63 -4.74 -0.31
C ASP L 24 -46.37 -3.26 -0.52
N SER L 25 -45.30 -2.91 -1.22
CA SER L 25 -44.91 -1.50 -1.39
C SER L 25 -45.51 -0.86 -2.63
N ILE L 26 -46.43 -1.56 -3.28
CA ILE L 26 -47.00 -1.08 -4.54
C ILE L 26 -48.50 -0.80 -4.47
N THR L 27 -49.22 -1.65 -3.75
CA THR L 27 -50.69 -1.64 -3.77
C THR L 27 -51.30 -0.34 -3.23
N SER L 28 -52.50 0.02 -3.71
CA SER L 28 -53.20 1.18 -3.17
C SER L 28 -54.27 0.75 -2.15
N THR L 29 -54.27 -0.53 -1.83
CA THR L 29 -55.07 -1.04 -0.70
C THR L 29 -54.28 -0.93 0.60
N THR L 30 -54.80 -0.17 1.55
CA THR L 30 -54.10 0.09 2.80
C THR L 30 -55.03 -0.03 4.01
N THR L 31 -54.44 -0.26 5.17
CA THR L 31 -55.20 -0.25 6.43
C THR L 31 -54.73 0.88 7.31
N THR L 32 -55.62 1.84 7.57
CA THR L 32 -55.32 2.98 8.45
C THR L 32 -55.18 2.56 9.91
N ILE L 33 -54.11 3.01 10.54
CA ILE L 33 -53.84 2.69 11.93
C ILE L 33 -54.48 3.74 12.82
N ALA L 34 -55.19 3.28 13.86
CA ALA L 34 -55.80 4.19 14.83
C ALA L 34 -54.73 4.85 15.69
N LEU L 35 -54.71 6.19 15.70
CA LEU L 35 -53.70 6.94 16.42
C LEU L 35 -54.07 7.32 17.84
N ASP L 36 -53.13 7.17 18.77
CA ASP L 36 -53.26 7.78 20.09
C ASP L 36 -53.22 9.31 19.97
N PRO L 37 -53.55 10.01 21.06
CA PRO L 37 -53.37 11.47 21.06
C PRO L 37 -51.91 11.85 20.81
N GLN L 38 -51.69 12.80 19.89
CA GLN L 38 -50.33 13.19 19.51
C GLN L 38 -49.79 14.28 20.43
N THR L 39 -48.46 14.36 20.57
CA THR L 39 -47.83 15.30 21.50
C THR L 39 -46.94 16.34 20.81
N GLU L 40 -46.74 16.19 19.51
CA GLU L 40 -45.89 17.09 18.73
C GLU L 40 -46.55 17.38 17.40
N GLN L 41 -46.63 18.65 17.04
CA GLN L 41 -47.30 19.05 15.81
C GLN L 41 -46.52 18.61 14.57
N SER L 42 -47.23 18.05 13.60
CA SER L 42 -46.64 17.79 12.29
C SER L 42 -47.06 18.91 11.35
N TYR L 43 -46.20 19.28 10.42
CA TYR L 43 -46.45 20.42 9.54
C TYR L 43 -45.64 20.30 8.27
N TRP L 44 -45.99 21.11 7.28
CA TRP L 44 -45.12 21.29 6.11
C TRP L 44 -45.09 22.76 5.73
N THR L 45 -44.06 23.15 4.98
CA THR L 45 -44.01 24.48 4.42
C THR L 45 -43.56 24.40 2.98
N ARG L 46 -44.13 25.25 2.13
CA ARG L 46 -43.69 25.33 0.76
C ARG L 46 -43.43 26.77 0.36
N VAL L 47 -42.26 27.01 -0.19
CA VAL L 47 -41.92 28.32 -0.72
C VAL L 47 -41.39 28.05 -2.13
N GLY L 48 -41.98 28.71 -3.12
CA GLY L 48 -41.69 28.38 -4.50
C GLY L 48 -42.08 26.92 -4.76
N ASP L 49 -41.15 26.13 -5.30
CA ASP L 49 -41.41 24.70 -5.49
C ASP L 49 -40.67 23.86 -4.45
N THR L 50 -40.26 24.49 -3.36
CA THR L 50 -39.42 23.85 -2.34
C THR L 50 -40.20 23.53 -1.05
N ALA L 51 -40.31 22.24 -0.75
CA ALA L 51 -41.14 21.79 0.36
C ALA L 51 -40.30 21.21 1.49
N THR L 52 -40.67 21.56 2.72
CA THR L 52 -40.00 21.01 3.90
C THR L 52 -41.07 20.41 4.80
N ILE L 53 -40.87 19.17 5.22
CA ILE L 53 -41.86 18.49 6.05
C ILE L 53 -41.31 18.11 7.41
N HIS L 54 -42.20 18.10 8.40
CA HIS L 54 -41.86 17.64 9.73
C HIS L 54 -42.97 16.74 10.24
N ILE L 55 -42.65 15.46 10.44
CA ILE L 55 -43.63 14.49 10.88
C ILE L 55 -43.19 13.88 12.19
N HIS L 56 -44.09 13.81 13.17
CA HIS L 56 -43.83 13.10 14.41
C HIS L 56 -45.06 12.26 14.73
N LEU L 57 -44.86 11.01 15.11
CA LEU L 57 -45.98 10.18 15.56
C LEU L 57 -45.58 9.36 16.77
N VAL L 58 -46.50 9.23 17.73
CA VAL L 58 -46.24 8.44 18.92
C VAL L 58 -47.43 7.49 19.12
N GLY L 59 -47.16 6.28 19.59
CA GLY L 59 -48.22 5.32 19.82
C GLY L 59 -47.82 4.31 20.89
N ALA L 60 -48.80 3.85 21.67
CA ALA L 60 -48.53 2.93 22.77
C ALA L 60 -48.43 1.48 22.27
N ALA L 61 -49.09 1.17 21.16
CA ALA L 61 -49.12 -0.20 20.62
C ALA L 61 -48.73 -0.30 19.15
N LEU L 62 -47.76 -1.16 18.85
CA LEU L 62 -47.37 -1.42 17.47
C LEU L 62 -48.52 -1.96 16.65
N PRO L 63 -48.60 -1.55 15.37
CA PRO L 63 -49.55 -2.12 14.42
C PRO L 63 -49.31 -3.61 14.20
N ALA L 64 -50.31 -4.31 13.69
CA ALA L 64 -50.11 -5.71 13.33
C ALA L 64 -49.13 -5.79 12.17
N ALA L 65 -48.40 -6.90 12.11
CA ALA L 65 -47.37 -7.11 11.09
C ALA L 65 -47.90 -6.90 9.67
N ALA L 66 -47.12 -6.18 8.87
CA ALA L 66 -47.39 -5.96 7.45
C ALA L 66 -46.10 -5.49 6.77
N PRO L 67 -45.86 -5.89 5.52
CA PRO L 67 -44.59 -5.59 4.83
C PRO L 67 -44.32 -4.11 4.54
N SER L 68 -45.38 -3.32 4.39
CA SER L 68 -45.24 -1.90 4.06
C SER L 68 -45.85 -1.00 5.14
N THR L 69 -45.10 0.01 5.57
CA THR L 69 -45.54 0.98 6.58
C THR L 69 -45.44 2.38 6.01
N ARG L 70 -46.58 3.07 5.94
CA ARG L 70 -46.70 4.29 5.17
C ARG L 70 -47.25 5.47 5.97
N ILE L 71 -46.83 6.67 5.57
CA ILE L 71 -47.40 7.91 6.07
C ILE L 71 -48.04 8.68 4.91
N TYR L 72 -49.32 9.00 5.04
CA TYR L 72 -50.05 9.77 4.04
C TYR L 72 -50.40 11.14 4.59
N GLY L 73 -50.54 12.13 3.71
CA GLY L 73 -50.93 13.47 4.14
C GLY L 73 -50.94 14.44 2.98
N ASN L 74 -51.33 15.68 3.24
CA ASN L 74 -51.47 16.65 2.16
C ASN L 74 -50.21 17.52 1.99
N PHE L 75 -49.05 17.01 2.39
CA PHE L 75 -47.80 17.72 2.14
C PHE L 75 -47.59 17.81 0.62
N PRO L 76 -46.80 18.80 0.17
CA PRO L 76 -46.66 18.97 -1.28
C PRO L 76 -46.14 17.70 -1.95
N PRO L 77 -46.76 17.28 -3.07
CA PRO L 77 -46.36 16.01 -3.70
C PRO L 77 -45.00 16.12 -4.36
N LEU L 78 -44.11 15.20 -4.02
CA LEU L 78 -42.77 15.12 -4.63
C LEU L 78 -42.81 15.14 -6.14
N ARG L 79 -41.94 15.98 -6.71
CA ARG L 79 -41.69 15.99 -8.15
C ARG L 79 -40.71 14.89 -8.56
N ILE L 80 -41.18 13.89 -9.29
CA ILE L 80 -40.29 12.86 -9.83
C ILE L 80 -40.97 12.13 -10.97
N THR L 81 -40.20 11.74 -11.99
CA THR L 81 -40.76 10.93 -13.06
C THR L 81 -41.33 9.64 -12.49
N PRO L 82 -42.62 9.35 -12.77
CA PRO L 82 -43.19 8.09 -12.30
C PRO L 82 -42.41 6.91 -12.89
N SER L 83 -42.20 5.86 -12.11
CA SER L 83 -41.43 4.73 -12.59
C SER L 83 -42.38 3.56 -12.82
N SER L 84 -41.82 2.41 -13.18
CA SER L 84 -42.61 1.21 -13.47
C SER L 84 -43.57 0.85 -12.35
N ALA L 85 -44.81 0.55 -12.72
CA ALA L 85 -45.83 0.19 -11.74
C ALA L 85 -45.59 -1.20 -11.17
N LEU L 86 -44.58 -1.91 -11.69
CA LEU L 86 -44.28 -3.26 -11.25
C LEU L 86 -43.40 -3.32 -10.00
N ALA L 87 -42.85 -2.18 -9.59
CA ALA L 87 -42.09 -2.10 -8.34
C ALA L 87 -42.48 -0.83 -7.60
N ALA L 88 -41.99 -0.69 -6.36
CA ALA L 88 -42.20 0.54 -5.59
C ALA L 88 -41.81 1.75 -6.43
N GLN L 89 -42.58 2.84 -6.34
CA GLN L 89 -42.23 4.03 -7.10
C GLN L 89 -40.88 4.57 -6.64
N HIS L 90 -40.10 5.09 -7.59
CA HIS L 90 -38.88 5.80 -7.24
C HIS L 90 -39.18 6.99 -6.32
N GLY L 91 -38.36 7.17 -5.30
CA GLY L 91 -38.53 8.28 -4.41
C GLY L 91 -37.22 8.84 -3.92
N VAL L 92 -37.31 9.73 -2.93
CA VAL L 92 -36.14 10.34 -2.32
C VAL L 92 -35.90 9.69 -0.98
N ILE L 93 -34.70 9.14 -0.77
CA ILE L 93 -34.39 8.48 0.49
C ILE L 93 -33.78 9.47 1.46
N VAL L 94 -34.36 9.54 2.66
CA VAL L 94 -33.87 10.40 3.72
C VAL L 94 -33.69 9.61 5.02
N PRO L 95 -32.83 10.10 5.92
CA PRO L 95 -32.73 9.46 7.23
C PRO L 95 -34.01 9.71 8.03
N MET L 96 -34.24 8.98 9.10
CA MET L 96 -35.30 9.37 10.04
C MET L 96 -34.90 9.06 11.48
N GLN L 97 -35.67 9.60 12.43
CA GLN L 97 -35.30 9.51 13.83
C GLN L 97 -36.27 8.64 14.64
N TYR L 98 -35.73 7.80 15.51
CA TYR L 98 -36.54 6.96 16.40
C TYR L 98 -36.29 7.33 17.86
N TYR L 99 -37.38 7.56 18.58
CA TYR L 99 -37.32 7.79 20.01
C TYR L 99 -37.55 6.50 20.79
N VAL L 100 -38.26 5.57 20.15
CA VAL L 100 -38.39 4.21 20.65
C VAL L 100 -37.72 3.25 19.65
N ALA L 101 -36.84 2.38 20.14
CA ALA L 101 -35.98 1.58 19.26
C ALA L 101 -36.76 0.67 18.33
N PRO L 102 -36.43 0.69 17.02
CA PRO L 102 -37.03 -0.26 16.08
C PRO L 102 -36.18 -1.52 15.99
N THR L 103 -36.54 -2.43 15.10
CA THR L 103 -35.71 -3.57 14.72
C THR L 103 -35.30 -3.43 13.26
N LEU L 104 -34.03 -3.07 13.02
CA LEU L 104 -33.52 -2.84 11.68
C LEU L 104 -32.58 -3.97 11.24
N PRO L 105 -32.44 -4.16 9.92
CA PRO L 105 -31.44 -5.13 9.43
C PRO L 105 -30.04 -4.72 9.87
N VAL L 106 -29.17 -5.70 10.10
CA VAL L 106 -27.86 -5.41 10.64
C VAL L 106 -27.08 -4.52 9.66
N GLY L 107 -26.36 -3.54 10.19
CA GLY L 107 -25.58 -2.63 9.38
C GLY L 107 -26.33 -1.47 8.76
N SER L 108 -27.66 -1.47 8.86
CA SER L 108 -28.46 -0.46 8.17
C SER L 108 -28.77 0.75 9.06
N SER L 109 -29.13 1.86 8.42
CA SER L 109 -29.56 3.06 9.13
C SER L 109 -31.07 3.26 8.97
N ALA L 110 -31.68 3.98 9.91
CA ALA L 110 -33.10 4.29 9.82
C ALA L 110 -33.36 5.25 8.67
N ALA L 111 -34.33 4.93 7.82
CA ALA L 111 -34.60 5.75 6.64
C ALA L 111 -36.07 5.83 6.26
N ALA L 112 -36.39 6.77 5.38
CA ALA L 112 -37.71 6.83 4.80
C ALA L 112 -37.61 7.10 3.32
N ARG L 113 -38.50 6.49 2.55
CA ARG L 113 -38.60 6.72 1.12
C ARG L 113 -39.77 7.66 0.86
N ILE L 114 -39.46 8.88 0.45
CA ILE L 114 -40.49 9.84 0.08
C ILE L 114 -40.89 9.64 -1.37
N GLU L 115 -42.15 9.30 -1.58
CA GLU L 115 -42.72 9.16 -2.92
C GLU L 115 -43.79 10.24 -3.13
N THR L 116 -44.21 10.40 -4.37
CA THR L 116 -45.27 11.34 -4.69
C THR L 116 -46.54 10.99 -3.90
N GLY L 117 -46.80 9.70 -3.74
CA GLY L 117 -48.05 9.24 -3.15
C GLY L 117 -48.10 9.12 -1.64
N PHE L 118 -46.94 8.87 -1.03
CA PHE L 118 -46.82 8.67 0.42
C PHE L 118 -45.35 8.54 0.80
N ILE L 119 -45.10 8.42 2.11
CA ILE L 119 -43.75 8.25 2.65
C ILE L 119 -43.67 6.87 3.30
N GLU L 120 -42.69 6.07 2.90
CA GLU L 120 -42.58 4.70 3.42
C GLU L 120 -41.42 4.58 4.39
N LEU L 121 -41.67 3.94 5.53
CA LEU L 121 -40.62 3.71 6.52
C LEU L 121 -39.73 2.54 6.11
N GLY L 122 -38.43 2.65 6.33
CA GLY L 122 -37.55 1.56 5.95
C GLY L 122 -36.15 1.67 6.53
N SER L 123 -35.19 1.04 5.87
CA SER L 123 -33.81 1.06 6.32
C SER L 123 -32.92 1.18 5.10
N LEU L 124 -31.68 1.58 5.34
CA LEU L 124 -30.77 1.97 4.25
C LEU L 124 -29.42 1.31 4.41
N LEU L 125 -28.96 0.64 3.35
CA LEU L 125 -27.69 -0.09 3.36
C LEU L 125 -27.07 -0.03 1.98
N ASN L 126 -25.85 0.46 1.89
CA ASN L 126 -25.15 0.62 0.60
C ASN L 126 -25.98 1.36 -0.45
N GLY L 127 -26.69 2.40 -0.02
CA GLY L 127 -27.49 3.20 -0.91
C GLY L 127 -28.86 2.64 -1.25
N ALA L 128 -29.15 1.41 -0.82
CA ALA L 128 -30.41 0.76 -1.17
C ALA L 128 -31.41 0.84 -0.03
N PHE L 129 -32.64 1.21 -0.35
CA PHE L 129 -33.74 1.29 0.61
C PHE L 129 -34.53 -0.03 0.69
N THR L 130 -34.77 -0.50 1.91
CA THR L 130 -35.59 -1.67 2.18
C THR L 130 -36.76 -1.27 3.09
N PRO L 131 -38.00 -1.59 2.69
CA PRO L 131 -39.16 -1.29 3.55
C PRO L 131 -39.08 -2.03 4.89
N LEU L 132 -39.57 -1.39 5.94
CA LEU L 132 -39.57 -1.98 7.27
C LEU L 132 -40.99 -2.40 7.62
N ALA L 133 -41.15 -3.62 8.14
CA ALA L 133 -42.47 -4.14 8.48
C ALA L 133 -43.07 -3.42 9.69
N ALA L 134 -44.38 -3.28 9.69
CA ALA L 134 -45.07 -2.42 10.66
C ALA L 134 -44.90 -2.85 12.11
N ASN L 135 -44.65 -4.14 12.35
CA ASN L 135 -44.47 -4.62 13.73
C ASN L 135 -43.06 -4.35 14.25
N LEU L 136 -42.20 -3.84 13.37
CA LEU L 136 -40.79 -3.62 13.72
C LEU L 136 -40.42 -2.15 13.88
N ILE L 137 -41.39 -1.25 13.77
CA ILE L 137 -41.11 0.19 13.82
C ILE L 137 -40.99 0.72 15.25
N GLY L 138 -40.80 -0.19 16.19
CA GLY L 138 -40.60 0.20 17.57
C GLY L 138 -40.48 -0.99 18.49
N THR L 139 -40.66 -0.74 19.78
CA THR L 139 -40.60 -1.75 20.83
C THR L 139 -41.84 -1.58 21.71
N VAL L 140 -42.78 -2.53 21.61
CA VAL L 140 -44.09 -2.48 22.28
C VAL L 140 -44.95 -1.38 21.65
N GLY L 141 -44.54 -0.13 21.82
CA GLY L 141 -45.14 0.98 21.11
C GLY L 141 -44.12 1.60 20.15
N TYR L 142 -44.38 2.82 19.72
CA TYR L 142 -43.50 3.48 18.76
C TYR L 142 -43.46 5.00 18.95
N GLU L 143 -42.36 5.62 18.53
CA GLU L 143 -42.27 7.08 18.46
C GLU L 143 -41.14 7.46 17.51
N PHE L 144 -41.49 8.14 16.41
CA PHE L 144 -40.50 8.47 15.41
C PHE L 144 -40.77 9.82 14.75
N ALA L 145 -39.76 10.35 14.09
CA ALA L 145 -39.91 11.60 13.35
C ALA L 145 -39.25 11.51 11.99
N ILE L 146 -39.81 12.23 11.02
CA ILE L 146 -39.27 12.32 9.68
C ILE L 146 -39.13 13.79 9.30
N ASP L 147 -37.94 14.16 8.86
CA ASP L 147 -37.63 15.53 8.48
C ASP L 147 -36.96 15.56 7.11
N ALA L 148 -37.50 16.34 6.17
CA ALA L 148 -36.94 16.36 4.81
C ALA L 148 -37.29 17.61 4.02
N THR L 149 -36.48 17.88 2.99
CA THR L 149 -36.79 18.95 2.05
C THR L 149 -36.63 18.41 0.63
N TYR L 150 -37.58 18.74 -0.24
CA TYR L 150 -37.57 18.20 -1.59
C TYR L 150 -38.39 19.14 -2.48
N ALA L 151 -38.33 18.92 -3.79
CA ALA L 151 -39.04 19.77 -4.74
C ALA L 151 -40.44 19.25 -5.00
N ALA L 152 -41.41 20.15 -5.05
CA ALA L 152 -42.81 19.78 -5.27
C ALA L 152 -43.23 19.95 -6.72
N GLN L 153 -44.22 19.17 -7.13
CA GLN L 153 -44.78 19.26 -8.47
C GLN L 153 -45.42 20.62 -8.70
#